data_3G17
#
_entry.id   3G17
#
_cell.length_a   75.239
_cell.length_b   99.640
_cell.length_c   100.261
_cell.angle_alpha   103.660
_cell.angle_beta   105.230
_cell.angle_gamma   102.260
#
_symmetry.space_group_name_H-M   'P 1'
#
loop_
_entity.id
_entity.type
_entity.pdbx_description
1 polymer 'Similar to 2-dehydropantoate 2-reductase'
2 water water
#
_entity_poly.entity_id   1
_entity_poly.type   'polypeptide(L)'
_entity_poly.pdbx_seq_one_letter_code
;MSLSVAIIGPGAVGTTIAYELQQSLPHTTLIGRHAKTITYYTVPHAPAQDIVVKGYEDVTNTFDVIIIAVKTHQLDAVIP
HLTYLAHEDTLIILAQNGYGQLEHIPFKNVCQAVVYISGQKKGDVVTHFRDYQLRIQDNALTRQFRDLVQDSQIDIVLEA
NIQQAIWYKLLVNLGINSITALGRQTVAIMHNPEIRILCRQLLLDGCRVAQAEGLNFSEQTVDTIMTIYQGYPDEMGTSM
YYDIVHQQPLEVEAIQGFIYRRAREHNLDTPYLDTIYSFLRAYQQNEGHHHHHH
;
_entity_poly.pdbx_strand_id   A,B,C,D,E,F,G,H
#
# COMPACT_ATOMS: atom_id res chain seq x y z
N LEU A 3 -13.46 -22.59 4.15
CA LEU A 3 -12.04 -22.83 3.74
C LEU A 3 -11.05 -21.85 4.38
N SER A 4 -10.25 -22.39 5.30
CA SER A 4 -9.22 -21.68 6.00
C SER A 4 -7.88 -21.91 5.27
N VAL A 5 -6.99 -20.92 5.39
CA VAL A 5 -5.76 -20.84 4.62
C VAL A 5 -4.60 -20.40 5.53
N ALA A 6 -3.54 -21.22 5.59
CA ALA A 6 -2.33 -20.83 6.24
C ALA A 6 -1.19 -20.76 5.22
N ILE A 7 -0.27 -19.83 5.44
CA ILE A 7 0.98 -19.75 4.69
C ILE A 7 2.10 -19.97 5.68
N ILE A 8 2.94 -20.96 5.40
CA ILE A 8 4.07 -21.26 6.24
C ILE A 8 5.33 -20.74 5.59
N GLY A 9 6.04 -19.86 6.28
CA GLY A 9 7.32 -19.34 5.82
C GLY A 9 7.17 -17.88 5.47
N PRO A 10 7.46 -16.99 6.43
CA PRO A 10 7.34 -15.56 6.23
C PRO A 10 8.55 -14.97 5.50
N GLY A 11 8.97 -15.62 4.42
CA GLY A 11 9.99 -15.05 3.54
C GLY A 11 9.32 -14.10 2.58
N ALA A 12 10.02 -13.69 1.52
CA ALA A 12 9.45 -12.74 0.54
C ALA A 12 8.16 -13.22 -0.12
N VAL A 13 8.20 -14.45 -0.63
CA VAL A 13 7.06 -15.05 -1.29
C VAL A 13 5.89 -15.29 -0.34
N GLY A 14 6.17 -15.90 0.82
CA GLY A 14 5.11 -16.22 1.79
C GLY A 14 4.41 -14.99 2.29
N THR A 15 5.19 -13.95 2.57
CA THR A 15 4.67 -12.67 3.07
C THR A 15 3.79 -11.96 2.06
N THR A 16 4.22 -11.95 0.78
CA THR A 16 3.43 -11.36 -0.32
C THR A 16 2.10 -12.09 -0.44
N ILE A 17 2.16 -13.41 -0.44
CA ILE A 17 0.95 -14.20 -0.57
C ILE A 17 0.02 -13.91 0.58
N ALA A 18 0.59 -13.81 1.77
CA ALA A 18 -0.23 -13.56 2.97
C ALA A 18 -0.82 -12.16 2.97
N TYR A 19 0.01 -11.13 2.77
CA TYR A 19 -0.53 -9.78 2.64
C TYR A 19 -1.71 -9.69 1.66
N GLU A 20 -1.48 -10.13 0.43
CA GLU A 20 -2.46 -10.00 -0.64
C GLU A 20 -3.74 -10.78 -0.36
N LEU A 21 -3.63 -11.98 0.17
CA LEU A 21 -4.82 -12.76 0.51
C LEU A 21 -5.58 -12.20 1.71
N GLN A 22 -4.86 -11.57 2.64
CA GLN A 22 -5.45 -11.07 3.88
C GLN A 22 -6.40 -9.90 3.70
N GLN A 23 -6.28 -9.21 2.56
CA GLN A 23 -7.10 -8.04 2.26
C GLN A 23 -8.55 -8.45 2.08
N SER A 24 -8.83 -9.53 1.36
CA SER A 24 -10.22 -10.01 1.20
C SER A 24 -10.49 -11.24 2.08
N LEU A 25 -9.45 -11.86 2.60
CA LEU A 25 -9.59 -13.05 3.44
C LEU A 25 -8.82 -12.88 4.74
N PRO A 26 -9.42 -12.15 5.72
CA PRO A 26 -8.68 -11.68 6.89
C PRO A 26 -8.16 -12.77 7.85
N HIS A 27 -8.77 -13.96 7.85
CA HIS A 27 -8.35 -15.02 8.75
C HIS A 27 -7.13 -15.77 8.24
N THR A 28 -6.73 -15.48 7.00
CA THR A 28 -5.55 -16.08 6.39
C THR A 28 -4.36 -15.88 7.30
N THR A 29 -3.69 -16.97 7.67
CA THR A 29 -2.63 -16.93 8.69
C THR A 29 -1.24 -17.17 8.11
N LEU A 30 -0.33 -16.25 8.41
CA LEU A 30 1.06 -16.42 8.09
C LEU A 30 1.74 -17.08 9.30
N ILE A 31 2.39 -18.22 9.07
CA ILE A 31 3.06 -18.97 10.13
C ILE A 31 4.57 -19.09 9.94
N GLY A 32 5.30 -18.87 11.03
CA GLY A 32 6.73 -19.16 11.06
C GLY A 32 7.14 -19.78 12.38
N ARG A 33 8.43 -19.71 12.70
CA ARG A 33 8.94 -20.25 13.96
C ARG A 33 8.52 -19.50 15.22
N HIS A 34 8.53 -18.17 15.16
CA HIS A 34 8.18 -17.32 16.31
C HIS A 34 7.23 -16.22 15.88
N ALA A 35 6.29 -15.91 16.77
CA ALA A 35 5.38 -14.79 16.54
C ALA A 35 6.19 -13.50 16.42
N LYS A 36 5.78 -12.61 15.51
CA LYS A 36 6.45 -11.32 15.32
C LYS A 36 5.67 -10.44 14.35
N THR A 37 6.14 -9.19 14.21
CA THR A 37 5.62 -8.25 13.21
C THR A 37 6.67 -8.04 12.11
N ILE A 38 6.21 -8.11 10.87
CA ILE A 38 7.02 -7.91 9.70
C ILE A 38 6.60 -6.59 9.00
N THR A 39 7.61 -5.84 8.54
CA THR A 39 7.37 -4.69 7.69
C THR A 39 7.34 -5.15 6.22
N TYR A 40 6.25 -4.82 5.55
CA TYR A 40 6.03 -5.23 4.17
C TYR A 40 5.79 -4.01 3.26
N TYR A 41 6.48 -4.02 2.11
CA TYR A 41 6.33 -3.03 1.06
C TYR A 41 5.84 -3.66 -0.21
N THR A 42 4.65 -3.24 -0.68
CA THR A 42 4.05 -3.80 -1.90
C THR A 42 4.98 -3.59 -3.08
N VAL A 43 5.83 -2.57 -2.98
CA VAL A 43 6.73 -2.17 -4.05
C VAL A 43 7.78 -1.27 -3.40
N PRO A 44 9.02 -1.20 -3.98
CA PRO A 44 9.99 -0.35 -3.27
C PRO A 44 9.49 1.11 -3.13
N HIS A 45 9.71 1.69 -1.94
CA HIS A 45 9.34 3.08 -1.58
C HIS A 45 7.86 3.30 -1.34
N ALA A 46 7.03 2.26 -1.45
CA ALA A 46 5.63 2.39 -1.05
C ALA A 46 5.57 2.56 0.48
N PRO A 47 4.44 3.04 1.01
CA PRO A 47 4.32 3.13 2.47
C PRO A 47 4.39 1.77 3.14
N ALA A 48 5.07 1.75 4.28
CA ALA A 48 5.15 0.58 5.16
C ALA A 48 3.80 0.01 5.57
N GLN A 49 3.69 -1.31 5.51
CA GLN A 49 2.60 -2.03 6.13
C GLN A 49 3.07 -3.15 7.04
N ASP A 50 2.34 -3.31 8.14
CA ASP A 50 2.53 -4.37 9.12
C ASP A 50 1.79 -5.63 8.76
N ILE A 51 2.52 -6.74 8.85
CA ILE A 51 1.91 -8.01 8.78
C ILE A 51 2.43 -8.86 9.96
N VAL A 52 1.47 -9.49 10.63
CA VAL A 52 1.68 -10.32 11.80
C VAL A 52 2.08 -11.73 11.37
N VAL A 53 3.07 -12.29 12.08
CA VAL A 53 3.51 -13.68 11.91
C VAL A 53 3.13 -14.45 13.17
N LYS A 54 2.53 -15.61 12.99
CA LYS A 54 2.18 -16.46 14.13
C LYS A 54 3.16 -17.65 14.22
N GLY A 55 3.64 -17.97 15.43
CA GLY A 55 4.59 -19.09 15.58
C GLY A 55 3.83 -20.41 15.59
N TYR A 56 4.50 -21.50 15.21
CA TYR A 56 3.87 -22.83 15.21
C TYR A 56 3.15 -23.15 16.53
N GLU A 57 3.80 -22.80 17.65
CA GLU A 57 3.28 -23.12 18.99
C GLU A 57 1.93 -22.47 19.20
N ASP A 58 1.72 -21.36 18.48
CA ASP A 58 0.62 -20.43 18.73
C ASP A 58 -0.65 -20.83 18.00
N VAL A 59 -0.52 -21.75 17.06
CA VAL A 59 -1.66 -22.12 16.23
C VAL A 59 -2.58 -23.09 16.96
N THR A 60 -3.87 -22.81 16.93
CA THR A 60 -4.85 -23.65 17.65
C THR A 60 -5.80 -24.45 16.77
N ASN A 61 -5.87 -24.11 15.48
CA ASN A 61 -6.78 -24.78 14.55
C ASN A 61 -6.02 -25.45 13.40
N THR A 62 -6.72 -26.28 12.64
CA THR A 62 -6.17 -26.81 11.39
C THR A 62 -6.65 -25.97 10.24
N PHE A 63 -6.09 -26.20 9.05
CA PHE A 63 -6.39 -25.39 7.86
C PHE A 63 -6.79 -26.25 6.66
N ASP A 64 -7.79 -25.82 5.91
CA ASP A 64 -8.21 -26.50 4.67
C ASP A 64 -7.22 -26.33 3.51
N VAL A 65 -6.35 -25.33 3.59
CA VAL A 65 -5.32 -25.10 2.59
C VAL A 65 -4.05 -24.59 3.25
N ILE A 66 -2.93 -25.24 2.95
CA ILE A 66 -1.64 -24.82 3.45
C ILE A 66 -0.66 -24.53 2.29
N ILE A 67 -0.14 -23.31 2.27
CA ILE A 67 0.88 -22.95 1.30
C ILE A 67 2.23 -22.87 1.98
N ILE A 68 3.15 -23.71 1.54
CA ILE A 68 4.47 -23.76 2.11
C ILE A 68 5.40 -22.91 1.24
N ALA A 69 6.04 -21.92 1.88
CA ALA A 69 6.89 -20.97 1.18
C ALA A 69 8.27 -20.80 1.77
N VAL A 70 8.72 -21.76 2.58
CA VAL A 70 10.11 -21.76 3.04
C VAL A 70 11.07 -22.08 1.88
N LYS A 71 12.37 -21.98 2.12
CA LYS A 71 13.32 -22.49 1.15
C LYS A 71 13.14 -24.01 0.97
N THR A 72 13.42 -24.50 -0.23
CA THR A 72 13.43 -25.92 -0.55
C THR A 72 14.15 -26.77 0.53
N HIS A 73 15.35 -26.34 0.95
CA HIS A 73 16.11 -27.05 2.00
C HIS A 73 15.53 -26.96 3.42
N GLN A 74 14.52 -26.12 3.62
CA GLN A 74 13.88 -25.96 4.92
C GLN A 74 12.58 -26.79 4.95
N LEU A 75 12.26 -27.42 3.83
CA LEU A 75 11.01 -28.18 3.73
C LEU A 75 10.86 -29.27 4.80
N ASP A 76 11.85 -30.14 4.90
CA ASP A 76 11.89 -31.22 5.90
C ASP A 76 11.61 -30.70 7.33
N ALA A 77 12.16 -29.55 7.70
CA ALA A 77 11.90 -28.97 9.05
C ALA A 77 10.43 -28.61 9.27
N VAL A 78 9.75 -28.25 8.20
CA VAL A 78 8.34 -27.90 8.28
C VAL A 78 7.44 -29.10 8.47
N ILE A 79 7.75 -30.20 7.77
CA ILE A 79 6.86 -31.35 7.65
C ILE A 79 6.26 -31.86 8.97
N PRO A 80 7.09 -32.03 10.03
CA PRO A 80 6.51 -32.52 11.29
C PRO A 80 5.39 -31.61 11.87
N HIS A 81 5.42 -30.31 11.60
CA HIS A 81 4.37 -29.43 12.11
C HIS A 81 3.03 -29.65 11.43
N LEU A 82 3.04 -30.19 10.22
CA LEU A 82 1.80 -30.46 9.49
C LEU A 82 0.83 -31.41 10.20
N THR A 83 1.35 -32.23 11.11
CA THR A 83 0.53 -33.07 11.99
C THR A 83 -0.46 -32.23 12.82
N TYR A 84 -0.04 -31.03 13.21
CA TYR A 84 -0.85 -30.15 14.07
C TYR A 84 -1.57 -29.05 13.31
N LEU A 85 -1.25 -28.89 12.02
CA LEU A 85 -1.81 -27.80 11.20
C LEU A 85 -2.78 -28.28 10.14
N ALA A 86 -2.57 -29.50 9.66
CA ALA A 86 -3.33 -30.06 8.57
C ALA A 86 -4.34 -31.06 9.07
N HIS A 87 -5.40 -31.28 8.32
CA HIS A 87 -6.18 -32.50 8.52
C HIS A 87 -6.03 -33.37 7.27
N GLU A 88 -6.81 -34.45 7.15
CA GLU A 88 -6.56 -35.47 6.12
C GLU A 88 -6.74 -34.97 4.68
N ASP A 89 -7.71 -34.10 4.48
CA ASP A 89 -8.06 -33.57 3.16
C ASP A 89 -7.42 -32.22 2.81
N THR A 90 -6.46 -31.79 3.63
CA THR A 90 -5.84 -30.46 3.47
C THR A 90 -5.05 -30.40 2.17
N LEU A 91 -5.37 -29.42 1.32
CA LEU A 91 -4.57 -29.17 0.12
C LEU A 91 -3.26 -28.47 0.49
N ILE A 92 -2.15 -29.12 0.20
CA ILE A 92 -0.84 -28.60 0.49
C ILE A 92 -0.14 -28.14 -0.78
N ILE A 93 0.07 -26.82 -0.86
CA ILE A 93 0.70 -26.22 -2.03
C ILE A 93 2.10 -25.81 -1.67
N LEU A 94 3.05 -26.18 -2.54
CA LEU A 94 4.44 -25.83 -2.34
C LEU A 94 4.76 -24.62 -3.17
N ALA A 95 4.67 -23.45 -2.55
CA ALA A 95 5.08 -22.24 -3.23
C ALA A 95 6.60 -22.15 -3.08
N GLN A 96 7.29 -23.04 -3.82
CA GLN A 96 8.75 -23.22 -3.72
C GLN A 96 9.40 -23.37 -5.08
N ASN A 97 10.66 -23.02 -5.22
CA ASN A 97 11.38 -23.24 -6.47
C ASN A 97 11.61 -24.74 -6.78
N GLY A 98 11.81 -25.03 -8.05
CA GLY A 98 12.22 -26.37 -8.48
C GLY A 98 11.14 -27.43 -8.31
N TYR A 99 11.60 -28.65 -8.09
CA TYR A 99 10.71 -29.73 -7.76
C TYR A 99 11.29 -30.45 -6.55
N GLY A 100 10.65 -30.21 -5.41
CA GLY A 100 11.17 -30.64 -4.11
C GLY A 100 10.85 -32.09 -3.75
N GLN A 101 11.26 -32.43 -2.53
CA GLN A 101 11.07 -33.77 -2.00
C GLN A 101 9.61 -33.96 -1.54
N LEU A 102 8.67 -33.94 -2.50
CA LEU A 102 7.24 -34.13 -2.19
C LEU A 102 7.00 -35.47 -1.52
N GLU A 103 7.73 -36.48 -2.00
CA GLU A 103 7.76 -37.83 -1.42
C GLU A 103 7.63 -37.80 0.10
N HIS A 104 8.26 -36.80 0.72
CA HIS A 104 8.45 -36.74 2.16
C HIS A 104 7.21 -36.28 2.90
N ILE A 105 6.25 -35.74 2.16
CA ILE A 105 5.04 -35.13 2.72
C ILE A 105 3.88 -36.13 2.78
N PRO A 106 3.50 -36.55 4.02
CA PRO A 106 2.53 -37.63 4.23
C PRO A 106 1.05 -37.26 4.13
N PHE A 107 0.65 -36.66 3.01
CA PHE A 107 -0.75 -36.24 2.82
C PHE A 107 -1.27 -36.55 1.41
N LYS A 108 -2.55 -36.89 1.33
CA LYS A 108 -3.30 -37.08 0.07
C LYS A 108 -3.04 -36.01 -0.99
N ASN A 109 -3.28 -34.74 -0.62
CA ASN A 109 -3.39 -33.64 -1.61
C ASN A 109 -2.23 -32.64 -1.61
N VAL A 110 -1.16 -32.99 -2.33
CA VAL A 110 0.08 -32.22 -2.37
C VAL A 110 0.32 -31.71 -3.78
N CYS A 111 0.74 -30.46 -3.89
CA CYS A 111 0.91 -29.81 -5.17
C CYS A 111 2.12 -28.89 -5.19
N GLN A 112 3.06 -29.19 -6.08
CA GLN A 112 4.15 -28.30 -6.42
C GLN A 112 3.56 -27.15 -7.27
N ALA A 113 3.58 -25.93 -6.74
CA ALA A 113 3.23 -24.76 -7.55
C ALA A 113 4.48 -24.29 -8.30
N VAL A 114 4.25 -23.48 -9.34
CA VAL A 114 5.34 -22.74 -9.94
C VAL A 114 5.18 -21.30 -9.56
N VAL A 115 6.22 -20.74 -8.98
CA VAL A 115 6.12 -19.41 -8.36
C VAL A 115 6.69 -18.35 -9.28
N TYR A 116 5.85 -17.37 -9.64
CA TYR A 116 6.32 -16.13 -10.25
C TYR A 116 5.90 -14.94 -9.40
N ILE A 117 6.72 -14.67 -8.39
CA ILE A 117 6.54 -13.59 -7.41
C ILE A 117 7.96 -13.16 -6.99
N SER A 118 8.36 -11.93 -7.28
CA SER A 118 9.70 -11.54 -6.91
C SER A 118 9.73 -10.49 -5.79
N GLY A 119 10.74 -10.58 -4.95
CA GLY A 119 10.93 -9.68 -3.83
C GLY A 119 12.14 -10.13 -3.03
N GLN A 120 12.43 -9.43 -1.94
CA GLN A 120 13.53 -9.76 -1.08
C GLN A 120 13.12 -9.59 0.37
N LYS A 121 13.76 -10.35 1.24
CA LYS A 121 13.63 -10.21 2.67
C LYS A 121 15.00 -9.81 3.23
N LYS A 122 14.99 -8.80 4.10
CA LYS A 122 16.17 -8.32 4.77
C LYS A 122 15.75 -8.10 6.21
N GLY A 123 16.26 -8.93 7.12
CA GLY A 123 15.78 -8.90 8.50
C GLY A 123 14.29 -9.17 8.54
N ASP A 124 13.57 -8.34 9.29
CA ASP A 124 12.13 -8.42 9.38
C ASP A 124 11.43 -7.49 8.35
N VAL A 125 12.17 -7.08 7.32
CA VAL A 125 11.62 -6.24 6.25
C VAL A 125 11.49 -6.99 4.91
N VAL A 126 10.24 -7.12 4.42
CA VAL A 126 9.99 -7.70 3.08
C VAL A 126 9.59 -6.63 2.06
N THR A 127 10.23 -6.67 0.90
CA THR A 127 9.92 -5.75 -0.18
C THR A 127 9.54 -6.58 -1.40
N HIS A 128 8.31 -6.44 -1.85
CA HIS A 128 7.87 -7.07 -3.08
C HIS A 128 8.37 -6.27 -4.28
N PHE A 129 8.75 -6.95 -5.36
CA PHE A 129 9.10 -6.28 -6.59
C PHE A 129 8.00 -6.33 -7.64
N ARG A 130 7.72 -7.52 -8.20
CA ARG A 130 6.74 -7.68 -9.27
C ARG A 130 6.12 -9.07 -9.17
N ASP A 131 4.87 -9.16 -9.62
CA ASP A 131 4.15 -10.42 -9.90
C ASP A 131 3.54 -11.08 -8.70
N TYR A 132 2.41 -11.73 -8.94
CA TYR A 132 1.66 -12.38 -7.87
C TYR A 132 1.16 -13.75 -8.33
N GLN A 133 1.99 -14.46 -9.09
CA GLN A 133 1.46 -15.63 -9.80
C GLN A 133 1.89 -16.99 -9.25
N LEU A 134 0.90 -17.90 -9.19
CA LEU A 134 1.13 -19.29 -8.85
C LEU A 134 0.50 -20.15 -9.92
N ARG A 135 1.28 -21.09 -10.44
CA ARG A 135 0.79 -22.02 -11.45
C ARG A 135 0.75 -23.39 -10.79
N ILE A 136 -0.43 -24.03 -10.83
CA ILE A 136 -0.68 -25.29 -10.11
C ILE A 136 -1.42 -26.32 -10.98
N GLN A 137 -1.27 -27.61 -10.68
CA GLN A 137 -2.11 -28.65 -11.29
C GLN A 137 -3.62 -28.39 -11.13
N ASP A 138 -4.33 -28.45 -12.24
CA ASP A 138 -5.80 -28.42 -12.25
C ASP A 138 -6.38 -29.67 -11.58
N ASN A 139 -7.29 -29.44 -10.62
CA ASN A 139 -8.06 -30.50 -9.94
C ASN A 139 -9.13 -29.78 -9.11
N ALA A 140 -10.08 -30.54 -8.59
CA ALA A 140 -11.21 -29.93 -7.88
C ALA A 140 -10.75 -29.07 -6.68
N LEU A 141 -9.73 -29.54 -5.96
CA LEU A 141 -9.21 -28.78 -4.82
C LEU A 141 -8.57 -27.44 -5.20
N THR A 142 -7.72 -27.44 -6.23
CA THR A 142 -7.06 -26.21 -6.65
C THR A 142 -8.05 -25.24 -7.30
N ARG A 143 -9.06 -25.81 -7.94
CA ARG A 143 -10.11 -25.00 -8.55
C ARG A 143 -10.96 -24.30 -7.49
N GLN A 144 -11.21 -24.99 -6.39
CA GLN A 144 -11.93 -24.44 -5.25
C GLN A 144 -11.11 -23.29 -4.63
N PHE A 145 -9.80 -23.52 -4.53
CA PHE A 145 -8.91 -22.50 -3.99
C PHE A 145 -8.87 -21.25 -4.91
N ARG A 146 -8.75 -21.42 -6.22
CA ARG A 146 -8.78 -20.28 -7.15
C ARG A 146 -9.98 -19.34 -6.97
N ASP A 147 -11.15 -19.93 -6.76
CA ASP A 147 -12.37 -19.15 -6.57
C ASP A 147 -12.36 -18.38 -5.25
N LEU A 148 -11.89 -19.03 -4.19
CA LEU A 148 -11.74 -18.35 -2.90
C LEU A 148 -10.89 -17.08 -3.01
N VAL A 149 -9.84 -17.12 -3.83
CA VAL A 149 -8.92 -15.98 -3.90
C VAL A 149 -9.30 -14.92 -4.97
N GLN A 150 -10.43 -15.11 -5.67
CA GLN A 150 -10.81 -14.22 -6.80
C GLN A 150 -10.87 -12.72 -6.51
N ASP A 151 -11.09 -12.32 -5.27
CA ASP A 151 -11.01 -10.90 -4.92
C ASP A 151 -9.57 -10.38 -4.63
N SER A 152 -8.62 -11.29 -4.50
CA SER A 152 -7.23 -10.90 -4.31
C SER A 152 -6.60 -10.69 -5.70
N GLN A 153 -5.36 -10.19 -5.74
CA GLN A 153 -4.65 -10.20 -7.01
C GLN A 153 -3.65 -11.38 -7.15
N ILE A 154 -3.74 -12.33 -6.25
CA ILE A 154 -2.95 -13.55 -6.39
C ILE A 154 -3.50 -14.34 -7.57
N ASP A 155 -2.65 -14.63 -8.53
CA ASP A 155 -3.11 -15.18 -9.78
C ASP A 155 -2.84 -16.69 -9.85
N ILE A 156 -3.89 -17.44 -9.62
CA ILE A 156 -3.80 -18.90 -9.60
C ILE A 156 -4.09 -19.40 -11.01
N VAL A 157 -3.09 -19.98 -11.66
CA VAL A 157 -3.25 -20.46 -13.03
C VAL A 157 -3.30 -21.98 -12.99
N LEU A 158 -4.44 -22.57 -13.34
CA LEU A 158 -4.54 -24.02 -13.25
C LEU A 158 -4.07 -24.66 -14.57
N GLU A 159 -3.13 -25.59 -14.47
CA GLU A 159 -2.51 -26.13 -15.66
C GLU A 159 -2.99 -27.56 -15.86
N ALA A 160 -3.35 -27.93 -17.10
CA ALA A 160 -3.83 -29.30 -17.37
C ALA A 160 -2.77 -30.33 -16.97
N ASN A 161 -1.52 -30.06 -17.33
CA ASN A 161 -0.40 -30.85 -16.85
C ASN A 161 0.71 -29.94 -16.35
N ILE A 162 0.92 -29.94 -15.02
CA ILE A 162 1.83 -29.00 -14.39
C ILE A 162 3.31 -29.28 -14.70
N GLN A 163 3.61 -30.46 -15.26
CA GLN A 163 5.00 -30.81 -15.49
C GLN A 163 5.70 -29.82 -16.41
N GLN A 164 5.02 -29.40 -17.48
CA GLN A 164 5.64 -28.51 -18.44
C GLN A 164 6.00 -27.16 -17.82
N ALA A 165 5.09 -26.59 -17.04
CA ALA A 165 5.32 -25.33 -16.38
C ALA A 165 6.48 -25.45 -15.41
N ILE A 166 6.57 -26.59 -14.72
CA ILE A 166 7.61 -26.83 -13.73
C ILE A 166 8.97 -26.86 -14.42
N TRP A 167 9.05 -27.57 -15.54
CA TRP A 167 10.29 -27.76 -16.28
C TRP A 167 10.76 -26.47 -16.91
N TYR A 168 9.81 -25.69 -17.42
CA TYR A 168 10.13 -24.41 -18.02
C TYR A 168 10.82 -23.48 -17.00
N LYS A 169 10.24 -23.37 -15.81
CA LYS A 169 10.84 -22.56 -14.76
C LYS A 169 12.13 -23.16 -14.20
N LEU A 170 12.18 -24.50 -14.13
CA LEU A 170 13.45 -25.17 -13.84
C LEU A 170 14.55 -24.63 -14.75
N LEU A 171 14.26 -24.57 -16.04
CA LEU A 171 15.26 -24.17 -17.03
C LEU A 171 15.61 -22.65 -16.97
N VAL A 172 14.61 -21.78 -16.76
CA VAL A 172 14.85 -20.35 -16.56
C VAL A 172 15.82 -20.15 -15.38
N ASN A 173 15.57 -20.84 -14.26
CA ASN A 173 16.52 -20.81 -13.15
C ASN A 173 17.87 -21.44 -13.49
N LEU A 174 17.85 -22.59 -14.18
CA LEU A 174 19.08 -23.33 -14.46
C LEU A 174 20.18 -22.49 -15.07
N GLY A 175 19.85 -21.73 -16.11
CA GLY A 175 20.84 -20.92 -16.81
C GLY A 175 21.35 -19.76 -15.96
N ILE A 176 20.51 -18.75 -15.72
CA ILE A 176 20.95 -17.55 -15.00
C ILE A 176 21.38 -17.76 -13.53
N ASN A 177 20.62 -18.54 -12.73
CA ASN A 177 21.03 -18.82 -11.34
C ASN A 177 22.38 -19.48 -11.22
N SER A 178 22.64 -20.44 -12.10
CA SER A 178 23.91 -21.15 -12.11
C SER A 178 25.04 -20.21 -12.46
N ILE A 179 24.83 -19.35 -13.44
CA ILE A 179 25.93 -18.52 -13.93
C ILE A 179 26.26 -17.42 -12.92
N THR A 180 25.24 -16.72 -12.44
CA THR A 180 25.44 -15.68 -11.43
C THR A 180 25.99 -16.22 -10.09
N ALA A 181 25.46 -17.34 -9.62
CA ALA A 181 25.98 -17.90 -8.37
C ALA A 181 27.42 -18.38 -8.48
N LEU A 182 27.74 -19.18 -9.49
CA LEU A 182 29.12 -19.69 -9.63
C LEU A 182 30.08 -18.59 -10.03
N GLY A 183 29.58 -17.64 -10.83
CA GLY A 183 30.35 -16.45 -11.16
C GLY A 183 30.50 -15.44 -10.02
N ARG A 184 29.68 -15.55 -8.96
CA ARG A 184 29.63 -14.53 -7.87
C ARG A 184 29.37 -13.16 -8.44
N GLN A 185 28.52 -13.07 -9.44
CA GLN A 185 28.34 -11.80 -10.12
C GLN A 185 26.89 -11.64 -10.39
N THR A 186 26.49 -10.39 -10.54
CA THR A 186 25.17 -10.02 -11.03
C THR A 186 25.05 -10.41 -12.52
N VAL A 187 23.89 -10.10 -13.09
CA VAL A 187 23.61 -10.37 -14.51
C VAL A 187 24.63 -9.76 -15.49
N ALA A 188 25.39 -8.77 -15.01
CA ALA A 188 26.45 -8.10 -15.77
C ALA A 188 27.39 -9.14 -16.34
N ILE A 189 27.53 -10.28 -15.65
CA ILE A 189 28.42 -11.37 -16.10
C ILE A 189 28.08 -11.83 -17.53
N MET A 190 26.81 -11.68 -17.92
CA MET A 190 26.37 -12.05 -19.27
C MET A 190 27.01 -11.21 -20.40
N HIS A 191 27.75 -10.16 -20.05
CA HIS A 191 28.51 -9.41 -21.06
C HIS A 191 29.61 -10.23 -21.73
N ASN A 192 30.13 -11.25 -21.03
CA ASN A 192 31.18 -12.12 -21.54
C ASN A 192 30.61 -13.08 -22.57
N PRO A 193 31.12 -13.05 -23.83
CA PRO A 193 30.48 -13.95 -24.81
C PRO A 193 30.59 -15.43 -24.43
N GLU A 194 31.65 -15.79 -23.72
CA GLU A 194 31.86 -17.20 -23.33
C GLU A 194 30.82 -17.62 -22.29
N ILE A 195 30.46 -16.69 -21.41
CA ILE A 195 29.36 -16.89 -20.47
C ILE A 195 28.03 -17.12 -21.16
N ARG A 196 27.76 -16.35 -22.22
CA ARG A 196 26.48 -16.52 -22.92
C ARG A 196 26.44 -17.88 -23.61
N ILE A 197 27.57 -18.30 -24.16
CA ILE A 197 27.64 -19.59 -24.83
C ILE A 197 27.40 -20.73 -23.81
N LEU A 198 28.10 -20.66 -22.68
CA LEU A 198 27.89 -21.57 -21.57
C LEU A 198 26.43 -21.60 -21.15
N CYS A 199 25.83 -20.41 -21.03
CA CYS A 199 24.45 -20.29 -20.62
C CYS A 199 23.52 -21.01 -21.58
N ARG A 200 23.73 -20.77 -22.88
CA ARG A 200 23.02 -21.50 -23.91
C ARG A 200 23.27 -23.02 -23.82
N GLN A 201 24.51 -23.45 -23.69
CA GLN A 201 24.80 -24.89 -23.59
C GLN A 201 24.16 -25.55 -22.36
N LEU A 202 24.17 -24.80 -21.26
CA LEU A 202 23.58 -25.28 -20.03
C LEU A 202 22.10 -25.50 -20.22
N LEU A 203 21.42 -24.57 -20.87
CA LEU A 203 20.00 -24.78 -21.14
C LEU A 203 19.72 -25.95 -22.10
N LEU A 204 20.60 -26.19 -23.07
CA LEU A 204 20.43 -27.35 -23.99
C LEU A 204 20.57 -28.65 -23.18
N ASP A 205 21.52 -28.70 -22.27
CA ASP A 205 21.62 -29.85 -21.37
C ASP A 205 20.26 -30.07 -20.68
N GLY A 206 19.71 -29.03 -20.05
CA GLY A 206 18.44 -29.13 -19.34
C GLY A 206 17.32 -29.52 -20.29
N CYS A 207 17.36 -28.94 -21.48
CA CYS A 207 16.44 -29.26 -22.53
C CYS A 207 16.43 -30.77 -22.87
N ARG A 208 17.62 -31.37 -22.98
CA ARG A 208 17.72 -32.80 -23.27
C ARG A 208 17.16 -33.66 -22.15
N VAL A 209 17.29 -33.20 -20.90
CA VAL A 209 16.67 -33.92 -19.79
C VAL A 209 15.15 -33.79 -19.87
N ALA A 210 14.63 -32.59 -20.16
CA ALA A 210 13.20 -32.40 -20.26
C ALA A 210 12.56 -33.33 -21.30
N GLN A 211 13.17 -33.40 -22.49
CA GLN A 211 12.79 -34.35 -23.54
C GLN A 211 12.74 -35.79 -23.06
N ALA A 212 13.82 -36.26 -22.45
CA ALA A 212 13.85 -37.61 -21.91
C ALA A 212 12.70 -37.82 -20.93
N GLU A 213 12.22 -36.75 -20.29
CA GLU A 213 11.09 -36.82 -19.34
C GLU A 213 9.72 -36.73 -20.01
N GLY A 214 9.69 -36.48 -21.32
CA GLY A 214 8.43 -36.54 -22.08
C GLY A 214 7.96 -35.27 -22.76
N LEU A 215 8.74 -34.20 -22.64
CA LEU A 215 8.28 -32.88 -23.05
C LEU A 215 8.92 -32.42 -24.34
N ASN A 216 8.18 -31.65 -25.14
CA ASN A 216 8.72 -31.14 -26.40
C ASN A 216 9.34 -29.75 -26.24
N PHE A 217 10.37 -29.64 -25.39
CA PHE A 217 11.17 -28.44 -25.34
C PHE A 217 12.16 -28.51 -26.49
N SER A 218 12.48 -27.37 -27.11
CA SER A 218 13.35 -27.35 -28.28
C SER A 218 14.40 -26.25 -28.20
N GLU A 219 15.30 -26.23 -29.17
CA GLU A 219 16.24 -25.12 -29.35
C GLU A 219 15.50 -23.78 -29.29
N GLN A 220 14.25 -23.78 -29.76
CA GLN A 220 13.40 -22.58 -29.77
C GLN A 220 13.03 -22.19 -28.33
N THR A 221 12.82 -23.19 -27.50
CA THR A 221 12.54 -22.93 -26.09
C THR A 221 13.75 -22.25 -25.49
N VAL A 222 14.92 -22.80 -25.79
CA VAL A 222 16.17 -22.20 -25.35
C VAL A 222 16.25 -20.73 -25.77
N ASP A 223 15.92 -20.43 -27.02
CA ASP A 223 15.92 -19.03 -27.50
C ASP A 223 15.04 -18.09 -26.70
N THR A 224 13.83 -18.54 -26.36
CA THR A 224 12.90 -17.71 -25.59
C THR A 224 13.49 -17.43 -24.21
N ILE A 225 14.18 -18.42 -23.62
CA ILE A 225 14.82 -18.20 -22.33
C ILE A 225 15.98 -17.22 -22.44
N MET A 226 16.83 -17.38 -23.45
CA MET A 226 17.93 -16.45 -23.61
C MET A 226 17.38 -15.03 -23.83
N THR A 227 16.25 -14.94 -24.52
CA THR A 227 15.58 -13.64 -24.71
C THR A 227 15.02 -13.08 -23.39
N ILE A 228 14.51 -13.93 -22.50
CA ILE A 228 14.08 -13.46 -21.17
C ILE A 228 15.26 -12.80 -20.46
N TYR A 229 16.43 -13.42 -20.61
CA TYR A 229 17.64 -12.97 -19.92
C TYR A 229 18.13 -11.60 -20.36
N GLN A 230 18.09 -11.36 -21.66
CA GLN A 230 18.50 -10.06 -22.21
C GLN A 230 17.69 -8.92 -21.61
N GLY A 231 16.47 -9.20 -21.19
CA GLY A 231 15.61 -8.20 -20.56
C GLY A 231 16.00 -7.87 -19.15
N TYR A 232 16.89 -8.67 -18.56
CA TYR A 232 17.32 -8.40 -17.18
C TYR A 232 18.30 -7.24 -17.14
N PRO A 233 18.19 -6.38 -16.10
CA PRO A 233 19.20 -5.33 -15.99
C PRO A 233 20.54 -5.83 -15.41
N ASP A 234 21.63 -5.15 -15.73
CA ASP A 234 22.96 -5.58 -15.34
C ASP A 234 23.18 -5.84 -13.86
N GLU A 235 22.64 -4.96 -13.01
CA GLU A 235 22.83 -5.04 -11.58
C GLU A 235 21.87 -6.05 -10.90
N MET A 236 21.01 -6.72 -11.66
CA MET A 236 20.13 -7.70 -11.06
C MET A 236 20.94 -8.90 -10.60
N GLY A 237 20.70 -9.29 -9.36
CA GLY A 237 21.18 -10.58 -8.86
C GLY A 237 20.10 -11.65 -9.02
N THR A 238 20.38 -12.85 -8.51
CA THR A 238 19.41 -13.95 -8.50
C THR A 238 19.38 -14.44 -7.06
N SER A 239 18.35 -15.21 -6.69
CA SER A 239 18.26 -15.72 -5.32
C SER A 239 19.48 -16.53 -4.94
N MET A 240 19.92 -17.44 -5.82
CA MET A 240 21.08 -18.33 -5.57
C MET A 240 22.40 -17.54 -5.52
N TYR A 241 22.46 -16.48 -6.32
CA TYR A 241 23.60 -15.55 -6.22
C TYR A 241 23.61 -14.91 -4.84
N TYR A 242 22.45 -14.41 -4.39
CA TYR A 242 22.34 -13.79 -3.07
C TYR A 242 22.73 -14.75 -1.97
N ASP A 243 22.16 -15.95 -2.02
CA ASP A 243 22.51 -17.01 -1.08
C ASP A 243 24.01 -17.28 -0.96
N ILE A 244 24.69 -17.42 -2.09
CA ILE A 244 26.11 -17.78 -2.13
C ILE A 244 26.98 -16.65 -1.57
N VAL A 245 26.59 -15.41 -1.89
CA VAL A 245 27.28 -14.21 -1.43
C VAL A 245 27.14 -13.98 0.09
N HIS A 246 25.99 -14.34 0.65
CA HIS A 246 25.76 -14.18 2.09
C HIS A 246 26.07 -15.47 2.86
N GLN A 247 26.75 -16.39 2.19
CA GLN A 247 27.24 -17.64 2.77
C GLN A 247 26.16 -18.54 3.37
N GLN A 248 24.97 -18.54 2.75
CA GLN A 248 23.83 -19.37 3.15
C GLN A 248 23.75 -20.66 2.32
N PRO A 249 22.93 -21.65 2.76
CA PRO A 249 22.64 -22.84 1.94
C PRO A 249 21.94 -22.44 0.66
N LEU A 250 22.01 -23.30 -0.35
CA LEU A 250 21.42 -23.07 -1.65
C LEU A 250 20.21 -23.96 -1.84
N GLU A 251 19.35 -23.58 -2.78
CA GLU A 251 18.22 -24.42 -3.18
C GLU A 251 18.64 -25.41 -4.29
N VAL A 252 19.92 -25.78 -4.29
CA VAL A 252 20.50 -26.54 -5.39
C VAL A 252 19.84 -27.90 -5.63
N GLU A 253 19.55 -28.62 -4.55
CA GLU A 253 19.01 -29.98 -4.66
C GLU A 253 17.69 -30.09 -5.39
N ALA A 254 16.88 -29.03 -5.32
CA ALA A 254 15.55 -29.05 -5.89
C ALA A 254 15.55 -28.48 -7.31
N ILE A 255 16.69 -27.92 -7.70
CA ILE A 255 16.82 -27.30 -8.99
C ILE A 255 17.85 -28.05 -9.84
N GLN A 256 19.11 -27.60 -9.82
CA GLN A 256 20.18 -28.23 -10.56
C GLN A 256 20.31 -29.70 -10.18
N GLY A 257 20.24 -30.00 -8.89
CA GLY A 257 20.30 -31.37 -8.36
C GLY A 257 19.21 -32.25 -8.95
N PHE A 258 18.00 -31.72 -9.02
CA PHE A 258 16.87 -32.43 -9.58
C PHE A 258 17.07 -32.75 -11.07
N ILE A 259 17.53 -31.77 -11.83
CA ILE A 259 17.82 -32.00 -13.24
C ILE A 259 18.97 -33.02 -13.41
N TYR A 260 20.00 -32.88 -12.58
CA TYR A 260 21.13 -33.80 -12.62
C TYR A 260 20.68 -35.26 -12.38
N ARG A 261 19.87 -35.49 -11.34
CA ARG A 261 19.40 -36.84 -10.99
C ARG A 261 18.56 -37.49 -12.09
N ARG A 262 17.77 -36.68 -12.77
CA ARG A 262 16.98 -37.15 -13.87
C ARG A 262 17.87 -37.42 -15.09
N ALA A 263 18.99 -36.71 -15.17
CA ALA A 263 19.99 -36.96 -16.22
C ALA A 263 20.64 -38.34 -16.08
N ARG A 264 21.07 -38.69 -14.87
CA ARG A 264 21.72 -39.98 -14.61
C ARG A 264 20.71 -41.14 -14.78
N GLU A 265 19.46 -40.91 -14.37
CA GLU A 265 18.41 -41.88 -14.49
C GLU A 265 18.20 -42.28 -15.95
N HIS A 266 18.12 -41.30 -16.85
CA HIS A 266 17.99 -41.55 -18.28
C HIS A 266 19.32 -41.80 -18.97
N ASN A 267 20.36 -41.93 -18.15
CA ASN A 267 21.73 -42.12 -18.60
C ASN A 267 22.22 -41.19 -19.71
N LEU A 268 22.01 -39.89 -19.50
CA LEU A 268 22.30 -38.91 -20.51
C LEU A 268 23.69 -38.30 -20.34
N ASP A 269 24.10 -37.60 -21.38
CA ASP A 269 25.38 -36.95 -21.43
C ASP A 269 25.15 -35.45 -21.26
N THR A 270 25.46 -34.93 -20.08
CA THR A 270 25.18 -33.52 -19.74
C THR A 270 26.40 -32.84 -19.08
N PRO A 271 27.47 -32.58 -19.86
CA PRO A 271 28.71 -32.08 -19.29
C PRO A 271 28.59 -30.71 -18.60
N TYR A 272 27.80 -29.79 -19.13
CA TYR A 272 27.72 -28.46 -18.56
C TYR A 272 26.93 -28.47 -17.27
N LEU A 273 25.82 -29.20 -17.28
CA LEU A 273 24.99 -29.42 -16.12
C LEU A 273 25.79 -30.11 -15.02
N ASP A 274 26.53 -31.16 -15.38
CA ASP A 274 27.36 -31.85 -14.39
C ASP A 274 28.39 -30.92 -13.78
N THR A 275 29.10 -30.14 -14.59
CA THR A 275 30.13 -29.32 -13.96
C THR A 275 29.52 -28.24 -13.02
N ILE A 276 28.45 -27.58 -13.49
CA ILE A 276 27.77 -26.59 -12.67
C ILE A 276 27.27 -27.26 -11.39
N TYR A 277 26.61 -28.41 -11.51
CA TYR A 277 26.06 -29.07 -10.34
C TYR A 277 27.15 -29.43 -9.35
N SER A 278 28.28 -29.97 -9.82
CA SER A 278 29.36 -30.30 -8.87
C SER A 278 29.99 -29.11 -8.09
N PHE A 279 30.18 -27.96 -8.73
CA PHE A 279 30.62 -26.80 -7.93
C PHE A 279 29.57 -26.36 -6.87
N LEU A 280 28.31 -26.43 -7.27
CA LEU A 280 27.21 -26.05 -6.40
C LEU A 280 27.13 -26.95 -5.17
N ARG A 281 27.16 -28.24 -5.44
CA ARG A 281 27.17 -29.28 -4.43
C ARG A 281 28.36 -29.15 -3.51
N ALA A 282 29.53 -28.85 -4.08
CA ALA A 282 30.72 -28.68 -3.26
C ALA A 282 30.58 -27.48 -2.34
N TYR A 283 29.92 -26.42 -2.83
CA TYR A 283 29.60 -25.29 -1.98
C TYR A 283 28.69 -25.71 -0.81
N GLN A 284 27.59 -26.40 -1.11
CA GLN A 284 26.72 -26.92 -0.07
C GLN A 284 27.46 -27.68 1.01
N GLN A 285 28.31 -28.62 0.61
CA GLN A 285 29.03 -29.45 1.56
C GLN A 285 29.98 -28.68 2.47
N ASN A 286 30.49 -27.54 1.99
CA ASN A 286 31.37 -26.75 2.81
C ASN A 286 30.57 -25.86 3.76
N GLU A 287 29.53 -25.25 3.22
CA GLU A 287 28.65 -24.39 3.99
C GLU A 287 28.09 -25.17 5.17
N GLY A 288 27.79 -26.45 4.95
CA GLY A 288 27.20 -27.33 5.98
C GLY A 288 28.17 -27.75 7.09
N LEU B 3 14.41 12.41 -17.62
CA LEU B 3 13.13 12.08 -18.32
C LEU B 3 11.87 12.40 -17.45
N SER B 4 11.02 13.30 -17.94
CA SER B 4 9.84 13.68 -17.19
C SER B 4 8.63 12.86 -17.70
N VAL B 5 7.66 12.58 -16.84
CA VAL B 5 6.53 11.69 -17.20
C VAL B 5 5.18 12.26 -16.71
N ALA B 6 4.20 12.35 -17.60
CA ALA B 6 2.86 12.78 -17.27
C ALA B 6 1.90 11.68 -17.67
N ILE B 7 0.86 11.49 -16.86
CA ILE B 7 -0.24 10.65 -17.21
C ILE B 7 -1.49 11.54 -17.31
N ILE B 8 -2.20 11.46 -18.41
CA ILE B 8 -3.42 12.24 -18.55
C ILE B 8 -4.61 11.28 -18.50
N GLY B 9 -5.61 11.61 -17.68
CA GLY B 9 -6.77 10.77 -17.43
C GLY B 9 -6.63 10.05 -16.09
N PRO B 10 -7.14 10.66 -15.01
CA PRO B 10 -7.16 9.99 -13.70
C PRO B 10 -8.30 8.97 -13.53
N GLY B 11 -8.47 8.10 -14.51
CA GLY B 11 -9.37 6.95 -14.40
C GLY B 11 -8.62 5.80 -13.75
N ALA B 12 -9.17 4.60 -13.91
CA ALA B 12 -8.61 3.44 -13.24
C ALA B 12 -7.19 3.11 -13.73
N VAL B 13 -7.02 2.99 -15.04
CA VAL B 13 -5.72 2.71 -15.66
C VAL B 13 -4.68 3.82 -15.36
N GLY B 14 -5.12 5.06 -15.55
CA GLY B 14 -4.26 6.22 -15.39
C GLY B 14 -3.81 6.43 -13.97
N THR B 15 -4.73 6.29 -13.01
CA THR B 15 -4.37 6.45 -11.60
C THR B 15 -3.47 5.29 -11.11
N THR B 16 -3.74 4.07 -11.54
CA THR B 16 -2.85 2.93 -11.26
C THR B 16 -1.43 3.18 -11.71
N ILE B 17 -1.26 3.58 -12.97
CA ILE B 17 0.05 3.84 -13.55
C ILE B 17 0.73 4.98 -12.80
N ALA B 18 -0.02 6.04 -12.51
CA ALA B 18 0.55 7.19 -11.77
C ALA B 18 1.00 6.76 -10.39
N TYR B 19 0.13 6.10 -9.64
CA TYR B 19 0.52 5.65 -8.29
C TYR B 19 1.76 4.75 -8.31
N GLU B 20 1.76 3.75 -9.18
CA GLU B 20 2.84 2.77 -9.19
C GLU B 20 4.15 3.42 -9.60
N LEU B 21 4.11 4.35 -10.54
CA LEU B 21 5.35 5.01 -11.02
C LEU B 21 5.90 6.02 -10.01
N GLN B 22 5.00 6.67 -9.29
CA GLN B 22 5.36 7.71 -8.33
C GLN B 22 6.16 7.21 -7.14
N GLN B 23 6.11 5.91 -6.88
CA GLN B 23 6.80 5.39 -5.71
C GLN B 23 8.31 5.61 -5.85
N SER B 24 8.88 5.22 -6.99
CA SER B 24 10.29 5.45 -7.29
C SER B 24 10.55 6.65 -8.21
N LEU B 25 9.49 7.23 -8.77
CA LEU B 25 9.57 8.43 -9.64
C LEU B 25 8.58 9.54 -9.21
N PRO B 26 8.83 10.21 -8.07
CA PRO B 26 7.84 11.13 -7.47
C PRO B 26 7.42 12.36 -8.28
N HIS B 27 8.21 12.76 -9.29
CA HIS B 27 7.81 13.87 -10.17
C HIS B 27 6.78 13.46 -11.23
N THR B 28 6.54 12.16 -11.39
CA THR B 28 5.52 11.67 -12.31
C THR B 28 4.21 12.41 -12.00
N THR B 29 3.61 13.00 -13.03
CA THR B 29 2.45 13.86 -12.80
C THR B 29 1.18 13.26 -13.36
N LEU B 30 0.16 13.18 -12.52
CA LEU B 30 -1.17 12.78 -12.95
C LEU B 30 -2.03 14.01 -13.31
N ILE B 31 -2.54 14.04 -14.54
CA ILE B 31 -3.18 15.27 -15.06
C ILE B 31 -4.62 15.01 -15.39
N GLY B 32 -5.49 15.90 -14.96
CA GLY B 32 -6.95 15.80 -15.27
C GLY B 32 -7.52 17.18 -15.61
N ARG B 33 -8.83 17.32 -15.79
CA ARG B 33 -9.35 18.68 -16.03
C ARG B 33 -9.14 19.65 -14.85
N HIS B 34 -9.21 19.17 -13.62
CA HIS B 34 -9.14 20.02 -12.42
C HIS B 34 -8.27 19.43 -11.30
N ALA B 35 -7.53 20.29 -10.59
CA ALA B 35 -6.82 19.88 -9.39
C ALA B 35 -7.76 19.28 -8.33
N LYS B 36 -7.34 18.16 -7.72
CA LYS B 36 -8.00 17.58 -6.55
C LYS B 36 -7.23 16.34 -6.00
N THR B 37 -7.86 15.64 -5.06
CA THR B 37 -7.29 14.49 -4.41
C THR B 37 -8.21 13.30 -4.68
N ILE B 38 -7.62 12.21 -5.15
CA ILE B 38 -8.34 11.00 -5.44
C ILE B 38 -7.97 9.91 -4.40
N THR B 39 -8.90 9.02 -4.11
CA THR B 39 -8.57 7.89 -3.27
C THR B 39 -8.27 6.68 -4.15
N TYR B 40 -7.15 6.03 -3.85
CA TYR B 40 -6.66 4.89 -4.60
C TYR B 40 -6.51 3.67 -3.70
N TYR B 41 -7.03 2.53 -4.18
CA TYR B 41 -6.78 1.24 -3.53
C TYR B 41 -6.00 0.29 -4.41
N THR B 42 -4.79 -0.11 -3.98
CA THR B 42 -3.96 -1.09 -4.74
C THR B 42 -4.73 -2.36 -5.05
N VAL B 43 -5.68 -2.69 -4.17
CA VAL B 43 -6.51 -3.86 -4.32
C VAL B 43 -7.73 -3.63 -3.41
N PRO B 44 -8.88 -4.28 -3.68
CA PRO B 44 -10.02 -4.07 -2.75
C PRO B 44 -9.70 -4.38 -1.28
N HIS B 45 -10.15 -3.50 -0.40
CA HIS B 45 -10.01 -3.60 1.09
C HIS B 45 -8.61 -3.29 1.61
N ALA B 46 -7.67 -2.94 0.73
CA ALA B 46 -6.37 -2.48 1.20
C ALA B 46 -6.54 -1.09 1.81
N PRO B 47 -5.58 -0.63 2.61
CA PRO B 47 -5.69 0.73 3.14
C PRO B 47 -5.68 1.78 2.03
N ALA B 48 -6.57 2.77 2.14
CA ALA B 48 -6.68 3.86 1.19
C ALA B 48 -5.39 4.63 1.11
N GLN B 49 -5.08 5.12 -0.09
CA GLN B 49 -4.03 6.08 -0.30
C GLN B 49 -4.54 7.22 -1.19
N ASP B 50 -4.19 8.42 -0.81
CA ASP B 50 -4.49 9.63 -1.55
C ASP B 50 -3.53 9.79 -2.71
N ILE B 51 -4.06 10.14 -3.87
CA ILE B 51 -3.21 10.55 -4.95
C ILE B 51 -3.72 11.86 -5.57
N VAL B 52 -2.77 12.77 -5.77
CA VAL B 52 -3.03 14.11 -6.23
C VAL B 52 -3.21 14.18 -7.76
N VAL B 53 -4.18 14.99 -8.19
CA VAL B 53 -4.49 15.25 -9.60
C VAL B 53 -4.25 16.73 -9.87
N LYS B 54 -3.56 16.99 -10.97
CA LYS B 54 -3.17 18.33 -11.34
C LYS B 54 -4.02 18.71 -12.55
N GLY B 55 -4.63 19.89 -12.53
CA GLY B 55 -5.50 20.29 -13.66
C GLY B 55 -4.63 20.81 -14.81
N TYR B 56 -5.18 20.78 -16.02
CA TYR B 56 -4.48 21.42 -17.16
C TYR B 56 -3.96 22.82 -16.86
N GLU B 57 -4.77 23.64 -16.22
CA GLU B 57 -4.41 25.03 -15.99
C GLU B 57 -3.15 25.14 -15.14
N ASP B 58 -2.90 24.12 -14.31
CA ASP B 58 -1.85 24.14 -13.28
C ASP B 58 -0.46 23.77 -13.79
N VAL B 59 -0.41 23.11 -14.94
CA VAL B 59 0.86 22.56 -15.46
C VAL B 59 1.51 23.59 -16.36
N THR B 60 2.77 23.88 -16.14
CA THR B 60 3.49 24.90 -16.90
C THR B 60 4.80 24.36 -17.42
N ASN B 61 4.92 23.04 -17.49
CA ASN B 61 6.09 22.40 -18.05
C ASN B 61 5.69 21.42 -19.13
N THR B 62 6.65 20.98 -19.92
CA THR B 62 6.39 19.93 -20.87
C THR B 62 7.03 18.66 -20.34
N PHE B 63 6.67 17.54 -20.99
CA PHE B 63 7.12 16.24 -20.58
C PHE B 63 7.73 15.46 -21.74
N ASP B 64 8.76 14.69 -21.42
CA ASP B 64 9.40 13.74 -22.33
C ASP B 64 8.51 12.54 -22.65
N VAL B 65 7.75 12.10 -21.65
CA VAL B 65 6.84 10.99 -21.83
C VAL B 65 5.46 11.38 -21.34
N ILE B 66 4.45 11.13 -22.17
CA ILE B 66 3.06 11.38 -21.82
C ILE B 66 2.22 10.12 -22.06
N ILE B 67 1.63 9.60 -21.01
CA ILE B 67 0.76 8.45 -21.19
C ILE B 67 -0.66 8.98 -21.16
N ILE B 68 -1.38 8.77 -22.26
CA ILE B 68 -2.78 9.16 -22.32
C ILE B 68 -3.62 7.98 -21.91
N ALA B 69 -4.39 8.14 -20.84
CA ALA B 69 -5.24 7.05 -20.37
C ALA B 69 -6.73 7.42 -20.24
N VAL B 70 -7.24 8.24 -21.14
CA VAL B 70 -8.67 8.53 -21.10
C VAL B 70 -9.41 7.45 -21.88
N LYS B 71 -10.75 7.52 -21.86
CA LYS B 71 -11.52 6.63 -22.67
C LYS B 71 -11.18 6.95 -24.14
N THR B 72 -11.28 5.91 -24.97
CA THR B 72 -11.19 5.98 -26.43
C THR B 72 -11.91 7.18 -27.12
N HIS B 73 -13.16 7.40 -26.78
CA HIS B 73 -13.94 8.52 -27.31
C HIS B 73 -13.57 9.88 -26.71
N GLN B 74 -12.64 9.91 -25.75
CA GLN B 74 -12.18 11.17 -25.15
C GLN B 74 -10.83 11.68 -25.69
N LEU B 75 -10.18 10.90 -26.55
CA LEU B 75 -8.89 11.28 -27.13
C LEU B 75 -8.88 12.69 -27.78
N ASP B 76 -9.80 12.90 -28.72
CA ASP B 76 -9.86 14.20 -29.43
C ASP B 76 -9.96 15.40 -28.48
N ALA B 77 -10.59 15.20 -27.32
CA ALA B 77 -10.71 16.25 -26.32
C ALA B 77 -9.38 16.50 -25.61
N VAL B 78 -8.52 15.49 -25.58
CA VAL B 78 -7.19 15.62 -24.99
C VAL B 78 -6.18 16.21 -25.97
N ILE B 79 -6.25 15.80 -27.22
CA ILE B 79 -5.24 16.14 -28.25
C ILE B 79 -4.80 17.63 -28.27
N PRO B 80 -5.75 18.58 -28.31
CA PRO B 80 -5.41 20.01 -28.16
C PRO B 80 -4.42 20.36 -27.03
N HIS B 81 -4.57 19.75 -25.86
CA HIS B 81 -3.71 20.10 -24.71
C HIS B 81 -2.24 19.68 -24.88
N LEU B 82 -1.98 18.71 -25.75
CA LEU B 82 -0.62 18.19 -25.99
C LEU B 82 0.32 19.24 -26.58
N THR B 83 -0.28 20.24 -27.22
CA THR B 83 0.46 21.37 -27.79
C THR B 83 1.30 22.03 -26.69
N TYR B 84 0.71 22.09 -25.49
CA TYR B 84 1.30 22.77 -24.35
C TYR B 84 2.02 21.79 -23.44
N LEU B 85 1.71 20.51 -23.54
CA LEU B 85 2.29 19.53 -22.61
C LEU B 85 3.48 18.80 -23.20
N ALA B 86 3.57 18.74 -24.53
CA ALA B 86 4.63 17.98 -25.18
C ALA B 86 5.57 18.92 -25.88
N HIS B 87 6.80 18.47 -26.08
CA HIS B 87 7.69 19.08 -27.07
C HIS B 87 7.77 18.12 -28.25
N GLU B 88 8.48 18.53 -29.31
CA GLU B 88 8.45 17.84 -30.61
C GLU B 88 8.78 16.35 -30.48
N ASP B 89 9.71 16.03 -29.59
CA ASP B 89 10.26 14.67 -29.48
C ASP B 89 9.64 13.79 -28.39
N THR B 90 8.70 14.36 -27.62
CA THR B 90 7.99 13.65 -26.56
C THR B 90 7.42 12.30 -27.01
N LEU B 91 7.67 11.26 -26.22
CA LEU B 91 7.01 9.98 -26.41
C LEU B 91 5.55 10.04 -25.93
N ILE B 92 4.62 9.75 -26.84
CA ILE B 92 3.21 9.71 -26.51
C ILE B 92 2.70 8.28 -26.54
N ILE B 93 2.30 7.77 -25.37
CA ILE B 93 1.82 6.41 -25.28
C ILE B 93 0.31 6.40 -25.06
N LEU B 94 -0.43 5.77 -25.96
CA LEU B 94 -1.87 5.62 -25.77
C LEU B 94 -2.13 4.39 -24.95
N ALA B 95 -2.38 4.58 -23.66
CA ALA B 95 -2.76 3.49 -22.78
C ALA B 95 -4.29 3.35 -22.83
N GLN B 96 -4.77 2.87 -23.98
CA GLN B 96 -6.20 2.77 -24.24
C GLN B 96 -6.54 1.48 -24.93
N ASN B 97 -7.79 1.06 -24.84
CA ASN B 97 -8.21 -0.15 -25.56
C ASN B 97 -8.21 0.09 -27.05
N GLY B 98 -8.07 -1.00 -27.79
CA GLY B 98 -8.21 -1.02 -29.23
C GLY B 98 -7.11 -0.30 -29.99
N TYR B 99 -7.50 0.26 -31.11
CA TYR B 99 -6.59 1.02 -31.93
C TYR B 99 -7.32 2.30 -32.23
N GLY B 100 -6.86 3.37 -31.58
CA GLY B 100 -7.53 4.67 -31.67
C GLY B 100 -7.19 5.49 -32.90
N GLN B 101 -7.58 6.76 -32.88
CA GLN B 101 -7.32 7.64 -34.03
C GLN B 101 -5.91 8.23 -33.93
N LEU B 102 -4.91 7.35 -34.01
CA LEU B 102 -3.51 7.76 -33.86
C LEU B 102 -3.10 8.87 -34.82
N GLU B 103 -3.67 8.84 -36.01
CA GLU B 103 -3.44 9.82 -37.07
C GLU B 103 -3.88 11.22 -36.63
N HIS B 104 -4.81 11.30 -35.69
CA HIS B 104 -5.29 12.58 -35.17
C HIS B 104 -4.29 13.29 -34.25
N ILE B 105 -3.19 12.60 -33.91
CA ILE B 105 -2.19 13.11 -32.97
C ILE B 105 -0.96 13.70 -33.72
N PRO B 106 -0.80 15.06 -33.70
CA PRO B 106 0.18 15.73 -34.58
C PRO B 106 1.58 15.73 -34.01
N PHE B 107 2.16 14.55 -33.84
CA PHE B 107 3.43 14.38 -33.15
C PHE B 107 4.06 13.17 -33.73
N LYS B 108 5.39 13.15 -33.71
CA LYS B 108 6.15 12.14 -34.41
C LYS B 108 6.24 10.81 -33.64
N ASN B 109 6.53 10.87 -32.33
CA ASN B 109 6.71 9.66 -31.52
C ASN B 109 5.44 9.23 -30.78
N VAL B 110 4.63 8.40 -31.44
CA VAL B 110 3.31 8.06 -30.95
C VAL B 110 3.09 6.56 -31.02
N CYS B 111 2.83 5.94 -29.87
CA CYS B 111 2.68 4.49 -29.80
C CYS B 111 1.38 4.07 -29.16
N GLN B 112 0.60 3.24 -29.83
CA GLN B 112 -0.50 2.53 -29.19
C GLN B 112 0.00 1.48 -28.18
N ALA B 113 -0.47 1.54 -26.94
CA ALA B 113 -0.17 0.45 -25.99
C ALA B 113 -1.28 -0.62 -25.96
N VAL B 114 -0.91 -1.85 -25.60
CA VAL B 114 -1.91 -2.83 -25.23
C VAL B 114 -1.94 -2.93 -23.72
N VAL B 115 -3.06 -2.55 -23.14
CA VAL B 115 -3.22 -2.35 -21.71
C VAL B 115 -3.78 -3.58 -20.98
N TYR B 116 -2.97 -4.16 -20.10
CA TYR B 116 -3.44 -5.21 -19.20
C TYR B 116 -3.34 -4.76 -17.73
N ILE B 117 -4.37 -4.04 -17.33
CA ILE B 117 -4.48 -3.41 -16.01
C ILE B 117 -5.97 -3.33 -15.72
N SER B 118 -6.44 -4.02 -14.69
CA SER B 118 -7.89 -4.07 -14.46
C SER B 118 -8.30 -3.35 -13.18
N GLY B 119 -9.41 -2.64 -13.23
CA GLY B 119 -9.90 -1.87 -12.09
C GLY B 119 -11.11 -1.02 -12.37
N GLN B 120 -11.55 -0.27 -11.36
CA GLN B 120 -12.74 0.58 -11.48
C GLN B 120 -12.54 1.93 -10.83
N LYS B 121 -13.17 2.95 -11.41
CA LYS B 121 -13.34 4.27 -10.81
C LYS B 121 -14.82 4.46 -10.45
N LYS B 122 -15.07 4.93 -9.23
CA LYS B 122 -16.40 5.32 -8.76
C LYS B 122 -16.25 6.63 -8.03
N GLY B 123 -16.79 7.70 -8.59
CA GLY B 123 -16.52 9.03 -8.04
C GLY B 123 -15.04 9.32 -8.10
N ASP B 124 -14.54 9.96 -7.05
CA ASP B 124 -13.10 10.21 -6.86
C ASP B 124 -12.40 9.01 -6.20
N VAL B 125 -12.93 7.81 -6.39
CA VAL B 125 -12.38 6.61 -5.75
C VAL B 125 -11.98 5.57 -6.80
N VAL B 126 -10.68 5.27 -6.85
CA VAL B 126 -10.20 4.26 -7.80
C VAL B 126 -9.81 2.99 -7.07
N THR B 127 -10.31 1.87 -7.53
CA THR B 127 -9.93 0.57 -6.99
C THR B 127 -9.26 -0.28 -8.07
N HIS B 128 -8.00 -0.66 -7.86
CA HIS B 128 -7.29 -1.54 -8.80
C HIS B 128 -7.60 -3.00 -8.48
N PHE B 129 -7.66 -3.86 -9.50
CA PHE B 129 -7.91 -5.29 -9.28
C PHE B 129 -6.69 -6.19 -9.49
N ARG B 130 -6.17 -6.16 -10.71
CA ARG B 130 -5.09 -7.06 -11.13
C ARG B 130 -4.31 -6.40 -12.26
N ASP B 131 -3.01 -6.63 -12.27
CA ASP B 131 -2.15 -6.41 -13.44
C ASP B 131 -1.69 -4.98 -13.65
N TYR B 132 -0.54 -4.86 -14.29
CA TYR B 132 0.18 -3.62 -14.40
C TYR B 132 0.96 -3.51 -15.70
N GLN B 133 0.47 -4.16 -16.76
CA GLN B 133 1.24 -4.33 -17.98
C GLN B 133 0.80 -3.47 -19.18
N LEU B 134 1.79 -2.82 -19.79
CA LEU B 134 1.66 -2.13 -21.04
C LEU B 134 2.57 -2.83 -22.05
N ARG B 135 1.98 -3.39 -23.10
CA ARG B 135 2.80 -3.92 -24.18
C ARG B 135 2.87 -2.82 -25.24
N ILE B 136 4.08 -2.54 -25.73
CA ILE B 136 4.31 -1.41 -26.65
C ILE B 136 5.32 -1.76 -27.75
N GLN B 137 5.24 -1.05 -28.87
CA GLN B 137 6.24 -1.22 -29.94
C GLN B 137 7.65 -0.97 -29.41
N ASP B 138 8.53 -1.92 -29.69
CA ASP B 138 9.92 -1.79 -29.32
C ASP B 138 10.60 -0.74 -30.20
N ASN B 139 11.11 0.31 -29.57
CA ASN B 139 11.96 1.31 -30.23
C ASN B 139 12.91 1.99 -29.22
N ALA B 140 13.79 2.85 -29.73
CA ALA B 140 14.79 3.55 -28.90
C ALA B 140 14.15 4.16 -27.65
N LEU B 141 13.05 4.90 -27.85
CA LEU B 141 12.39 5.65 -26.79
C LEU B 141 11.62 4.76 -25.80
N THR B 142 10.99 3.71 -26.30
CA THR B 142 10.27 2.78 -25.42
C THR B 142 11.25 1.95 -24.59
N ARG B 143 12.40 1.64 -25.19
CA ARG B 143 13.54 1.12 -24.44
C ARG B 143 13.95 2.01 -23.26
N GLN B 144 14.13 3.30 -23.51
CA GLN B 144 14.52 4.23 -22.45
C GLN B 144 13.48 4.31 -21.35
N PHE B 145 12.20 4.37 -21.78
CA PHE B 145 11.09 4.42 -20.83
C PHE B 145 11.03 3.15 -19.99
N ARG B 146 11.21 1.99 -20.63
CA ARG B 146 11.34 0.72 -19.88
C ARG B 146 12.44 0.74 -18.82
N ASP B 147 13.60 1.27 -19.17
CA ASP B 147 14.69 1.33 -18.20
C ASP B 147 14.39 2.30 -17.03
N LEU B 148 13.83 3.45 -17.36
CA LEU B 148 13.42 4.43 -16.34
C LEU B 148 12.49 3.80 -15.29
N VAL B 149 11.60 2.93 -15.74
CA VAL B 149 10.51 2.45 -14.93
C VAL B 149 10.84 1.15 -14.15
N GLN B 150 12.10 0.73 -14.19
CA GLN B 150 12.48 -0.61 -13.73
C GLN B 150 12.30 -0.90 -12.26
N ASP B 151 12.16 0.12 -11.41
CA ASP B 151 11.93 -0.11 -9.98
C ASP B 151 10.44 -0.18 -9.60
N SER B 152 9.56 0.18 -10.54
CA SER B 152 8.12 0.07 -10.33
C SER B 152 7.68 -1.34 -10.71
N GLN B 153 6.42 -1.68 -10.45
CA GLN B 153 5.92 -2.91 -11.03
C GLN B 153 5.21 -2.72 -12.36
N ILE B 154 5.29 -1.54 -12.95
CA ILE B 154 4.69 -1.35 -14.25
C ILE B 154 5.50 -2.13 -15.26
N ASP B 155 4.84 -3.11 -15.86
CA ASP B 155 5.49 -4.05 -16.76
C ASP B 155 5.40 -3.61 -18.23
N ILE B 156 6.50 -3.05 -18.73
CA ILE B 156 6.57 -2.61 -20.11
C ILE B 156 7.08 -3.71 -20.99
N VAL B 157 6.20 -4.32 -21.77
CA VAL B 157 6.63 -5.41 -22.64
C VAL B 157 6.87 -4.84 -24.04
N LEU B 158 8.09 -5.00 -24.54
CA LEU B 158 8.47 -4.39 -25.80
C LEU B 158 8.32 -5.40 -26.92
N GLU B 159 7.44 -5.14 -27.86
CA GLU B 159 7.26 -6.05 -28.99
C GLU B 159 7.96 -5.61 -30.27
N ALA B 160 8.55 -6.59 -30.95
CA ALA B 160 9.18 -6.37 -32.28
C ALA B 160 8.13 -5.83 -33.26
N ASN B 161 6.97 -6.49 -33.29
CA ASN B 161 5.82 -5.93 -34.00
C ASN B 161 4.56 -5.94 -33.12
N ILE B 162 4.16 -4.75 -32.69
CA ILE B 162 3.06 -4.58 -31.73
C ILE B 162 1.69 -5.00 -32.31
N GLN B 163 1.62 -5.04 -33.65
CA GLN B 163 0.39 -5.34 -34.38
C GLN B 163 -0.29 -6.62 -33.88
N GLN B 164 0.48 -7.70 -33.75
CA GLN B 164 -0.01 -8.97 -33.24
C GLN B 164 -0.66 -8.85 -31.84
N ALA B 165 0.00 -8.15 -30.92
CA ALA B 165 -0.54 -7.86 -29.58
C ALA B 165 -1.83 -7.05 -29.61
N ILE B 166 -1.89 -6.03 -30.47
CA ILE B 166 -3.05 -5.15 -30.55
C ILE B 166 -4.28 -5.94 -31.00
N TRP B 167 -4.09 -6.77 -32.01
CA TRP B 167 -5.19 -7.53 -32.60
C TRP B 167 -5.70 -8.62 -31.68
N TYR B 168 -4.79 -9.34 -31.01
CA TYR B 168 -5.20 -10.34 -30.02
C TYR B 168 -6.09 -9.75 -28.93
N LYS B 169 -5.67 -8.62 -28.36
CA LYS B 169 -6.47 -7.95 -27.36
C LYS B 169 -7.75 -7.40 -27.98
N LEU B 170 -7.70 -6.97 -29.23
CA LEU B 170 -8.91 -6.57 -29.94
C LEU B 170 -9.91 -7.73 -30.03
N LEU B 171 -9.42 -8.92 -30.30
CA LEU B 171 -10.30 -10.08 -30.41
C LEU B 171 -10.91 -10.46 -29.04
N VAL B 172 -10.07 -10.63 -28.02
CA VAL B 172 -10.53 -10.84 -26.64
C VAL B 172 -11.62 -9.85 -26.23
N ASN B 173 -11.39 -8.57 -26.49
CA ASN B 173 -12.44 -7.57 -26.26
C ASN B 173 -13.70 -7.78 -27.11
N LEU B 174 -13.52 -8.17 -28.37
CA LEU B 174 -14.63 -8.26 -29.32
C LEU B 174 -15.72 -9.24 -28.90
N GLY B 175 -15.33 -10.42 -28.45
CA GLY B 175 -16.26 -11.44 -28.04
C GLY B 175 -17.03 -11.01 -26.82
N ILE B 176 -16.37 -11.11 -25.66
CA ILE B 176 -16.96 -10.85 -24.35
C ILE B 176 -17.60 -9.46 -24.15
N ASN B 177 -16.96 -8.39 -24.63
CA ASN B 177 -17.53 -7.05 -24.41
C ASN B 177 -18.78 -6.79 -25.25
N SER B 178 -18.87 -7.45 -26.40
CA SER B 178 -20.04 -7.31 -27.28
C SER B 178 -21.20 -8.05 -26.66
N ILE B 179 -20.99 -9.31 -26.33
CA ILE B 179 -22.04 -10.11 -25.75
C ILE B 179 -22.59 -9.42 -24.47
N THR B 180 -21.70 -9.04 -23.56
CA THR B 180 -22.11 -8.51 -22.26
C THR B 180 -22.78 -7.17 -22.37
N ALA B 181 -22.23 -6.27 -23.20
CA ALA B 181 -22.83 -4.95 -23.39
C ALA B 181 -24.21 -5.01 -24.09
N LEU B 182 -24.31 -5.78 -25.16
CA LEU B 182 -25.61 -5.95 -25.82
C LEU B 182 -26.59 -6.79 -24.99
N GLY B 183 -26.07 -7.79 -24.30
CA GLY B 183 -26.86 -8.58 -23.36
C GLY B 183 -27.33 -7.81 -22.13
N ARG B 184 -26.61 -6.76 -21.75
CA ARG B 184 -26.86 -6.03 -20.49
C ARG B 184 -26.69 -7.02 -19.34
N GLN B 185 -25.66 -7.86 -19.47
CA GLN B 185 -25.45 -8.90 -18.49
C GLN B 185 -23.98 -9.04 -18.20
N THR B 186 -23.70 -9.60 -17.02
CA THR B 186 -22.39 -9.97 -16.61
C THR B 186 -22.03 -11.23 -17.41
N VAL B 187 -20.88 -11.81 -17.10
CA VAL B 187 -20.37 -12.97 -17.78
C VAL B 187 -21.28 -14.19 -17.60
N ALA B 188 -22.16 -14.13 -16.59
CA ALA B 188 -23.21 -15.14 -16.41
C ALA B 188 -23.86 -15.50 -17.76
N ILE B 189 -24.07 -14.50 -18.63
CA ILE B 189 -24.77 -14.69 -19.92
C ILE B 189 -24.20 -15.86 -20.75
N MET B 190 -22.92 -16.15 -20.57
CA MET B 190 -22.25 -17.24 -21.31
C MET B 190 -22.77 -18.61 -20.90
N HIS B 191 -23.64 -18.67 -19.90
CA HIS B 191 -24.33 -19.92 -19.63
C HIS B 191 -25.22 -20.39 -20.79
N ASN B 192 -25.82 -19.45 -21.53
CA ASN B 192 -26.62 -19.81 -22.70
C ASN B 192 -25.73 -20.44 -23.79
N PRO B 193 -26.10 -21.65 -24.28
CA PRO B 193 -25.29 -22.26 -25.35
C PRO B 193 -25.29 -21.40 -26.62
N GLU B 194 -26.43 -20.84 -26.96
CA GLU B 194 -26.55 -19.97 -28.14
C GLU B 194 -25.60 -18.76 -28.09
N ILE B 195 -25.31 -18.31 -26.87
CA ILE B 195 -24.46 -17.16 -26.67
C ILE B 195 -23.01 -17.56 -26.87
N ARG B 196 -22.64 -18.74 -26.40
CA ARG B 196 -21.30 -19.24 -26.63
C ARG B 196 -21.08 -19.43 -28.13
N ILE B 197 -22.04 -20.09 -28.79
CA ILE B 197 -22.00 -20.25 -30.25
C ILE B 197 -21.78 -18.92 -30.96
N LEU B 198 -22.60 -17.93 -30.65
CA LEU B 198 -22.47 -16.60 -31.25
C LEU B 198 -21.12 -15.98 -30.96
N CYS B 199 -20.61 -16.21 -29.76
CA CYS B 199 -19.37 -15.60 -29.33
C CYS B 199 -18.22 -16.14 -30.16
N ARG B 200 -18.26 -17.43 -30.44
CA ARG B 200 -17.28 -18.12 -31.26
C ARG B 200 -17.35 -17.53 -32.68
N GLN B 201 -18.55 -17.51 -33.24
CA GLN B 201 -18.79 -16.91 -34.55
C GLN B 201 -18.22 -15.51 -34.69
N LEU B 202 -18.40 -14.71 -33.65
CA LEU B 202 -17.89 -13.36 -33.62
C LEU B 202 -16.37 -13.36 -33.67
N LEU B 203 -15.73 -14.14 -32.81
CA LEU B 203 -14.28 -14.25 -32.84
C LEU B 203 -13.80 -14.61 -34.28
N LEU B 204 -14.44 -15.61 -34.90
CA LEU B 204 -14.21 -15.99 -36.30
C LEU B 204 -14.33 -14.81 -37.26
N ASP B 205 -15.42 -14.03 -37.17
CA ASP B 205 -15.50 -12.79 -37.95
C ASP B 205 -14.24 -11.90 -37.78
N GLY B 206 -13.73 -11.81 -36.55
CA GLY B 206 -12.60 -10.97 -36.22
C GLY B 206 -11.29 -11.53 -36.73
N CYS B 207 -11.16 -12.86 -36.69
CA CYS B 207 -9.95 -13.53 -37.17
C CYS B 207 -9.76 -13.42 -38.65
N ARG B 208 -10.85 -13.53 -39.40
CA ARG B 208 -10.79 -13.45 -40.86
C ARG B 208 -10.40 -12.04 -41.28
N VAL B 209 -10.75 -11.05 -40.47
CA VAL B 209 -10.26 -9.67 -40.66
C VAL B 209 -8.77 -9.58 -40.31
N ALA B 210 -8.36 -10.35 -39.31
CA ALA B 210 -6.98 -10.34 -38.85
C ALA B 210 -6.08 -11.06 -39.86
N GLN B 211 -6.56 -12.20 -40.34
CA GLN B 211 -5.89 -12.95 -41.40
C GLN B 211 -5.65 -12.05 -42.62
N ALA B 212 -6.70 -11.35 -43.02
CA ALA B 212 -6.65 -10.37 -44.13
C ALA B 212 -5.64 -9.23 -43.95
N GLU B 213 -4.94 -9.22 -42.82
CA GLU B 213 -3.85 -8.28 -42.61
C GLU B 213 -2.54 -8.99 -42.29
N GLY B 214 -2.40 -10.21 -42.79
CA GLY B 214 -1.15 -10.94 -42.71
C GLY B 214 -0.87 -11.59 -41.38
N LEU B 215 -1.77 -11.35 -40.41
CA LEU B 215 -1.67 -11.98 -39.09
C LEU B 215 -2.03 -13.45 -39.12
N ASN B 216 -1.22 -14.24 -38.43
CA ASN B 216 -1.38 -15.68 -38.39
C ASN B 216 -2.38 -16.17 -37.34
N PHE B 217 -3.59 -15.60 -37.35
CA PHE B 217 -4.65 -16.03 -36.44
C PHE B 217 -5.46 -17.15 -37.07
N SER B 218 -5.89 -18.10 -36.25
CA SER B 218 -6.55 -19.31 -36.75
C SER B 218 -7.77 -19.68 -35.94
N GLU B 219 -8.38 -20.81 -36.29
CA GLU B 219 -9.40 -21.44 -35.48
C GLU B 219 -8.83 -21.72 -34.08
N GLN B 220 -7.56 -22.09 -34.01
CA GLN B 220 -6.94 -22.41 -32.72
C GLN B 220 -6.75 -21.15 -31.85
N THR B 221 -6.63 -19.99 -32.50
CA THR B 221 -6.59 -18.75 -31.76
C THR B 221 -7.92 -18.55 -31.04
N VAL B 222 -9.02 -18.81 -31.75
CA VAL B 222 -10.35 -18.71 -31.17
C VAL B 222 -10.47 -19.61 -29.93
N ASP B 223 -9.96 -20.83 -30.01
CA ASP B 223 -10.04 -21.76 -28.89
C ASP B 223 -9.36 -21.22 -27.63
N THR B 224 -8.28 -20.47 -27.80
CA THR B 224 -7.55 -19.94 -26.64
C THR B 224 -8.33 -18.83 -25.96
N ILE B 225 -8.96 -17.97 -26.76
CA ILE B 225 -9.76 -16.85 -26.25
C ILE B 225 -11.04 -17.34 -25.57
N MET B 226 -11.73 -18.31 -26.18
CA MET B 226 -12.89 -18.92 -25.54
C MET B 226 -12.46 -19.60 -24.23
N THR B 227 -11.25 -20.16 -24.21
CA THR B 227 -10.67 -20.71 -22.98
C THR B 227 -10.41 -19.59 -21.93
N ILE B 228 -9.90 -18.44 -22.37
CA ILE B 228 -9.81 -17.29 -21.46
C ILE B 228 -11.18 -16.99 -20.82
N TYR B 229 -12.23 -16.99 -21.62
CA TYR B 229 -13.61 -16.70 -21.15
C TYR B 229 -14.12 -17.64 -20.05
N GLN B 230 -13.78 -18.92 -20.15
CA GLN B 230 -14.20 -19.89 -19.14
C GLN B 230 -13.67 -19.56 -17.71
N GLY B 231 -12.47 -18.98 -17.63
CA GLY B 231 -11.87 -18.61 -16.34
C GLY B 231 -12.58 -17.47 -15.62
N TYR B 232 -13.37 -16.65 -16.34
CA TYR B 232 -14.07 -15.50 -15.73
C TYR B 232 -15.21 -15.94 -14.82
N PRO B 233 -15.29 -15.34 -13.61
CA PRO B 233 -16.39 -15.61 -12.71
C PRO B 233 -17.69 -15.07 -13.30
N ASP B 234 -18.81 -15.70 -12.99
CA ASP B 234 -20.09 -15.28 -13.56
C ASP B 234 -20.44 -13.81 -13.28
N GLU B 235 -19.99 -13.29 -12.14
CA GLU B 235 -20.33 -11.97 -11.66
C GLU B 235 -19.52 -10.87 -12.37
N MET B 236 -18.50 -11.26 -13.12
CA MET B 236 -17.66 -10.26 -13.78
C MET B 236 -18.43 -9.49 -14.85
N GLY B 237 -18.28 -8.16 -14.83
CA GLY B 237 -18.79 -7.28 -15.90
C GLY B 237 -17.67 -7.00 -16.91
N THR B 238 -17.94 -6.20 -17.93
CA THR B 238 -16.86 -5.71 -18.82
C THR B 238 -16.92 -4.19 -18.81
N SER B 239 -15.86 -3.55 -19.28
CA SER B 239 -15.86 -2.10 -19.37
C SER B 239 -17.03 -1.60 -20.22
N MET B 240 -17.34 -2.28 -21.33
CA MET B 240 -18.46 -1.86 -22.20
C MET B 240 -19.84 -2.13 -21.55
N TYR B 241 -19.96 -3.28 -20.87
CA TYR B 241 -21.11 -3.51 -19.98
C TYR B 241 -21.30 -2.36 -18.98
N TYR B 242 -20.24 -1.94 -18.29
CA TYR B 242 -20.40 -0.89 -17.26
C TYR B 242 -20.86 0.42 -17.88
N ASP B 243 -20.31 0.73 -19.03
CA ASP B 243 -20.70 1.93 -19.74
C ASP B 243 -22.16 1.92 -20.20
N ILE B 244 -22.58 0.84 -20.84
CA ILE B 244 -23.94 0.76 -21.39
C ILE B 244 -25.01 0.74 -20.29
N VAL B 245 -24.67 0.11 -19.16
CA VAL B 245 -25.57 0.03 -18.03
C VAL B 245 -25.66 1.34 -17.26
N HIS B 246 -24.57 2.12 -17.29
CA HIS B 246 -24.59 3.44 -16.69
C HIS B 246 -24.88 4.55 -17.72
N GLN B 247 -25.26 4.14 -18.93
CA GLN B 247 -25.76 5.06 -19.95
C GLN B 247 -24.69 6.06 -20.37
N GLN B 248 -23.44 5.61 -20.43
CA GLN B 248 -22.33 6.45 -20.84
C GLN B 248 -21.99 6.14 -22.30
N PRO B 249 -21.21 7.03 -22.98
CA PRO B 249 -20.67 6.66 -24.31
C PRO B 249 -19.85 5.37 -24.24
N LEU B 250 -19.88 4.58 -25.30
CA LEU B 250 -19.06 3.37 -25.41
C LEU B 250 -17.77 3.67 -26.12
N GLU B 251 -16.79 2.80 -25.95
CA GLU B 251 -15.55 2.88 -26.68
C GLU B 251 -15.67 2.13 -28.00
N VAL B 252 -16.87 2.12 -28.59
CA VAL B 252 -17.12 1.20 -29.71
C VAL B 252 -16.24 1.40 -30.98
N GLU B 253 -16.06 2.66 -31.39
CA GLU B 253 -15.35 2.98 -32.64
C GLU B 253 -13.93 2.43 -32.72
N ALA B 254 -13.25 2.45 -31.60
CA ALA B 254 -11.88 1.98 -31.58
C ALA B 254 -11.79 0.49 -31.45
N ILE B 255 -12.93 -0.19 -31.20
CA ILE B 255 -12.88 -1.64 -31.04
C ILE B 255 -13.64 -2.36 -32.15
N GLN B 256 -14.98 -2.41 -32.05
CA GLN B 256 -15.79 -3.13 -33.00
C GLN B 256 -15.80 -2.39 -34.33
N GLY B 257 -15.88 -1.06 -34.25
CA GLY B 257 -15.77 -0.19 -35.41
C GLY B 257 -14.46 -0.41 -36.17
N PHE B 258 -13.34 -0.41 -35.45
CA PHE B 258 -12.07 -0.59 -36.11
C PHE B 258 -12.00 -1.94 -36.79
N ILE B 259 -12.59 -2.96 -36.17
CA ILE B 259 -12.60 -4.25 -36.84
C ILE B 259 -13.52 -4.16 -38.06
N TYR B 260 -14.69 -3.55 -37.88
CA TYR B 260 -15.65 -3.36 -38.96
C TYR B 260 -15.02 -2.69 -40.18
N ARG B 261 -14.74 -1.39 -40.05
CA ARG B 261 -14.08 -0.58 -41.08
C ARG B 261 -12.97 -1.32 -41.83
N ARG B 262 -12.21 -2.12 -41.10
CA ARG B 262 -11.16 -2.95 -41.70
C ARG B 262 -11.75 -4.07 -42.57
N ALA B 263 -12.82 -4.70 -42.10
CA ALA B 263 -13.44 -5.82 -42.82
C ALA B 263 -13.94 -5.44 -44.20
N ARG B 264 -14.49 -4.23 -44.30
CA ARG B 264 -14.90 -3.65 -45.57
C ARG B 264 -13.71 -3.47 -46.52
N GLU B 265 -12.59 -2.94 -46.02
CA GLU B 265 -11.38 -2.71 -46.82
C GLU B 265 -10.87 -3.99 -47.51
N HIS B 266 -10.96 -5.14 -46.85
CA HIS B 266 -10.64 -6.38 -47.53
C HIS B 266 -11.86 -7.05 -48.18
N ASN B 267 -12.98 -6.34 -48.17
CA ASN B 267 -14.26 -6.86 -48.63
C ASN B 267 -14.55 -8.28 -48.18
N LEU B 268 -14.91 -8.43 -46.91
CA LEU B 268 -15.20 -9.75 -46.36
C LEU B 268 -16.66 -9.88 -45.95
N ASP B 269 -17.10 -11.12 -45.74
CA ASP B 269 -18.42 -11.42 -45.18
C ASP B 269 -18.33 -11.56 -43.66
N THR B 270 -18.83 -10.56 -42.95
CA THR B 270 -18.83 -10.58 -41.47
C THR B 270 -20.23 -10.24 -40.90
N PRO B 271 -21.20 -11.18 -41.03
CA PRO B 271 -22.56 -10.85 -40.59
C PRO B 271 -22.66 -10.64 -39.07
N TYR B 272 -21.92 -11.41 -38.29
CA TYR B 272 -22.01 -11.35 -36.84
C TYR B 272 -21.47 -10.02 -36.31
N LEU B 273 -20.23 -9.71 -36.73
CA LEU B 273 -19.63 -8.41 -36.49
C LEU B 273 -20.53 -7.27 -36.91
N ASP B 274 -21.13 -7.35 -38.11
CA ASP B 274 -21.93 -6.20 -38.59
C ASP B 274 -23.15 -5.94 -37.70
N THR B 275 -23.81 -7.00 -37.26
CA THR B 275 -25.01 -6.81 -36.45
C THR B 275 -24.62 -6.24 -35.08
N ILE B 276 -23.57 -6.82 -34.49
CA ILE B 276 -23.02 -6.32 -33.24
C ILE B 276 -22.70 -4.84 -33.36
N TYR B 277 -21.90 -4.47 -34.36
CA TYR B 277 -21.57 -3.05 -34.58
C TYR B 277 -22.80 -2.18 -34.76
N SER B 278 -23.75 -2.64 -35.55
CA SER B 278 -25.00 -1.89 -35.75
C SER B 278 -25.76 -1.55 -34.47
N PHE B 279 -25.94 -2.51 -33.57
CA PHE B 279 -26.63 -2.14 -32.31
C PHE B 279 -25.80 -1.19 -31.45
N LEU B 280 -24.53 -1.52 -31.30
CA LEU B 280 -23.59 -0.69 -30.55
C LEU B 280 -23.61 0.74 -31.02
N ARG B 281 -23.47 0.92 -32.35
CA ARG B 281 -23.51 2.27 -32.97
C ARG B 281 -24.86 2.99 -32.73
N ALA B 282 -25.96 2.26 -32.83
CA ALA B 282 -27.30 2.82 -32.56
C ALA B 282 -27.42 3.32 -31.14
N TYR B 283 -26.87 2.55 -30.19
CA TYR B 283 -26.79 3.03 -28.81
C TYR B 283 -26.00 4.34 -28.69
N GLN B 284 -24.82 4.41 -29.33
CA GLN B 284 -23.93 5.60 -29.28
C GLN B 284 -24.66 6.81 -29.79
N GLN B 285 -25.31 6.63 -30.94
CA GLN B 285 -26.14 7.68 -31.51
C GLN B 285 -27.27 8.11 -30.59
N ASN B 286 -27.88 7.18 -29.86
CA ASN B 286 -29.04 7.50 -29.01
C ASN B 286 -28.65 8.34 -27.79
N GLU B 287 -27.49 8.02 -27.24
CA GLU B 287 -26.99 8.66 -26.01
C GLU B 287 -26.57 10.14 -26.19
N GLY B 288 -25.96 10.45 -27.33
CA GLY B 288 -25.36 11.78 -27.59
C GLY B 288 -26.28 12.99 -27.49
N LEU C 3 -69.77 6.48 -2.98
CA LEU C 3 -68.83 7.52 -2.46
C LEU C 3 -67.43 7.28 -3.01
N SER C 4 -66.77 8.37 -3.43
CA SER C 4 -65.62 8.29 -4.35
C SER C 4 -64.29 8.75 -3.71
N VAL C 5 -63.20 7.99 -3.93
CA VAL C 5 -61.90 8.32 -3.28
C VAL C 5 -60.71 8.43 -4.25
N ALA C 6 -59.96 9.52 -4.11
CA ALA C 6 -58.73 9.71 -4.88
C ALA C 6 -57.58 9.99 -3.94
N ILE C 7 -56.41 9.44 -4.28
CA ILE C 7 -55.17 9.81 -3.61
C ILE C 7 -54.28 10.46 -4.66
N ILE C 8 -53.87 11.68 -4.37
CA ILE C 8 -52.94 12.38 -5.24
C ILE C 8 -51.56 12.34 -4.62
N GLY C 9 -50.61 11.79 -5.37
CA GLY C 9 -49.21 11.76 -4.95
C GLY C 9 -48.77 10.35 -4.65
N PRO C 10 -48.29 9.64 -5.67
CA PRO C 10 -47.89 8.24 -5.52
C PRO C 10 -46.50 8.09 -4.92
N GLY C 11 -46.33 8.68 -3.75
CA GLY C 11 -45.10 8.57 -2.98
C GLY C 11 -45.35 7.56 -1.89
N ALA C 12 -44.50 7.58 -0.88
CA ALA C 12 -44.55 6.58 0.18
C ALA C 12 -45.91 6.58 0.92
N VAL C 13 -46.29 7.72 1.45
CA VAL C 13 -47.56 7.85 2.18
C VAL C 13 -48.77 7.53 1.31
N GLY C 14 -48.78 8.06 0.09
CA GLY C 14 -49.92 7.94 -0.79
C GLY C 14 -50.14 6.57 -1.38
N THR C 15 -49.05 5.91 -1.81
CA THR C 15 -49.14 4.54 -2.28
C THR C 15 -49.62 3.59 -1.18
N THR C 16 -49.10 3.78 0.04
CA THR C 16 -49.55 3.01 1.19
C THR C 16 -51.07 3.17 1.42
N ILE C 17 -51.52 4.43 1.51
CA ILE C 17 -52.94 4.69 1.71
C ILE C 17 -53.75 4.07 0.58
N ALA C 18 -53.33 4.34 -0.66
CA ALA C 18 -53.98 3.79 -1.84
C ALA C 18 -54.12 2.27 -1.75
N TYR C 19 -52.99 1.59 -1.54
CA TYR C 19 -52.95 0.13 -1.47
C TYR C 19 -53.86 -0.43 -0.39
N GLU C 20 -53.84 0.20 0.78
CA GLU C 20 -54.61 -0.30 1.91
C GLU C 20 -56.11 -0.07 1.75
N LEU C 21 -56.49 0.97 1.02
CA LEU C 21 -57.87 1.27 0.70
C LEU C 21 -58.38 0.41 -0.46
N GLN C 22 -57.53 0.17 -1.45
CA GLN C 22 -57.96 -0.60 -2.62
C GLN C 22 -58.45 -2.01 -2.33
N GLN C 23 -58.01 -2.55 -1.20
CA GLN C 23 -58.35 -3.91 -0.82
C GLN C 23 -59.87 -4.08 -0.64
N SER C 24 -60.49 -3.22 0.20
CA SER C 24 -61.96 -3.24 0.41
C SER C 24 -62.78 -2.24 -0.43
N LEU C 25 -62.09 -1.31 -1.10
CA LEU C 25 -62.70 -0.24 -1.89
C LEU C 25 -61.87 -0.08 -3.16
N PRO C 26 -62.04 -0.99 -4.14
CA PRO C 26 -61.13 -1.10 -5.27
C PRO C 26 -61.25 0.00 -6.34
N HIS C 27 -62.24 0.89 -6.19
CA HIS C 27 -62.37 2.02 -7.09
C HIS C 27 -61.51 3.21 -6.67
N THR C 28 -60.87 3.09 -5.50
CA THR C 28 -59.97 4.13 -4.99
C THR C 28 -58.85 4.31 -6.00
N THR C 29 -58.56 5.57 -6.35
CA THR C 29 -57.65 5.85 -7.47
C THR C 29 -56.41 6.59 -6.98
N LEU C 30 -55.27 6.04 -7.32
CA LEU C 30 -54.01 6.70 -7.06
C LEU C 30 -53.65 7.58 -8.28
N ILE C 31 -53.47 8.88 -8.06
CA ILE C 31 -53.16 9.80 -9.16
C ILE C 31 -51.81 10.49 -9.04
N GLY C 32 -51.01 10.40 -10.09
CA GLY C 32 -49.79 11.21 -10.23
C GLY C 32 -49.76 12.00 -11.53
N ARG C 33 -48.58 12.51 -11.88
CA ARG C 33 -48.36 13.19 -13.16
C ARG C 33 -48.65 12.30 -14.38
N HIS C 34 -48.12 11.07 -14.35
CA HIS C 34 -48.27 10.13 -15.47
C HIS C 34 -48.78 8.75 -15.06
N ALA C 35 -49.42 8.05 -15.99
CA ALA C 35 -49.81 6.66 -15.78
C ALA C 35 -48.55 5.78 -15.74
N LYS C 36 -48.56 4.80 -14.84
CA LYS C 36 -47.46 3.82 -14.67
C LYS C 36 -47.84 2.80 -13.57
N THR C 37 -47.01 1.76 -13.47
CA THR C 37 -47.17 0.75 -12.42
C THR C 37 -46.07 0.94 -11.40
N ILE C 38 -46.47 1.02 -10.14
CA ILE C 38 -45.56 1.11 -9.00
C ILE C 38 -45.40 -0.26 -8.32
N THR C 39 -44.18 -0.57 -7.88
CA THR C 39 -43.94 -1.73 -7.03
C THR C 39 -44.07 -1.31 -5.56
N TYR C 40 -44.94 -2.01 -4.85
CA TYR C 40 -45.20 -1.71 -3.46
C TYR C 40 -44.84 -2.92 -2.56
N TYR C 41 -44.15 -2.64 -1.45
CA TYR C 41 -43.84 -3.62 -0.40
C TYR C 41 -44.55 -3.22 0.91
N THR C 42 -45.51 -4.04 1.38
CA THR C 42 -46.21 -3.75 2.65
C THR C 42 -45.21 -3.57 3.80
N VAL C 43 -44.06 -4.23 3.66
CA VAL C 43 -43.04 -4.25 4.69
C VAL C 43 -41.74 -4.68 3.96
N PRO C 44 -40.56 -4.26 4.44
CA PRO C 44 -39.38 -4.70 3.65
C PRO C 44 -39.21 -6.21 3.62
N HIS C 45 -38.81 -6.72 2.45
CA HIS C 45 -38.58 -8.16 2.15
C HIS C 45 -39.84 -8.96 1.86
N ALA C 46 -41.00 -8.34 2.05
CA ALA C 46 -42.29 -8.96 1.73
C ALA C 46 -42.38 -9.16 0.22
N PRO C 47 -43.30 -10.03 -0.24
CA PRO C 47 -43.47 -10.23 -1.69
C PRO C 47 -43.99 -8.96 -2.35
N ALA C 48 -43.49 -8.69 -3.56
CA ALA C 48 -43.76 -7.45 -4.30
C ALA C 48 -45.18 -7.42 -4.80
N GLN C 49 -45.84 -6.28 -4.68
CA GLN C 49 -47.15 -6.12 -5.28
C GLN C 49 -47.19 -4.91 -6.20
N ASP C 50 -47.92 -5.04 -7.29
CA ASP C 50 -48.14 -3.96 -8.24
C ASP C 50 -49.27 -3.04 -7.82
N ILE C 51 -49.01 -1.75 -7.85
CA ILE C 51 -50.09 -0.80 -7.76
C ILE C 51 -50.00 0.20 -8.92
N VAL C 52 -51.14 0.42 -9.55
CA VAL C 52 -51.29 1.18 -10.77
C VAL C 52 -51.36 2.68 -10.45
N VAL C 53 -50.73 3.51 -11.26
CA VAL C 53 -50.88 4.96 -11.09
C VAL C 53 -51.63 5.55 -12.28
N LYS C 54 -52.60 6.40 -12.00
CA LYS C 54 -53.36 7.05 -13.08
C LYS C 54 -52.93 8.53 -13.24
N GLY C 55 -52.50 8.91 -14.44
CA GLY C 55 -52.10 10.30 -14.74
C GLY C 55 -53.22 11.33 -14.58
N TYR C 56 -52.86 12.58 -14.37
CA TYR C 56 -53.86 13.66 -14.33
C TYR C 56 -54.75 13.68 -15.57
N GLU C 57 -54.14 13.57 -16.74
CA GLU C 57 -54.84 13.71 -18.00
CA GLU C 57 -54.83 13.69 -18.01
C GLU C 57 -55.76 12.52 -18.29
N ASP C 58 -55.69 11.48 -17.46
CA ASP C 58 -56.52 10.28 -17.67
C ASP C 58 -57.80 10.27 -16.83
N VAL C 59 -57.89 11.15 -15.84
CA VAL C 59 -59.08 11.23 -14.98
C VAL C 59 -60.24 12.03 -15.59
N THR C 60 -61.39 11.37 -15.78
CA THR C 60 -62.61 12.04 -16.28
C THR C 60 -63.80 11.91 -15.32
N ASN C 61 -63.57 12.12 -14.03
CA ASN C 61 -64.63 12.12 -13.05
C ASN C 61 -64.14 12.88 -11.84
N THR C 62 -65.06 13.46 -11.08
CA THR C 62 -64.69 14.11 -9.83
C THR C 62 -64.78 13.12 -8.67
N PHE C 63 -64.33 13.55 -7.50
CA PHE C 63 -64.27 12.68 -6.33
C PHE C 63 -64.86 13.39 -5.13
N ASP C 64 -65.47 12.61 -4.25
CA ASP C 64 -66.05 13.13 -3.02
C ASP C 64 -65.03 13.36 -1.92
N VAL C 65 -64.04 12.48 -1.85
CA VAL C 65 -62.89 12.61 -0.96
C VAL C 65 -61.62 12.61 -1.82
N ILE C 66 -60.75 13.59 -1.59
CA ILE C 66 -59.44 13.62 -2.22
C ILE C 66 -58.36 13.66 -1.15
N ILE C 67 -57.52 12.63 -1.11
CA ILE C 67 -56.37 12.64 -0.20
C ILE C 67 -55.14 13.15 -0.94
N ILE C 68 -54.58 14.25 -0.45
CA ILE C 68 -53.37 14.81 -1.06
C ILE C 68 -52.13 14.37 -0.28
N ALA C 69 -51.23 13.66 -0.95
CA ALA C 69 -50.05 13.07 -0.28
C ALA C 69 -48.74 13.33 -1.05
N VAL C 70 -48.59 14.55 -1.55
CA VAL C 70 -47.34 15.01 -2.17
C VAL C 70 -46.56 15.69 -1.08
N LYS C 71 -45.30 15.96 -1.34
CA LYS C 71 -44.51 16.72 -0.40
C LYS C 71 -45.15 18.11 -0.13
N THR C 72 -44.88 18.63 1.05
CA THR C 72 -45.25 19.97 1.43
C THR C 72 -45.06 21.08 0.35
N HIS C 73 -43.87 21.13 -0.23
CA HIS C 73 -43.52 22.13 -1.25
C HIS C 73 -44.11 21.77 -2.60
N GLN C 74 -44.85 20.67 -2.69
CA GLN C 74 -45.46 20.31 -3.96
C GLN C 74 -46.97 20.59 -3.95
N LEU C 75 -47.50 21.09 -2.85
CA LEU C 75 -48.95 21.31 -2.74
C LEU C 75 -49.41 22.26 -3.84
N ASP C 76 -48.69 23.38 -4.02
CA ASP C 76 -49.05 24.40 -5.00
C ASP C 76 -49.12 23.87 -6.45
N ALA C 77 -48.28 22.90 -6.79
CA ALA C 77 -48.36 22.30 -8.14
C ALA C 77 -49.61 21.39 -8.32
N VAL C 78 -50.22 20.97 -7.21
CA VAL C 78 -51.38 20.10 -7.27
C VAL C 78 -52.67 20.93 -7.37
N ILE C 79 -52.68 22.05 -6.65
CA ILE C 79 -53.86 22.90 -6.51
C ILE C 79 -54.58 23.17 -7.85
N PRO C 80 -53.87 23.65 -8.90
CA PRO C 80 -54.63 23.84 -10.16
C PRO C 80 -55.51 22.64 -10.54
N HIS C 81 -54.96 21.42 -10.44
CA HIS C 81 -55.68 20.20 -10.87
C HIS C 81 -56.96 19.90 -10.08
N LEU C 82 -57.17 20.56 -8.95
CA LEU C 82 -58.39 20.36 -8.14
C LEU C 82 -59.67 20.94 -8.75
N THR C 83 -59.51 21.83 -9.72
CA THR C 83 -60.62 22.38 -10.49
C THR C 83 -61.29 21.29 -11.33
N TYR C 84 -60.50 20.29 -11.73
CA TYR C 84 -61.00 19.18 -12.53
C TYR C 84 -61.39 17.97 -11.68
N LEU C 85 -60.90 17.91 -10.45
CA LEU C 85 -61.02 16.68 -9.64
C LEU C 85 -62.05 16.76 -8.53
N ALA C 86 -62.26 17.95 -8.02
CA ALA C 86 -63.19 18.17 -6.91
C ALA C 86 -64.43 18.90 -7.41
N HIS C 87 -65.57 18.59 -6.80
CA HIS C 87 -66.75 19.45 -6.90
C HIS C 87 -66.82 20.36 -5.68
N GLU C 88 -67.80 21.28 -5.66
CA GLU C 88 -67.96 22.24 -4.57
C GLU C 88 -67.77 21.66 -3.15
N ASP C 89 -68.21 20.42 -2.96
CA ASP C 89 -68.30 19.84 -1.61
C ASP C 89 -67.36 18.66 -1.32
N THR C 90 -66.32 18.54 -2.15
CA THR C 90 -65.34 17.48 -2.00
C THR C 90 -64.62 17.61 -0.66
N LEU C 91 -64.49 16.51 0.07
CA LEU C 91 -63.63 16.50 1.25
C LEU C 91 -62.19 16.43 0.76
N ILE C 92 -61.39 17.41 1.14
CA ILE C 92 -59.98 17.41 0.78
C ILE C 92 -59.12 17.18 2.02
N ILE C 93 -58.36 16.08 2.01
CA ILE C 93 -57.51 15.74 3.14
C ILE C 93 -56.05 15.90 2.76
N LEU C 94 -55.34 16.74 3.50
CA LEU C 94 -53.92 16.92 3.30
C LEU C 94 -53.20 15.89 4.14
N ALA C 95 -52.78 14.80 3.53
CA ALA C 95 -51.97 13.82 4.22
C ALA C 95 -50.53 14.22 4.06
N GLN C 96 -50.14 15.27 4.77
CA GLN C 96 -48.84 15.89 4.61
C GLN C 96 -48.34 16.29 5.98
N ASN C 97 -47.01 16.38 6.11
CA ASN C 97 -46.41 16.79 7.37
C ASN C 97 -46.69 18.27 7.64
N GLY C 98 -46.54 18.66 8.90
CA GLY C 98 -46.64 20.06 9.33
C GLY C 98 -48.03 20.68 9.25
N TYR C 99 -48.05 22.01 9.10
CA TYR C 99 -49.28 22.72 8.77
C TYR C 99 -49.06 23.53 7.50
N GLY C 100 -49.69 23.09 6.42
CA GLY C 100 -49.47 23.67 5.08
C GLY C 100 -50.16 24.97 4.77
N GLN C 101 -50.02 25.40 3.50
CA GLN C 101 -50.67 26.63 3.03
C GLN C 101 -52.09 26.29 2.62
N LEU C 102 -52.89 25.95 3.64
CA LEU C 102 -54.28 25.57 3.45
C LEU C 102 -55.11 26.70 2.86
N GLU C 103 -54.66 27.95 3.06
CA GLU C 103 -55.35 29.12 2.53
C GLU C 103 -55.23 29.23 1.00
N HIS C 104 -54.36 28.42 0.41
CA HIS C 104 -54.14 28.42 -1.04
C HIS C 104 -55.10 27.49 -1.81
N ILE C 105 -55.89 26.70 -1.07
CA ILE C 105 -56.84 25.73 -1.65
C ILE C 105 -58.29 26.28 -1.63
N PRO C 106 -58.84 26.60 -2.81
CA PRO C 106 -60.14 27.28 -2.90
C PRO C 106 -61.35 26.33 -2.78
N PHE C 107 -61.47 25.65 -1.63
CA PHE C 107 -62.61 24.73 -1.38
C PHE C 107 -63.11 24.78 0.06
N LYS C 108 -64.39 24.41 0.22
CA LYS C 108 -65.07 24.33 1.51
C LYS C 108 -64.41 23.40 2.52
N ASN C 109 -64.35 22.11 2.17
CA ASN C 109 -64.05 21.06 3.12
C ASN C 109 -62.59 20.64 3.05
N VAL C 110 -61.75 21.40 3.74
CA VAL C 110 -60.30 21.25 3.65
C VAL C 110 -59.71 20.92 5.03
N CYS C 111 -59.13 19.71 5.13
CA CYS C 111 -58.63 19.20 6.40
C CYS C 111 -57.16 18.79 6.40
N GLN C 112 -56.39 19.38 7.31
CA GLN C 112 -55.01 18.97 7.57
C GLN C 112 -55.01 17.72 8.44
N ALA C 113 -54.51 16.62 7.89
CA ALA C 113 -54.31 15.39 8.64
C ALA C 113 -52.94 15.37 9.36
N VAL C 114 -52.89 14.75 10.53
CA VAL C 114 -51.60 14.38 11.12
C VAL C 114 -51.32 12.96 10.68
N VAL C 115 -50.21 12.75 10.00
CA VAL C 115 -49.87 11.46 9.38
C VAL C 115 -48.88 10.63 10.20
N TYR C 116 -49.24 9.38 10.50
CA TYR C 116 -48.31 8.42 11.08
C TYR C 116 -48.30 7.21 10.19
N ILE C 117 -47.44 7.29 9.19
CA ILE C 117 -47.23 6.26 8.18
C ILE C 117 -45.77 6.46 7.72
N SER C 118 -44.93 5.45 7.94
CA SER C 118 -43.50 5.48 7.59
C SER C 118 -43.25 4.65 6.35
N GLY C 119 -42.42 5.17 5.46
CA GLY C 119 -42.11 4.46 4.24
C GLY C 119 -41.07 5.22 3.48
N GLN C 120 -40.60 4.64 2.39
CA GLN C 120 -39.64 5.30 1.53
C GLN C 120 -39.99 4.98 0.08
N LYS C 121 -39.68 5.90 -0.81
CA LYS C 121 -39.79 5.68 -2.25
C LYS C 121 -38.40 5.83 -2.87
N LYS C 122 -38.00 4.87 -3.68
CA LYS C 122 -36.80 4.96 -4.50
C LYS C 122 -37.21 4.56 -5.90
N GLY C 123 -37.19 5.50 -6.83
CA GLY C 123 -37.61 5.21 -8.20
C GLY C 123 -39.09 4.85 -8.24
N ASP C 124 -39.42 3.72 -8.85
CA ASP C 124 -40.82 3.28 -8.93
C ASP C 124 -41.12 2.23 -7.86
N VAL C 125 -40.34 2.25 -6.79
CA VAL C 125 -40.38 1.22 -5.78
C VAL C 125 -40.67 1.86 -4.45
N VAL C 126 -41.82 1.54 -3.88
CA VAL C 126 -42.20 2.09 -2.59
C VAL C 126 -42.19 0.95 -1.57
N THR C 127 -41.60 1.21 -0.40
CA THR C 127 -41.53 0.25 0.68
C THR C 127 -42.11 0.88 1.92
N HIS C 128 -43.22 0.34 2.39
CA HIS C 128 -43.78 0.82 3.63
C HIS C 128 -43.01 0.21 4.83
N PHE C 129 -42.87 0.95 5.92
CA PHE C 129 -42.18 0.43 7.12
C PHE C 129 -43.13 0.04 8.26
N ARG C 130 -43.95 0.99 8.68
CA ARG C 130 -44.70 0.96 9.93
C ARG C 130 -45.83 1.99 9.85
N ASP C 131 -47.01 1.58 10.32
CA ASP C 131 -48.13 2.45 10.72
C ASP C 131 -49.03 2.85 9.55
N TYR C 132 -50.29 3.14 9.87
CA TYR C 132 -51.32 3.44 8.86
C TYR C 132 -52.33 4.47 9.37
N GLN C 133 -51.89 5.40 10.20
CA GLN C 133 -52.82 6.24 10.93
C GLN C 133 -52.86 7.68 10.44
N LEU C 134 -54.09 8.16 10.23
CA LEU C 134 -54.35 9.56 9.94
C LEU C 134 -55.23 10.15 11.03
N ARG C 135 -54.82 11.30 11.56
CA ARG C 135 -55.66 12.02 12.53
C ARG C 135 -56.26 13.24 11.88
N ILE C 136 -57.56 13.43 12.09
CA ILE C 136 -58.28 14.59 11.50
C ILE C 136 -59.34 15.22 12.40
N GLN C 137 -59.62 16.48 12.11
CA GLN C 137 -60.66 17.22 12.81
C GLN C 137 -61.94 16.40 12.71
N ASP C 138 -62.56 16.14 13.86
CA ASP C 138 -63.89 15.53 13.87
C ASP C 138 -64.87 16.50 13.20
N ASN C 139 -65.43 16.07 12.09
CA ASN C 139 -66.67 16.63 11.55
C ASN C 139 -67.54 15.54 10.94
N ALA C 140 -68.61 15.96 10.29
CA ALA C 140 -69.59 15.03 9.73
C ALA C 140 -68.96 14.28 8.56
N LEU C 141 -68.30 15.00 7.66
CA LEU C 141 -67.71 14.39 6.47
C LEU C 141 -66.51 13.49 6.80
N THR C 142 -65.81 13.81 7.90
CA THR C 142 -64.76 12.91 8.38
C THR C 142 -65.36 11.72 9.12
N ARG C 143 -66.53 11.89 9.73
CA ARG C 143 -67.27 10.73 10.24
C ARG C 143 -67.60 9.74 9.12
N GLN C 144 -68.11 10.27 8.01
CA GLN C 144 -68.50 9.45 6.87
C GLN C 144 -67.31 8.69 6.37
N PHE C 145 -66.22 9.43 6.14
CA PHE C 145 -64.97 8.84 5.65
C PHE C 145 -64.44 7.77 6.61
N ARG C 146 -64.48 8.02 7.91
CA ARG C 146 -64.06 7.00 8.86
C ARG C 146 -64.90 5.73 8.72
N ASP C 147 -66.21 5.89 8.58
CA ASP C 147 -67.12 4.75 8.42
C ASP C 147 -66.85 4.01 7.10
N LEU C 148 -66.65 4.77 6.01
CA LEU C 148 -66.36 4.17 4.70
C LEU C 148 -65.10 3.28 4.67
N VAL C 149 -64.11 3.63 5.49
CA VAL C 149 -62.82 2.97 5.42
C VAL C 149 -62.64 1.97 6.58
N GLN C 150 -63.77 1.51 7.13
CA GLN C 150 -63.75 0.68 8.33
C GLN C 150 -63.18 -0.74 8.14
N ASP C 151 -63.14 -1.25 6.92
CA ASP C 151 -62.64 -2.61 6.66
C ASP C 151 -61.14 -2.66 6.31
N SER C 152 -60.57 -1.51 5.95
CA SER C 152 -59.14 -1.45 5.67
C SER C 152 -58.42 -1.29 6.99
N GLN C 153 -57.10 -1.38 6.97
CA GLN C 153 -56.36 -1.05 8.19
C GLN C 153 -55.93 0.41 8.30
N ILE C 154 -56.41 1.26 7.40
CA ILE C 154 -56.13 2.70 7.55
C ILE C 154 -56.88 3.23 8.76
N ASP C 155 -56.13 3.78 9.69
CA ASP C 155 -56.72 4.11 10.98
C ASP C 155 -57.06 5.60 11.12
N ILE C 156 -58.34 5.92 10.98
CA ILE C 156 -58.77 7.31 11.11
C ILE C 156 -59.14 7.64 12.54
N VAL C 157 -58.32 8.48 13.17
CA VAL C 157 -58.60 8.95 14.52
C VAL C 157 -59.22 10.35 14.45
N LEU C 158 -60.49 10.44 14.85
CA LEU C 158 -61.20 11.72 14.78
C LEU C 158 -60.99 12.51 16.07
N GLU C 159 -60.62 13.77 15.92
CA GLU C 159 -60.28 14.60 17.08
C GLU C 159 -61.14 15.83 17.26
N ALA C 160 -61.47 16.09 18.51
CA ALA C 160 -62.28 17.24 18.89
C ALA C 160 -61.63 18.51 18.35
N ASN C 161 -60.35 18.70 18.70
CA ASN C 161 -59.56 19.80 18.14
C ASN C 161 -58.27 19.24 17.55
N ILE C 162 -58.16 19.32 16.22
CA ILE C 162 -57.00 18.80 15.52
C ILE C 162 -55.73 19.61 15.81
N GLN C 163 -55.92 20.80 16.36
CA GLN C 163 -54.84 21.71 16.73
C GLN C 163 -53.79 21.06 17.62
N GLN C 164 -54.23 20.28 18.60
CA GLN C 164 -53.29 19.68 19.55
C GLN C 164 -52.41 18.62 18.89
N ALA C 165 -53.04 17.69 18.18
CA ALA C 165 -52.36 16.60 17.48
C ALA C 165 -51.39 17.12 16.43
N ILE C 166 -51.81 18.15 15.70
CA ILE C 166 -50.95 18.83 14.73
C ILE C 166 -49.69 19.39 15.41
N TRP C 167 -49.89 20.07 16.53
CA TRP C 167 -48.77 20.67 17.25
C TRP C 167 -47.82 19.67 17.91
N TYR C 168 -48.38 18.59 18.42
CA TYR C 168 -47.55 17.52 19.00
C TYR C 168 -46.61 16.88 17.95
N LYS C 169 -47.14 16.54 16.78
CA LYS C 169 -46.30 16.03 15.70
C LYS C 169 -45.28 17.03 15.18
N LEU C 170 -45.68 18.30 15.04
CA LEU C 170 -44.72 19.34 14.69
C LEU C 170 -43.54 19.33 15.64
N LEU C 171 -43.81 19.15 16.92
CA LEU C 171 -42.77 19.13 17.91
C LEU C 171 -41.86 17.90 17.76
N VAL C 172 -42.46 16.73 17.60
CA VAL C 172 -41.70 15.50 17.38
C VAL C 172 -40.71 15.69 16.23
N ASN C 173 -41.20 16.20 15.09
CA ASN C 173 -40.38 16.52 13.92
C ASN C 173 -39.38 17.64 14.18
N LEU C 174 -39.81 18.65 14.92
CA LEU C 174 -38.95 19.77 15.23
C LEU C 174 -37.60 19.31 15.76
N GLY C 175 -37.60 18.54 16.84
CA GLY C 175 -36.38 18.07 17.48
C GLY C 175 -35.51 17.18 16.60
N ILE C 176 -35.98 15.98 16.34
CA ILE C 176 -35.14 14.99 15.65
C ILE C 176 -34.86 15.31 14.16
N ASN C 177 -35.85 15.82 13.41
CA ASN C 177 -35.66 16.16 11.99
C ASN C 177 -34.68 17.28 11.76
N SER C 178 -34.64 18.24 12.67
CA SER C 178 -33.72 19.36 12.57
C SER C 178 -32.29 18.94 12.78
N ILE C 179 -32.10 18.12 13.80
CA ILE C 179 -30.78 17.76 14.25
C ILE C 179 -30.16 16.79 13.26
N THR C 180 -30.97 15.84 12.78
CA THR C 180 -30.45 14.92 11.79
C THR C 180 -30.16 15.65 10.48
N ALA C 181 -31.06 16.55 10.04
CA ALA C 181 -30.86 17.22 8.74
C ALA C 181 -29.67 18.16 8.75
N LEU C 182 -29.53 18.93 9.81
CA LEU C 182 -28.45 19.91 9.86
C LEU C 182 -27.16 19.20 10.16
N GLY C 183 -27.25 18.19 11.02
CA GLY C 183 -26.10 17.34 11.36
C GLY C 183 -25.67 16.46 10.19
N ARG C 184 -26.52 16.30 9.17
CA ARG C 184 -26.24 15.35 8.09
C ARG C 184 -25.97 13.97 8.66
N GLN C 185 -26.76 13.56 9.65
CA GLN C 185 -26.57 12.28 10.30
C GLN C 185 -27.87 11.52 10.57
N THR C 186 -27.71 10.23 10.74
CA THR C 186 -28.71 9.33 11.28
C THR C 186 -28.90 9.69 12.74
N VAL C 187 -29.85 9.05 13.40
CA VAL C 187 -30.13 9.28 14.83
C VAL C 187 -28.88 9.13 15.75
N ALA C 188 -27.92 8.31 15.32
CA ALA C 188 -26.64 8.15 16.03
C ALA C 188 -26.00 9.47 16.53
N ILE C 189 -26.34 10.61 15.90
CA ILE C 189 -25.83 11.92 16.34
C ILE C 189 -26.24 12.22 17.78
N MET C 190 -27.41 11.71 18.16
CA MET C 190 -27.87 11.82 19.57
C MET C 190 -26.89 11.17 20.58
N HIS C 191 -25.87 10.44 20.13
CA HIS C 191 -24.79 10.04 21.07
C HIS C 191 -24.03 11.20 21.72
N ASN C 192 -23.96 12.33 21.03
CA ASN C 192 -23.34 13.55 21.57
C ASN C 192 -24.27 14.16 22.62
N PRO C 193 -23.74 14.44 23.84
CA PRO C 193 -24.56 15.06 24.90
C PRO C 193 -24.99 16.48 24.57
N GLU C 194 -24.12 17.22 23.89
CA GLU C 194 -24.43 18.59 23.46
C GLU C 194 -25.62 18.62 22.50
N ILE C 195 -25.75 17.56 21.70
CA ILE C 195 -26.86 17.41 20.79
C ILE C 195 -28.17 17.10 21.52
N ARG C 196 -28.10 16.29 22.57
CA ARG C 196 -29.30 15.95 23.34
C ARG C 196 -29.79 17.17 24.08
N ILE C 197 -28.85 17.94 24.63
CA ILE C 197 -29.15 19.22 25.25
C ILE C 197 -29.80 20.18 24.23
N LEU C 198 -29.16 20.36 23.09
CA LEU C 198 -29.72 21.20 22.02
C LEU C 198 -31.11 20.73 21.61
N CYS C 199 -31.26 19.42 21.40
CA CYS C 199 -32.56 18.86 21.04
C CYS C 199 -33.62 19.22 22.08
N ARG C 200 -33.30 19.10 23.36
CA ARG C 200 -34.24 19.51 24.40
C ARG C 200 -34.52 21.01 24.35
N GLN C 201 -33.49 21.82 24.20
CA GLN C 201 -33.69 23.29 24.13
C GLN C 201 -34.61 23.71 22.96
N LEU C 202 -34.45 23.03 21.84
CA LEU C 202 -35.30 23.20 20.67
C LEU C 202 -36.75 22.82 20.96
N LEU C 203 -36.98 21.68 21.61
CA LEU C 203 -38.35 21.29 21.99
C LEU C 203 -39.00 22.33 22.92
N LEU C 204 -38.25 22.83 23.90
CA LEU C 204 -38.71 23.90 24.78
C LEU C 204 -39.14 25.17 23.99
N ASP C 205 -38.31 25.64 23.06
CA ASP C 205 -38.71 26.74 22.17
C ASP C 205 -40.07 26.44 21.53
N GLY C 206 -40.21 25.24 20.95
CA GLY C 206 -41.43 24.85 20.24
C GLY C 206 -42.62 24.80 21.18
N CYS C 207 -42.36 24.33 22.40
CA CYS C 207 -43.37 24.36 23.46
C CYS C 207 -43.84 25.77 23.82
N ARG C 208 -42.90 26.71 23.93
CA ARG C 208 -43.24 28.08 24.29
C ARG C 208 -44.11 28.73 23.21
N VAL C 209 -43.92 28.30 21.96
CA VAL C 209 -44.78 28.71 20.85
C VAL C 209 -46.15 28.03 20.97
N ALA C 210 -46.19 26.75 21.30
CA ALA C 210 -47.48 26.09 21.44
C ALA C 210 -48.28 26.66 22.63
N GLN C 211 -47.56 27.12 23.66
CA GLN C 211 -48.17 27.84 24.78
C GLN C 211 -48.79 29.17 24.32
N ALA C 212 -48.05 29.92 23.50
CA ALA C 212 -48.53 31.19 22.97
C ALA C 212 -49.78 31.00 22.10
N GLU C 213 -49.93 29.81 21.53
CA GLU C 213 -51.06 29.50 20.67
C GLU C 213 -52.18 28.85 21.48
N GLY C 214 -52.00 28.82 22.79
CA GLY C 214 -53.04 28.34 23.72
C GLY C 214 -53.19 26.84 23.90
N LEU C 215 -52.08 26.09 23.82
CA LEU C 215 -52.08 24.65 24.13
C LEU C 215 -51.36 24.38 25.46
N ASN C 216 -51.70 23.27 26.11
CA ASN C 216 -51.14 22.96 27.43
C ASN C 216 -49.91 22.02 27.39
N PHE C 217 -48.91 22.38 26.58
CA PHE C 217 -47.66 21.61 26.54
C PHE C 217 -46.69 22.14 27.56
N SER C 218 -45.93 21.22 28.15
CA SER C 218 -45.03 21.57 29.25
C SER C 218 -43.71 20.83 29.13
N GLU C 219 -42.82 21.05 30.10
CA GLU C 219 -41.59 20.29 30.21
C GLU C 219 -41.87 18.79 30.13
N GLN C 220 -42.97 18.36 30.75
CA GLN C 220 -43.33 16.96 30.75
C GLN C 220 -43.66 16.47 29.34
N THR C 221 -44.31 17.31 28.53
CA THR C 221 -44.53 17.00 27.11
C THR C 221 -43.18 16.80 26.39
N VAL C 222 -42.23 17.70 26.63
CA VAL C 222 -40.87 17.57 26.09
C VAL C 222 -40.21 16.25 26.53
N ASP C 223 -40.21 15.96 27.83
CA ASP C 223 -39.76 14.67 28.38
C ASP C 223 -40.30 13.45 27.64
N THR C 224 -41.59 13.49 27.29
CA THR C 224 -42.24 12.38 26.58
C THR C 224 -41.62 12.21 25.20
N ILE C 225 -41.47 13.34 24.48
CA ILE C 225 -40.86 13.34 23.16
C ILE C 225 -39.39 12.87 23.19
N MET C 226 -38.59 13.39 24.11
CA MET C 226 -37.19 12.94 24.26
C MET C 226 -37.12 11.42 24.53
N THR C 227 -38.22 10.91 25.11
CA THR C 227 -38.35 9.49 25.38
C THR C 227 -38.63 8.69 24.10
N ILE C 228 -39.48 9.23 23.22
CA ILE C 228 -39.66 8.63 21.90
C ILE C 228 -38.32 8.55 21.17
N TYR C 229 -37.51 9.60 21.29
CA TYR C 229 -36.24 9.67 20.56
C TYR C 229 -35.26 8.56 20.99
N GLN C 230 -35.22 8.28 22.30
CA GLN C 230 -34.42 7.18 22.87
C GLN C 230 -34.74 5.80 22.27
N GLY C 231 -35.98 5.58 21.88
CA GLY C 231 -36.39 4.31 21.27
C GLY C 231 -36.02 4.15 19.80
N TYR C 232 -35.33 5.12 19.20
CA TYR C 232 -35.00 5.01 17.78
C TYR C 232 -33.69 4.26 17.53
N PRO C 233 -33.65 3.39 16.50
CA PRO C 233 -32.41 2.76 16.08
C PRO C 233 -31.37 3.83 15.73
N ASP C 234 -30.10 3.58 16.06
CA ASP C 234 -29.02 4.54 15.78
C ASP C 234 -28.88 4.85 14.28
N GLU C 235 -29.33 3.94 13.42
CA GLU C 235 -29.19 4.10 11.97
C GLU C 235 -30.44 4.70 11.31
N MET C 236 -31.43 5.07 12.11
CA MET C 236 -32.64 5.65 11.56
C MET C 236 -32.30 6.98 10.91
N GLY C 237 -32.77 7.18 9.68
CA GLY C 237 -32.65 8.47 9.03
C GLY C 237 -34.06 9.01 8.85
N THR C 238 -34.25 10.31 9.15
CA THR C 238 -35.57 10.98 9.06
C THR C 238 -35.86 11.46 7.65
N SER C 239 -37.11 11.84 7.40
CA SER C 239 -37.47 12.37 6.09
C SER C 239 -36.66 13.63 5.71
N MET C 240 -36.49 14.58 6.61
CA MET C 240 -35.68 15.77 6.30
C MET C 240 -34.21 15.42 6.04
N TYR C 241 -33.68 14.50 6.84
CA TYR C 241 -32.33 13.97 6.62
C TYR C 241 -32.17 13.40 5.21
N TYR C 242 -33.10 12.54 4.78
CA TYR C 242 -33.03 11.98 3.41
C TYR C 242 -33.02 13.06 2.37
N ASP C 243 -33.97 13.97 2.49
CA ASP C 243 -34.11 15.08 1.55
C ASP C 243 -32.81 15.89 1.45
N ILE C 244 -32.25 16.31 2.59
CA ILE C 244 -31.00 17.10 2.55
C ILE C 244 -29.78 16.36 1.95
N VAL C 245 -29.65 15.08 2.31
CA VAL C 245 -28.56 14.22 1.83
C VAL C 245 -28.66 13.95 0.33
N HIS C 246 -29.88 13.82 -0.20
CA HIS C 246 -30.10 13.61 -1.64
C HIS C 246 -30.24 14.92 -2.43
N GLN C 247 -29.97 16.03 -1.77
CA GLN C 247 -30.01 17.37 -2.38
C GLN C 247 -31.39 17.72 -2.94
N GLN C 248 -32.42 17.38 -2.18
CA GLN C 248 -33.79 17.66 -2.57
C GLN C 248 -34.28 18.85 -1.79
N PRO C 249 -35.35 19.51 -2.26
CA PRO C 249 -35.97 20.53 -1.42
C PRO C 249 -36.54 19.89 -0.16
N LEU C 250 -36.59 20.68 0.90
CA LEU C 250 -37.06 20.26 2.22
C LEU C 250 -38.51 20.68 2.39
N GLU C 251 -39.15 20.14 3.42
CA GLU C 251 -40.49 20.53 3.77
C GLU C 251 -40.41 21.50 4.93
N VAL C 252 -39.34 22.31 4.94
CA VAL C 252 -39.05 23.19 6.08
C VAL C 252 -40.18 24.20 6.37
N GLU C 253 -40.78 24.74 5.32
CA GLU C 253 -41.74 25.83 5.48
C GLU C 253 -42.99 25.43 6.25
N ALA C 254 -43.41 24.19 6.14
CA ALA C 254 -44.64 23.73 6.76
C ALA C 254 -44.36 23.27 8.18
N ILE C 255 -43.08 23.12 8.49
CA ILE C 255 -42.69 22.57 9.77
C ILE C 255 -41.98 23.62 10.64
N GLN C 256 -40.65 23.76 10.48
CA GLN C 256 -39.89 24.76 11.26
C GLN C 256 -40.26 26.16 10.81
N GLY C 257 -40.57 26.32 9.53
CA GLY C 257 -41.01 27.60 8.97
C GLY C 257 -42.28 28.07 9.66
N PHE C 258 -43.29 27.20 9.70
CA PHE C 258 -44.56 27.49 10.34
C PHE C 258 -44.41 27.97 11.77
N ILE C 259 -43.70 27.18 12.58
CA ILE C 259 -43.53 27.46 14.01
C ILE C 259 -42.77 28.76 14.20
N TYR C 260 -41.82 28.99 13.30
CA TYR C 260 -41.01 30.18 13.36
C TYR C 260 -41.86 31.42 13.14
N ARG C 261 -42.77 31.34 12.19
CA ARG C 261 -43.69 32.46 11.89
C ARG C 261 -44.64 32.72 13.05
N ARG C 262 -45.12 31.64 13.67
CA ARG C 262 -45.99 31.83 14.83
C ARG C 262 -45.20 32.40 16.02
N ALA C 263 -43.91 32.10 16.11
CA ALA C 263 -43.09 32.66 17.19
C ALA C 263 -42.87 34.15 17.03
N ARG C 264 -42.62 34.57 15.80
CA ARG C 264 -42.46 35.97 15.44
C ARG C 264 -43.75 36.77 15.63
N GLU C 265 -44.88 36.15 15.28
CA GLU C 265 -46.21 36.72 15.45
C GLU C 265 -46.48 37.08 16.90
N HIS C 266 -46.18 36.17 17.82
CA HIS C 266 -46.40 36.41 19.24
C HIS C 266 -45.21 37.12 19.89
N ASN C 267 -44.25 37.53 19.05
CA ASN C 267 -43.05 38.21 19.54
C ASN C 267 -42.27 37.45 20.60
N LEU C 268 -42.03 36.16 20.40
CA LEU C 268 -41.31 35.36 21.42
C LEU C 268 -39.80 35.32 21.20
N ASP C 269 -39.05 35.00 22.27
CA ASP C 269 -37.61 34.84 22.18
C ASP C 269 -37.29 33.35 22.09
N THR C 270 -36.93 32.93 20.88
CA THR C 270 -36.75 31.52 20.58
C THR C 270 -35.41 31.30 19.86
N PRO C 271 -34.27 31.47 20.59
CA PRO C 271 -32.98 31.43 19.93
C PRO C 271 -32.65 30.09 19.23
N TYR C 272 -33.05 28.95 19.81
CA TYR C 272 -32.70 27.64 19.22
C TYR C 272 -33.46 27.44 17.94
N LEU C 273 -34.76 27.72 17.99
CA LEU C 273 -35.63 27.57 16.83
C LEU C 273 -35.12 28.44 15.69
N ASP C 274 -34.73 29.66 16.04
CA ASP C 274 -34.31 30.65 15.07
C ASP C 274 -33.05 30.21 14.34
N THR C 275 -32.10 29.60 15.06
CA THR C 275 -30.85 29.28 14.40
C THR C 275 -31.03 28.11 13.44
N ILE C 276 -31.91 27.20 13.82
CA ILE C 276 -32.12 25.97 13.08
C ILE C 276 -32.82 26.34 11.79
N TYR C 277 -33.80 27.22 11.91
CA TYR C 277 -34.59 27.60 10.76
C TYR C 277 -33.74 28.40 9.76
N SER C 278 -32.93 29.35 10.23
CA SER C 278 -31.99 30.07 9.33
C SER C 278 -31.20 29.13 8.42
N PHE C 279 -30.51 28.15 9.00
CA PHE C 279 -29.76 27.18 8.19
C PHE C 279 -30.69 26.40 7.26
N LEU C 280 -31.83 25.95 7.78
CA LEU C 280 -32.72 25.15 6.95
C LEU C 280 -33.23 25.98 5.75
N ARG C 281 -33.61 27.21 6.05
CA ARG C 281 -33.99 28.21 5.08
C ARG C 281 -32.88 28.44 4.04
N ALA C 282 -31.64 28.64 4.52
CA ALA C 282 -30.52 28.88 3.61
C ALA C 282 -30.26 27.69 2.70
N TYR C 283 -30.40 26.49 3.23
CA TYR C 283 -30.29 25.34 2.36
C TYR C 283 -31.35 25.35 1.28
N GLN C 284 -32.57 25.76 1.64
CA GLN C 284 -33.70 25.75 0.72
C GLN C 284 -33.57 26.79 -0.35
N GLN C 285 -33.14 27.99 0.04
CA GLN C 285 -32.94 29.05 -0.92
C GLN C 285 -31.91 28.64 -1.97
N ASN C 286 -30.85 27.98 -1.53
CA ASN C 286 -29.77 27.52 -2.39
C ASN C 286 -30.28 26.45 -3.35
N GLU C 287 -31.06 25.52 -2.81
CA GLU C 287 -31.77 24.50 -3.58
C GLU C 287 -32.94 25.15 -4.33
N SER D 4 65.21 2.42 14.09
CA SER D 4 64.33 1.19 14.11
C SER D 4 63.04 1.29 14.97
N VAL D 5 61.90 1.13 14.29
CA VAL D 5 60.56 1.41 14.81
C VAL D 5 59.60 0.31 14.39
N ALA D 6 58.84 -0.23 15.33
CA ALA D 6 57.72 -1.09 15.00
C ALA D 6 56.41 -0.48 15.46
N ILE D 7 55.31 -0.82 14.77
CA ILE D 7 53.95 -0.46 15.17
C ILE D 7 53.14 -1.73 15.31
N ILE D 8 52.59 -1.94 16.50
CA ILE D 8 51.80 -3.12 16.73
C ILE D 8 50.36 -2.66 16.73
N GLY D 9 49.56 -3.29 15.89
CA GLY D 9 48.14 -2.98 15.77
C GLY D 9 47.84 -2.30 14.45
N PRO D 10 47.48 -3.08 13.40
CA PRO D 10 47.14 -2.53 12.10
C PRO D 10 45.69 -2.04 12.05
N GLY D 11 45.30 -1.19 12.99
CA GLY D 11 43.95 -0.58 12.99
C GLY D 11 44.05 0.72 12.24
N ALA D 12 43.09 1.64 12.42
CA ALA D 12 43.16 2.93 11.71
C ALA D 12 44.42 3.72 12.05
N VAL D 13 44.68 3.86 13.34
CA VAL D 13 45.80 4.66 13.85
C VAL D 13 47.14 4.03 13.51
N GLY D 14 47.27 2.74 13.80
CA GLY D 14 48.51 2.00 13.56
C GLY D 14 48.92 2.02 12.12
N THR D 15 47.94 1.84 11.23
CA THR D 15 48.20 1.82 9.80
C THR D 15 48.63 3.18 9.29
N THR D 16 47.96 4.24 9.76
CA THR D 16 48.30 5.59 9.37
C THR D 16 49.73 5.87 9.79
N ILE D 17 50.04 5.57 11.06
CA ILE D 17 51.37 5.83 11.54
C ILE D 17 52.42 5.09 10.71
N ALA D 18 52.17 3.80 10.47
CA ALA D 18 53.11 2.98 9.71
C ALA D 18 53.29 3.51 8.28
N TYR D 19 52.19 3.75 7.59
CA TYR D 19 52.28 4.28 6.24
C TYR D 19 53.12 5.57 6.18
N GLU D 20 52.79 6.51 7.03
CA GLU D 20 53.46 7.83 7.03
C GLU D 20 54.95 7.76 7.35
N LEU D 21 55.33 6.89 8.30
CA LEU D 21 56.74 6.71 8.68
C LEU D 21 57.55 5.94 7.64
N GLN D 22 56.92 4.96 7.02
CA GLN D 22 57.59 4.14 6.01
C GLN D 22 58.13 4.88 4.77
N GLN D 23 57.58 6.06 4.48
CA GLN D 23 58.04 6.83 3.35
C GLN D 23 59.51 7.20 3.54
N SER D 24 59.87 7.68 4.72
CA SER D 24 61.28 8.03 4.99
C SER D 24 62.04 6.94 5.76
N LEU D 25 61.34 6.10 6.51
CA LEU D 25 61.95 5.07 7.33
C LEU D 25 61.40 3.71 6.90
N PRO D 26 61.87 3.20 5.74
CA PRO D 26 61.29 2.00 5.09
C PRO D 26 61.40 0.70 5.88
N HIS D 27 62.22 0.61 6.92
CA HIS D 27 62.26 -0.60 7.76
C HIS D 27 61.22 -0.58 8.86
N THR D 28 60.53 0.56 9.02
CA THR D 28 59.42 0.61 9.96
C THR D 28 58.52 -0.61 9.69
N THR D 29 58.16 -1.32 10.74
CA THR D 29 57.44 -2.56 10.54
C THR D 29 56.09 -2.50 11.22
N LEU D 30 55.05 -2.90 10.48
CA LEU D 30 53.72 -2.97 11.00
C LEU D 30 53.40 -4.38 11.38
N ILE D 31 53.08 -4.58 12.67
CA ILE D 31 52.90 -5.90 13.24
C ILE D 31 51.47 -6.19 13.64
N GLY D 32 51.00 -7.39 13.28
CA GLY D 32 49.64 -7.82 13.64
C GLY D 32 49.68 -9.26 14.11
N ARG D 33 48.51 -9.83 14.40
CA ARG D 33 48.39 -11.24 14.69
C ARG D 33 48.90 -12.14 13.55
N HIS D 34 48.51 -11.83 12.32
CA HIS D 34 48.87 -12.59 11.10
C HIS D 34 49.36 -11.73 9.96
N ALA D 35 50.34 -12.24 9.21
CA ALA D 35 50.81 -11.58 7.99
C ALA D 35 49.66 -11.36 7.01
N LYS D 36 49.66 -10.21 6.36
CA LYS D 36 48.63 -9.90 5.35
C LYS D 36 48.87 -8.52 4.74
N THR D 37 48.06 -8.16 3.73
CA THR D 37 48.22 -6.88 3.04
C THR D 37 47.00 -6.05 3.30
N ILE D 38 47.22 -4.80 3.65
CA ILE D 38 46.13 -3.86 3.93
C ILE D 38 46.03 -2.86 2.79
N THR D 39 44.81 -2.48 2.45
CA THR D 39 44.58 -1.35 1.57
C THR D 39 44.45 -0.08 2.42
N TYR D 40 45.28 0.93 2.13
CA TYR D 40 45.26 2.20 2.84
C TYR D 40 44.91 3.41 1.94
N TYR D 41 44.05 4.29 2.45
CA TYR D 41 43.72 5.56 1.79
C TYR D 41 44.13 6.70 2.69
N THR D 42 45.01 7.56 2.19
CA THR D 42 45.49 8.73 2.94
C THR D 42 44.31 9.64 3.31
N VAL D 43 43.28 9.58 2.47
CA VAL D 43 42.10 10.43 2.58
C VAL D 43 41.01 9.77 1.72
N PRO D 44 39.73 9.90 2.08
CA PRO D 44 38.73 9.24 1.23
C PRO D 44 38.86 9.62 -0.24
N HIS D 45 38.71 8.63 -1.11
CA HIS D 45 38.79 8.72 -2.59
C HIS D 45 40.18 8.89 -3.16
N ALA D 46 41.18 9.04 -2.30
CA ALA D 46 42.57 9.08 -2.77
C ALA D 46 42.84 7.75 -3.42
N PRO D 47 43.85 7.66 -4.31
CA PRO D 47 44.17 6.33 -4.86
C PRO D 47 44.73 5.39 -3.77
N ALA D 48 44.48 4.09 -3.94
CA ALA D 48 44.79 3.05 -2.97
C ALA D 48 46.28 2.74 -2.88
N GLN D 49 46.75 2.52 -1.65
CA GLN D 49 48.11 2.07 -1.42
C GLN D 49 48.12 0.82 -0.56
N ASP D 50 49.01 -0.09 -0.90
CA ASP D 50 49.19 -1.33 -0.17
C ASP D 50 50.10 -1.17 1.01
N ILE D 51 49.66 -1.67 2.15
CA ILE D 51 50.58 -1.79 3.26
C ILE D 51 50.65 -3.23 3.81
N VAL D 52 51.86 -3.68 4.03
CA VAL D 52 52.13 -5.04 4.42
C VAL D 52 52.05 -5.20 5.95
N VAL D 53 51.47 -6.30 6.40
CA VAL D 53 51.38 -6.57 7.83
C VAL D 53 52.15 -7.82 8.15
N LYS D 54 53.00 -7.75 9.16
CA LYS D 54 53.76 -8.90 9.62
C LYS D 54 53.16 -9.52 10.90
N GLY D 55 53.18 -10.85 10.98
CA GLY D 55 52.69 -11.58 12.17
C GLY D 55 53.74 -11.52 13.26
N TYR D 56 53.31 -11.60 14.53
CA TYR D 56 54.25 -11.77 15.66
C TYR D 56 55.26 -12.88 15.34
N GLU D 57 54.76 -14.04 14.91
CA GLU D 57 55.62 -15.19 14.53
C GLU D 57 56.72 -14.83 13.52
N ASP D 58 56.41 -13.92 12.62
CA ASP D 58 57.25 -13.64 11.46
C ASP D 58 58.41 -12.71 11.73
N VAL D 59 58.46 -12.17 12.93
CA VAL D 59 59.35 -11.05 13.27
C VAL D 59 60.62 -11.60 13.87
N THR D 60 61.77 -11.23 13.33
CA THR D 60 63.03 -11.80 13.85
C THR D 60 64.04 -10.79 14.38
N ASN D 61 63.64 -9.52 14.50
CA ASN D 61 64.52 -8.55 15.11
C ASN D 61 63.86 -7.85 16.32
N THR D 62 64.65 -7.03 17.02
CA THR D 62 64.11 -6.19 18.07
C THR D 62 64.13 -4.77 17.59
N PHE D 63 63.50 -3.86 18.33
CA PHE D 63 63.29 -2.48 17.84
C PHE D 63 63.65 -1.46 18.88
N ASP D 64 64.21 -0.34 18.44
CA ASP D 64 64.48 0.81 19.34
C ASP D 64 63.20 1.51 19.85
N VAL D 65 62.16 1.52 19.01
CA VAL D 65 60.89 2.18 19.34
C VAL D 65 59.72 1.23 19.01
N ILE D 66 58.81 1.05 19.96
CA ILE D 66 57.57 0.33 19.69
C ILE D 66 56.33 1.17 20.01
N ILE D 67 55.55 1.47 18.97
CA ILE D 67 54.29 2.16 19.08
C ILE D 67 53.19 1.13 19.10
N ILE D 68 52.47 1.05 20.21
CA ILE D 68 51.37 0.12 20.38
C ILE D 68 50.11 0.87 20.06
N ALA D 69 49.38 0.40 19.06
CA ALA D 69 48.19 1.11 18.59
C ALA D 69 46.94 0.24 18.52
N VAL D 70 46.87 -0.77 19.36
CA VAL D 70 45.73 -1.68 19.36
C VAL D 70 44.64 -0.99 20.20
N LYS D 71 43.42 -1.52 20.22
CA LYS D 71 42.42 -0.93 21.10
C LYS D 71 42.83 -1.14 22.56
N THR D 72 42.36 -0.25 23.43
CA THR D 72 42.77 -0.29 24.83
C THR D 72 42.53 -1.62 25.46
N HIS D 73 41.40 -2.26 25.13
CA HIS D 73 41.07 -3.55 25.71
C HIS D 73 41.93 -4.71 25.13
N GLN D 74 42.78 -4.42 24.14
CA GLN D 74 43.62 -5.43 23.50
C GLN D 74 45.06 -5.33 24.03
N LEU D 75 45.31 -4.36 24.90
CA LEU D 75 46.66 -4.10 25.37
C LEU D 75 47.25 -5.32 26.08
N ASP D 76 46.48 -5.89 26.99
CA ASP D 76 46.96 -7.03 27.76
C ASP D 76 47.43 -8.18 26.88
N ALA D 77 46.81 -8.35 25.72
CA ALA D 77 47.20 -9.41 24.79
C ALA D 77 48.48 -9.10 24.01
N VAL D 78 48.86 -7.84 23.93
CA VAL D 78 50.07 -7.45 23.27
C VAL D 78 51.29 -7.65 24.18
N ILE D 79 51.13 -7.39 25.47
CA ILE D 79 52.26 -7.28 26.42
C ILE D 79 53.25 -8.46 26.38
N PRO D 80 52.76 -9.72 26.38
CA PRO D 80 53.65 -10.87 26.29
C PRO D 80 54.64 -10.88 25.12
N HIS D 81 54.30 -10.17 24.02
CA HIS D 81 55.14 -10.24 22.81
C HIS D 81 56.33 -9.32 22.92
N LEU D 82 56.21 -8.34 23.81
CA LEU D 82 57.22 -7.28 24.00
C LEU D 82 58.64 -7.77 24.38
N THR D 83 58.72 -8.89 25.10
CA THR D 83 60.03 -9.43 25.49
C THR D 83 60.85 -9.76 24.28
N TYR D 84 60.17 -10.19 23.23
CA TYR D 84 60.81 -10.68 22.02
C TYR D 84 61.09 -9.56 21.01
N LEU D 85 60.40 -8.42 21.19
CA LEU D 85 60.45 -7.31 20.22
C LEU D 85 61.33 -6.16 20.68
N ALA D 86 61.60 -6.09 21.98
CA ALA D 86 62.24 -4.94 22.60
C ALA D 86 63.56 -5.26 23.28
N HIS D 87 64.44 -4.26 23.42
CA HIS D 87 65.49 -4.24 24.44
C HIS D 87 65.06 -3.34 25.64
N GLU D 88 65.76 -3.41 26.77
CA GLU D 88 65.28 -2.66 27.94
C GLU D 88 65.53 -1.14 27.80
N ASP D 89 66.18 -0.74 26.70
CA ASP D 89 66.34 0.66 26.31
C ASP D 89 65.20 1.17 25.41
N THR D 90 64.25 0.28 25.12
CA THR D 90 63.28 0.53 24.05
C THR D 90 62.19 1.50 24.47
N LEU D 91 61.96 2.50 23.63
CA LEU D 91 60.83 3.40 23.85
C LEU D 91 59.54 2.72 23.42
N ILE D 92 58.71 2.39 24.40
CA ILE D 92 57.34 1.91 24.16
C ILE D 92 56.34 3.08 24.29
N ILE D 93 55.68 3.38 23.18
CA ILE D 93 54.69 4.45 23.12
C ILE D 93 53.32 3.82 22.95
N LEU D 94 52.39 4.21 23.83
CA LEU D 94 50.99 3.82 23.71
C LEU D 94 50.21 4.84 22.87
N ALA D 95 50.05 4.57 21.58
CA ALA D 95 49.18 5.41 20.76
C ALA D 95 47.73 4.89 20.84
N GLN D 96 47.13 5.08 22.01
CA GLN D 96 45.80 4.57 22.32
C GLN D 96 45.02 5.65 23.09
N ASN D 97 43.69 5.55 23.11
CA ASN D 97 42.85 6.51 23.86
C ASN D 97 42.95 6.33 25.37
N GLY D 98 42.58 7.38 26.09
CA GLY D 98 42.45 7.32 27.53
C GLY D 98 43.78 7.12 28.20
N TYR D 99 43.74 6.52 29.38
CA TYR D 99 44.92 6.18 30.14
C TYR D 99 44.70 4.77 30.62
N GLY D 100 45.43 3.83 29.98
CA GLY D 100 45.24 2.42 30.23
C GLY D 100 46.10 1.90 31.38
N GLN D 101 46.40 0.61 31.30
CA GLN D 101 47.19 -0.03 32.34
C GLN D 101 48.66 0.00 31.97
N LEU D 102 49.27 1.16 32.11
CA LEU D 102 50.69 1.30 31.86
C LEU D 102 51.51 0.53 32.87
N GLU D 103 50.85 0.14 33.96
CA GLU D 103 51.52 -0.52 35.05
C GLU D 103 51.66 -2.02 34.74
N HIS D 104 51.05 -2.44 33.65
CA HIS D 104 51.16 -3.84 33.20
C HIS D 104 52.40 -4.08 32.30
N ILE D 105 53.12 -3.01 31.97
CA ILE D 105 54.18 -3.09 30.97
C ILE D 105 55.58 -3.02 31.61
N PRO D 106 56.29 -4.17 31.65
CA PRO D 106 57.51 -4.38 32.45
C PRO D 106 58.79 -3.81 31.82
N PHE D 107 58.75 -2.52 31.47
CA PHE D 107 59.86 -1.85 30.80
C PHE D 107 60.00 -0.47 31.38
N LYS D 108 61.19 0.12 31.29
CA LYS D 108 61.51 1.42 31.89
C LYS D 108 60.84 2.58 31.17
N ASN D 109 60.99 2.58 29.86
CA ASN D 109 60.66 3.72 29.01
C ASN D 109 59.30 3.59 28.34
N VAL D 110 58.25 3.67 29.14
CA VAL D 110 56.90 3.52 28.69
C VAL D 110 56.17 4.86 28.74
N CYS D 111 55.56 5.25 27.62
CA CYS D 111 54.92 6.56 27.50
C CYS D 111 53.52 6.49 26.93
N GLN D 112 52.58 7.15 27.61
CA GLN D 112 51.23 7.34 27.09
C GLN D 112 51.21 8.49 26.09
N ALA D 113 50.92 8.20 24.83
CA ALA D 113 50.67 9.26 23.85
C ALA D 113 49.24 9.80 23.95
N VAL D 114 49.03 11.02 23.47
CA VAL D 114 47.69 11.52 23.22
C VAL D 114 47.57 11.51 21.71
N VAL D 115 46.55 10.83 21.21
CA VAL D 115 46.44 10.61 19.77
C VAL D 115 45.41 11.52 19.16
N TYR D 116 45.82 12.26 18.14
CA TYR D 116 44.88 13.04 17.33
C TYR D 116 45.07 12.65 15.87
N ILE D 117 44.44 11.53 15.51
CA ILE D 117 44.55 10.91 14.20
C ILE D 117 43.22 10.22 13.93
N SER D 118 42.47 10.69 12.94
CA SER D 118 41.19 10.08 12.69
C SER D 118 41.14 9.28 11.40
N GLY D 119 40.48 8.13 11.48
CA GLY D 119 40.27 7.26 10.34
C GLY D 119 39.39 6.09 10.78
N GLN D 120 39.15 5.15 9.88
CA GLN D 120 38.43 3.93 10.24
C GLN D 120 38.93 2.72 9.47
N LYS D 121 38.84 1.56 10.11
CA LYS D 121 39.18 0.30 9.49
C LYS D 121 37.89 -0.43 9.17
N LYS D 122 37.79 -0.94 7.96
CA LYS D 122 36.63 -1.73 7.56
C LYS D 122 37.15 -2.95 6.80
N GLY D 123 37.06 -4.12 7.44
CA GLY D 123 37.72 -5.32 6.91
C GLY D 123 39.22 -5.08 6.87
N ASP D 124 39.82 -5.24 5.70
CA ASP D 124 41.23 -4.93 5.47
C ASP D 124 41.48 -3.56 4.81
N VAL D 125 40.44 -2.72 4.79
CA VAL D 125 40.56 -1.37 4.23
C VAL D 125 40.67 -0.36 5.38
N VAL D 126 41.74 0.44 5.38
CA VAL D 126 41.87 1.54 6.31
C VAL D 126 41.74 2.83 5.53
N THR D 127 40.90 3.73 6.00
CA THR D 127 40.78 5.05 5.41
C THR D 127 41.05 6.08 6.50
N HIS D 128 42.11 6.86 6.31
CA HIS D 128 42.48 7.98 7.17
C HIS D 128 41.60 9.19 6.86
N PHE D 129 41.26 9.99 7.87
CA PHE D 129 40.46 11.19 7.63
C PHE D 129 41.26 12.50 7.83
N ARG D 130 41.83 12.70 9.01
CA ARG D 130 42.55 13.93 9.32
C ARG D 130 43.54 13.71 10.46
N ASP D 131 44.62 14.49 10.45
CA ASP D 131 45.53 14.67 11.58
C ASP D 131 46.52 13.51 11.70
N TYR D 132 47.69 13.82 12.23
CA TYR D 132 48.78 12.89 12.29
C TYR D 132 49.52 13.16 13.56
N GLN D 133 48.80 13.55 14.60
CA GLN D 133 49.47 14.06 15.77
C GLN D 133 49.50 13.10 16.93
N LEU D 134 50.70 12.96 17.48
CA LEU D 134 50.91 12.32 18.75
C LEU D 134 51.56 13.31 19.73
N ARG D 135 50.95 13.49 20.89
CA ARG D 135 51.52 14.26 21.97
C ARG D 135 52.03 13.28 23.02
N ILE D 136 53.28 13.49 23.45
CA ILE D 136 54.00 12.60 24.37
C ILE D 136 54.80 13.40 25.40
N GLN D 137 54.98 12.82 26.60
CA GLN D 137 55.94 13.33 27.61
C GLN D 137 57.30 13.62 27.01
N ASP D 138 57.75 14.86 27.15
CA ASP D 138 59.10 15.29 26.77
C ASP D 138 60.16 14.59 27.64
N ASN D 139 61.15 14.01 26.97
CA ASN D 139 62.35 13.43 27.60
C ASN D 139 63.39 13.15 26.52
N ALA D 140 64.44 12.41 26.86
CA ALA D 140 65.58 12.29 25.97
C ALA D 140 65.25 11.33 24.82
N LEU D 141 64.65 10.20 25.17
CA LEU D 141 64.22 9.22 24.17
C LEU D 141 63.13 9.77 23.24
N THR D 142 62.16 10.50 23.78
CA THR D 142 61.05 11.01 22.92
C THR D 142 61.53 12.10 21.99
N ARG D 143 62.49 12.88 22.48
CA ARG D 143 63.15 13.91 21.67
C ARG D 143 63.95 13.29 20.53
N GLN D 144 64.64 12.19 20.81
CA GLN D 144 65.37 11.42 19.77
C GLN D 144 64.38 10.82 18.74
N PHE D 145 63.25 10.30 19.23
CA PHE D 145 62.21 9.79 18.33
C PHE D 145 61.67 10.92 17.45
N ARG D 146 61.44 12.07 18.06
CA ARG D 146 60.93 13.20 17.31
C ARG D 146 61.86 13.57 16.14
N ASP D 147 63.16 13.62 16.40
CA ASP D 147 64.13 13.97 15.38
C ASP D 147 64.27 12.92 14.28
N LEU D 148 64.16 11.65 14.63
CA LEU D 148 64.14 10.54 13.64
C LEU D 148 62.97 10.69 12.64
N VAL D 149 61.85 11.19 13.13
CA VAL D 149 60.60 11.24 12.38
C VAL D 149 60.47 12.52 11.50
N GLN D 150 61.49 13.38 11.54
CA GLN D 150 61.38 14.76 11.01
C GLN D 150 61.03 14.87 9.53
N ASP D 151 61.30 13.81 8.78
CA ASP D 151 60.97 13.81 7.36
C ASP D 151 59.52 13.37 7.12
N SER D 152 58.92 12.75 8.12
CA SER D 152 57.55 12.31 7.97
C SER D 152 56.62 13.45 8.31
N GLN D 153 55.33 13.14 8.25
CA GLN D 153 54.26 14.06 8.54
C GLN D 153 53.70 13.85 9.94
N ILE D 154 54.21 12.85 10.64
CA ILE D 154 53.76 12.53 11.97
C ILE D 154 54.31 13.56 12.93
N ASP D 155 53.40 14.22 13.63
CA ASP D 155 53.68 15.38 14.41
C ASP D 155 53.84 14.97 15.85
N ILE D 156 55.08 14.93 16.30
CA ILE D 156 55.38 14.58 17.66
C ILE D 156 55.46 15.88 18.43
N VAL D 157 54.50 16.07 19.33
CA VAL D 157 54.45 17.27 20.15
C VAL D 157 54.89 16.85 21.53
N LEU D 158 56.04 17.39 21.95
CA LEU D 158 56.60 17.05 23.25
C LEU D 158 56.06 18.01 24.31
N GLU D 159 55.70 17.46 25.46
CA GLU D 159 54.93 18.18 26.46
C GLU D 159 55.67 18.13 27.80
N ALA D 160 55.76 19.27 28.49
CA ALA D 160 56.50 19.39 29.76
C ALA D 160 55.85 18.58 30.87
N ASN D 161 54.53 18.65 30.99
CA ASN D 161 53.76 17.66 31.75
C ASN D 161 52.66 17.16 30.85
N ILE D 162 52.67 15.87 30.60
CA ILE D 162 51.76 15.30 29.61
C ILE D 162 50.45 14.87 30.26
N GLN D 163 50.39 14.99 31.59
CA GLN D 163 49.20 14.64 32.34
C GLN D 163 48.02 15.53 31.90
N GLN D 164 48.32 16.76 31.56
CA GLN D 164 47.27 17.70 31.21
C GLN D 164 46.71 17.45 29.80
N ALA D 165 47.57 17.08 28.86
CA ALA D 165 47.07 16.71 27.56
C ALA D 165 46.24 15.43 27.64
N ILE D 166 46.64 14.50 28.49
CA ILE D 166 45.90 13.26 28.61
C ILE D 166 44.50 13.54 29.15
N TRP D 167 44.42 14.38 30.17
CA TRP D 167 43.16 14.67 30.83
C TRP D 167 42.23 15.50 29.96
N TYR D 168 42.78 16.49 29.26
CA TYR D 168 41.96 17.23 28.32
C TYR D 168 41.25 16.28 27.33
N LYS D 169 42.02 15.42 26.65
CA LYS D 169 41.45 14.52 25.67
C LYS D 169 40.53 13.48 26.29
N LEU D 170 40.86 12.98 27.47
CA LEU D 170 39.88 12.23 28.27
C LEU D 170 38.50 12.94 28.35
N LEU D 171 38.53 14.25 28.64
CA LEU D 171 37.29 15.00 28.81
C LEU D 171 36.54 15.17 27.50
N VAL D 172 37.28 15.57 26.46
CA VAL D 172 36.76 15.62 25.10
C VAL D 172 36.09 14.28 24.70
N ASN D 173 36.73 13.15 24.97
CA ASN D 173 36.11 11.84 24.72
C ASN D 173 34.87 11.65 25.60
N LEU D 174 35.02 11.89 26.90
CA LEU D 174 33.99 11.67 27.89
C LEU D 174 32.61 12.22 27.52
N GLY D 175 32.55 13.46 27.09
CA GLY D 175 31.28 14.08 26.78
C GLY D 175 30.61 13.41 25.61
N ILE D 176 31.14 13.69 24.42
CA ILE D 176 30.55 13.27 23.15
C ILE D 176 30.48 11.74 22.96
N ASN D 177 31.56 11.03 23.27
CA ASN D 177 31.56 9.56 23.15
C ASN D 177 30.51 8.91 24.06
N SER D 178 30.31 9.45 25.25
CA SER D 178 29.34 8.85 26.17
C SER D 178 27.96 9.06 25.61
N ILE D 179 27.69 10.29 25.16
CA ILE D 179 26.36 10.67 24.70
C ILE D 179 25.95 9.97 23.41
N THR D 180 26.84 9.95 22.43
CA THR D 180 26.54 9.28 21.15
C THR D 180 26.45 7.76 21.32
N ALA D 181 27.34 7.17 22.11
CA ALA D 181 27.25 5.72 22.35
C ALA D 181 26.00 5.32 23.11
N LEU D 182 25.73 5.97 24.25
CA LEU D 182 24.52 5.64 24.98
C LEU D 182 23.26 6.05 24.23
N GLY D 183 23.31 7.17 23.51
CA GLY D 183 22.22 7.57 22.64
C GLY D 183 22.00 6.71 21.39
N ARG D 184 23.02 5.95 20.98
CA ARG D 184 22.98 5.16 19.73
C ARG D 184 22.70 6.09 18.57
N GLN D 185 23.34 7.26 18.59
CA GLN D 185 23.04 8.34 17.65
C GLN D 185 24.32 9.05 17.33
N THR D 186 24.37 9.64 16.14
CA THR D 186 25.45 10.51 15.73
C THR D 186 25.37 11.83 16.55
N VAL D 187 26.31 12.73 16.31
CA VAL D 187 26.33 14.03 16.97
C VAL D 187 24.99 14.80 16.91
N ALA D 188 24.12 14.41 15.96
CA ALA D 188 22.79 15.03 15.79
C ALA D 188 22.01 15.09 17.11
N ILE D 189 22.26 14.11 17.97
CA ILE D 189 21.58 14.00 19.28
C ILE D 189 21.70 15.26 20.13
N MET D 190 22.80 16.00 19.91
CA MET D 190 23.05 17.24 20.63
C MET D 190 22.06 18.36 20.23
N HIS D 191 21.09 18.05 19.36
CA HIS D 191 20.02 19.02 19.07
C HIS D 191 19.05 19.12 20.26
N ASN D 192 19.00 18.04 21.03
CA ASN D 192 18.20 17.97 22.24
C ASN D 192 18.82 18.81 23.35
N PRO D 193 18.11 19.86 23.84
CA PRO D 193 18.72 20.71 24.91
C PRO D 193 19.09 19.96 26.16
N GLU D 194 18.29 18.95 26.53
CA GLU D 194 18.55 18.14 27.70
C GLU D 194 19.87 17.37 27.55
N ILE D 195 20.16 16.95 26.32
CA ILE D 195 21.41 16.23 26.01
C ILE D 195 22.62 17.16 26.12
N ARG D 196 22.48 18.39 25.64
CA ARG D 196 23.56 19.38 25.82
C ARG D 196 23.79 19.69 27.28
N ILE D 197 22.71 19.72 28.08
CA ILE D 197 22.82 20.01 29.51
C ILE D 197 23.56 18.86 30.22
N LEU D 198 23.14 17.65 29.91
CA LEU D 198 23.77 16.41 30.40
C LEU D 198 25.24 16.37 30.01
N CYS D 199 25.53 16.76 28.77
CA CYS D 199 26.90 16.79 28.28
C CYS D 199 27.77 17.70 29.16
N ARG D 200 27.30 18.92 29.37
CA ARG D 200 27.95 19.89 30.23
C ARG D 200 28.15 19.32 31.65
N GLN D 201 27.08 18.81 32.23
CA GLN D 201 27.14 18.27 33.59
C GLN D 201 28.17 17.16 33.72
N LEU D 202 28.23 16.35 32.66
CA LEU D 202 29.08 15.20 32.62
C LEU D 202 30.52 15.68 32.48
N LEU D 203 30.74 16.75 31.74
CA LEU D 203 32.09 17.31 31.65
C LEU D 203 32.54 17.97 32.94
N LEU D 204 31.60 18.57 33.70
CA LEU D 204 31.89 19.15 34.99
C LEU D 204 32.26 18.06 36.00
N ASP D 205 31.62 16.89 35.89
CA ASP D 205 32.02 15.76 36.72
C ASP D 205 33.50 15.39 36.43
N GLY D 206 33.86 15.34 35.14
CA GLY D 206 35.22 15.07 34.70
C GLY D 206 36.23 16.08 35.24
N CYS D 207 35.86 17.37 35.16
CA CYS D 207 36.69 18.45 35.73
C CYS D 207 37.01 18.29 37.19
N ARG D 208 36.01 17.89 37.97
CA ARG D 208 36.18 17.77 39.40
C ARG D 208 37.11 16.64 39.74
N VAL D 209 37.11 15.56 38.94
CA VAL D 209 38.08 14.46 39.08
C VAL D 209 39.46 14.94 38.65
N ALA D 210 39.51 15.75 37.60
CA ALA D 210 40.78 16.31 37.15
C ALA D 210 41.39 17.21 38.23
N GLN D 211 40.54 18.00 38.90
CA GLN D 211 40.99 18.90 39.96
C GLN D 211 41.53 18.11 41.15
N ALA D 212 40.80 17.09 41.57
CA ALA D 212 41.29 16.17 42.60
C ALA D 212 42.62 15.51 42.24
N GLU D 213 42.91 15.37 40.94
CA GLU D 213 44.16 14.77 40.48
C GLU D 213 45.23 15.85 40.29
N GLY D 214 44.90 17.09 40.69
CA GLY D 214 45.88 18.18 40.71
C GLY D 214 45.92 19.07 39.49
N LEU D 215 44.91 18.96 38.63
CA LEU D 215 44.85 19.75 37.40
C LEU D 215 43.95 20.98 37.54
N ASN D 216 44.41 22.12 37.03
CA ASN D 216 43.62 23.35 37.10
C ASN D 216 42.67 23.50 35.92
N PHE D 217 41.72 22.58 35.81
CA PHE D 217 40.64 22.66 34.86
C PHE D 217 39.49 23.42 35.51
N SER D 218 38.63 24.00 34.68
CA SER D 218 37.63 24.91 35.18
C SER D 218 36.38 24.87 34.32
N GLU D 219 35.39 25.65 34.73
CA GLU D 219 34.16 25.88 33.99
C GLU D 219 34.52 26.38 32.61
N GLN D 220 35.61 27.13 32.51
CA GLN D 220 36.10 27.64 31.24
C GLN D 220 36.60 26.52 30.30
N THR D 221 37.26 25.52 30.86
CA THR D 221 37.72 24.35 30.12
C THR D 221 36.53 23.66 29.48
N VAL D 222 35.45 23.51 30.26
CA VAL D 222 34.20 22.91 29.79
C VAL D 222 33.61 23.68 28.62
N ASP D 223 33.60 25.01 28.71
CA ASP D 223 33.13 25.84 27.61
C ASP D 223 33.96 25.70 26.35
N THR D 224 35.27 25.45 26.50
CA THR D 224 36.12 25.30 25.30
C THR D 224 35.74 24.00 24.61
N ILE D 225 35.57 22.94 25.40
CA ILE D 225 35.14 21.62 24.92
C ILE D 225 33.75 21.67 24.30
N MET D 226 32.81 22.33 24.96
CA MET D 226 31.47 22.41 24.39
C MET D 226 31.54 23.13 23.03
N THR D 227 32.50 24.05 22.90
CA THR D 227 32.70 24.79 21.65
C THR D 227 33.28 23.90 20.54
N ILE D 228 34.19 23.02 20.90
CA ILE D 228 34.69 21.99 20.00
C ILE D 228 33.50 21.21 19.44
N TYR D 229 32.62 20.74 20.32
CA TYR D 229 31.46 19.92 19.90
C TYR D 229 30.52 20.59 18.89
N GLN D 230 30.31 21.89 19.07
CA GLN D 230 29.44 22.63 18.15
C GLN D 230 29.97 22.54 16.73
N GLY D 231 31.31 22.46 16.61
CA GLY D 231 31.99 22.33 15.32
C GLY D 231 31.82 21.02 14.58
N TYR D 232 31.41 19.98 15.27
CA TYR D 232 31.18 18.69 14.63
C TYR D 232 29.91 18.70 13.77
N PRO D 233 29.99 18.15 12.54
CA PRO D 233 28.80 17.96 11.72
C PRO D 233 27.77 17.00 12.34
N ASP D 234 26.50 17.23 12.09
CA ASP D 234 25.47 16.33 12.60
C ASP D 234 25.65 14.83 12.34
N GLU D 235 26.20 14.45 11.18
CA GLU D 235 26.29 13.03 10.76
C GLU D 235 27.49 12.27 11.32
N MET D 236 28.39 12.99 12.00
CA MET D 236 29.59 12.41 12.57
C MET D 236 29.26 11.40 13.69
N GLY D 237 29.92 10.25 13.62
CA GLY D 237 29.87 9.28 14.70
C GLY D 237 31.13 9.44 15.54
N THR D 238 31.18 8.73 16.65
CA THR D 238 32.39 8.70 17.46
C THR D 238 32.82 7.25 17.43
N SER D 239 34.05 6.97 17.82
CA SER D 239 34.48 5.56 17.84
C SER D 239 33.73 4.64 18.81
N MET D 240 33.25 5.17 19.94
CA MET D 240 32.47 4.37 20.90
C MET D 240 31.06 4.09 20.36
N TYR D 241 30.51 5.07 19.65
CA TYR D 241 29.23 4.91 18.97
C TYR D 241 29.33 3.84 17.88
N TYR D 242 30.39 3.91 17.07
CA TYR D 242 30.62 2.87 16.06
C TYR D 242 30.76 1.49 16.66
N ASP D 243 31.51 1.42 17.76
CA ASP D 243 31.72 0.17 18.43
C ASP D 243 30.40 -0.37 18.97
N ILE D 244 29.62 0.49 19.60
CA ILE D 244 28.37 0.04 20.23
C ILE D 244 27.38 -0.42 19.16
N VAL D 245 27.36 0.31 18.04
CA VAL D 245 26.48 0.02 16.92
C VAL D 245 26.92 -1.23 16.13
N HIS D 246 28.21 -1.48 16.05
CA HIS D 246 28.69 -2.69 15.39
C HIS D 246 28.84 -3.84 16.37
N GLN D 247 28.30 -3.66 17.57
CA GLN D 247 28.26 -4.66 18.64
C GLN D 247 29.63 -5.20 19.02
N GLN D 248 30.60 -4.32 19.04
CA GLN D 248 31.98 -4.65 19.42
C GLN D 248 32.22 -4.25 20.89
N PRO D 249 33.33 -4.71 21.47
CA PRO D 249 33.62 -4.20 22.81
C PRO D 249 34.02 -2.72 22.78
N LEU D 250 33.91 -2.05 23.91
CA LEU D 250 34.27 -0.62 23.98
C LEU D 250 35.60 -0.42 24.66
N GLU D 251 36.11 0.80 24.53
CA GLU D 251 37.32 1.24 25.23
C GLU D 251 36.96 1.85 26.58
N VAL D 252 35.79 1.50 27.10
CA VAL D 252 35.22 2.14 28.28
C VAL D 252 36.20 2.25 29.47
N GLU D 253 36.85 1.13 29.78
CA GLU D 253 37.75 1.02 30.92
C GLU D 253 38.88 2.08 30.98
N ALA D 254 39.55 2.35 29.88
CA ALA D 254 40.65 3.33 29.88
C ALA D 254 40.15 4.77 29.83
N ILE D 255 38.84 4.93 29.65
CA ILE D 255 38.27 6.27 29.52
C ILE D 255 37.33 6.56 30.69
N GLN D 256 36.04 6.25 30.55
CA GLN D 256 35.05 6.50 31.58
C GLN D 256 35.43 5.72 32.83
N GLY D 257 35.88 4.48 32.63
CA GLY D 257 36.30 3.61 33.74
C GLY D 257 37.45 4.20 34.53
N PHE D 258 38.46 4.69 33.82
CA PHE D 258 39.60 5.37 34.43
C PHE D 258 39.13 6.54 35.30
N ILE D 259 38.38 7.45 34.69
CA ILE D 259 37.87 8.61 35.39
C ILE D 259 37.03 8.18 36.60
N TYR D 260 36.19 7.18 36.40
CA TYR D 260 35.36 6.67 37.47
C TYR D 260 36.18 6.16 38.66
N ARG D 261 37.15 5.30 38.40
CA ARG D 261 37.97 4.75 39.49
C ARG D 261 38.72 5.88 40.21
N ARG D 262 39.19 6.85 39.46
CA ARG D 262 39.92 7.95 40.06
C ARG D 262 39.01 8.85 40.92
N ALA D 263 37.70 8.79 40.62
CA ALA D 263 36.73 9.60 41.33
C ALA D 263 36.40 8.91 42.64
N ARG D 264 36.37 7.58 42.59
CA ARG D 264 36.07 6.82 43.77
C ARG D 264 37.25 6.88 44.75
N GLU D 265 38.46 7.07 44.22
CA GLU D 265 39.68 7.15 45.01
C GLU D 265 39.74 8.44 45.81
N HIS D 266 39.41 9.56 45.18
CA HIS D 266 39.29 10.82 45.91
C HIS D 266 37.93 10.97 46.60
N ASN D 267 37.15 9.90 46.57
CA ASN D 267 35.82 9.92 47.18
C ASN D 267 34.91 11.07 46.70
N LEU D 268 34.77 11.23 45.40
CA LEU D 268 34.00 12.35 44.89
C LEU D 268 32.54 11.98 44.65
N ASP D 269 31.72 12.99 44.53
CA ASP D 269 30.33 12.78 44.16
C ASP D 269 30.23 13.07 42.66
N THR D 270 30.03 12.04 41.84
CA THR D 270 30.02 12.18 40.36
C THR D 270 28.82 11.47 39.74
N PRO D 271 27.62 12.02 39.93
CA PRO D 271 26.48 11.15 39.61
C PRO D 271 26.25 10.98 38.09
N TYR D 272 26.72 11.93 37.29
CA TYR D 272 26.47 11.83 35.86
C TYR D 272 27.48 10.86 35.28
N LEU D 273 28.75 11.01 35.67
CA LEU D 273 29.77 10.06 35.30
C LEU D 273 29.38 8.64 35.73
N ASP D 274 28.84 8.50 36.94
CA ASP D 274 28.53 7.16 37.46
C ASP D 274 27.49 6.53 36.59
N THR D 275 26.40 7.24 36.28
CA THR D 275 25.37 6.56 35.53
C THR D 275 25.77 6.22 34.08
N ILE D 276 26.54 7.10 33.45
CA ILE D 276 27.13 6.83 32.15
C ILE D 276 27.98 5.56 32.25
N TYR D 277 28.87 5.49 33.25
CA TYR D 277 29.77 4.36 33.35
C TYR D 277 29.00 3.09 33.52
N SER D 278 27.95 3.16 34.32
CA SER D 278 27.24 1.97 34.67
C SER D 278 26.49 1.34 33.47
N PHE D 279 25.91 2.17 32.59
CA PHE D 279 25.35 1.66 31.34
C PHE D 279 26.43 1.15 30.37
N LEU D 280 27.55 1.85 30.30
CA LEU D 280 28.62 1.46 29.40
C LEU D 280 29.17 0.10 29.80
N ARG D 281 29.38 -0.04 31.10
CA ARG D 281 29.80 -1.25 31.75
C ARG D 281 28.83 -2.41 31.52
N ALA D 282 27.54 -2.16 31.74
CA ALA D 282 26.57 -3.20 31.50
C ALA D 282 26.58 -3.68 30.03
N TYR D 283 26.88 -2.76 29.11
CA TYR D 283 26.97 -3.15 27.70
C TYR D 283 28.21 -4.06 27.50
N GLN D 284 29.34 -3.68 28.08
CA GLN D 284 30.55 -4.50 28.03
C GLN D 284 30.33 -5.91 28.53
N GLN D 285 29.75 -6.02 29.72
CA GLN D 285 29.57 -7.32 30.34
C GLN D 285 28.70 -8.20 29.48
N ASN D 286 27.65 -7.62 28.92
CA ASN D 286 26.78 -8.34 28.01
C ASN D 286 27.49 -8.80 26.73
N GLU D 287 28.30 -7.91 26.16
CA GLU D 287 29.07 -8.20 24.96
C GLU D 287 30.06 -9.35 25.19
N GLY D 288 30.64 -9.41 26.38
CA GLY D 288 31.56 -10.47 26.76
C GLY D 288 30.89 -11.84 26.90
N HIS D 289 29.61 -11.85 27.29
CA HIS D 289 28.84 -13.09 27.37
C HIS D 289 28.58 -13.65 25.99
N HIS D 290 28.25 -12.76 25.05
CA HIS D 290 28.15 -13.10 23.64
C HIS D 290 29.55 -13.11 23.00
N SER E 4 77.56 -16.41 -11.38
CA SER E 4 76.72 -15.21 -11.02
C SER E 4 75.20 -15.40 -11.30
N VAL E 5 74.34 -15.31 -10.27
CA VAL E 5 72.91 -15.59 -10.43
C VAL E 5 71.95 -14.57 -9.80
N ALA E 6 70.93 -14.15 -10.54
CA ALA E 6 69.81 -13.37 -9.98
C ALA E 6 68.42 -13.99 -10.22
N ILE E 7 67.53 -13.78 -9.24
CA ILE E 7 66.11 -14.12 -9.38
C ILE E 7 65.30 -12.84 -9.40
N ILE E 8 64.51 -12.67 -10.46
CA ILE E 8 63.55 -11.60 -10.52
C ILE E 8 62.18 -12.16 -10.19
N GLY E 9 61.54 -11.58 -9.17
CA GLY E 9 60.22 -12.02 -8.74
C GLY E 9 60.28 -12.56 -7.34
N PRO E 10 60.11 -11.68 -6.32
CA PRO E 10 60.14 -12.19 -4.96
C PRO E 10 58.76 -12.66 -4.51
N GLY E 11 58.15 -13.54 -5.31
CA GLY E 11 56.94 -14.26 -4.92
C GLY E 11 57.35 -15.54 -4.23
N ALA E 12 56.42 -16.48 -4.08
CA ALA E 12 56.68 -17.75 -3.38
C ALA E 12 57.71 -18.64 -4.05
N VAL E 13 57.63 -18.72 -5.39
CA VAL E 13 58.57 -19.51 -6.17
C VAL E 13 59.93 -18.82 -6.20
N GLY E 14 59.95 -17.55 -6.57
CA GLY E 14 61.22 -16.84 -6.66
C GLY E 14 61.99 -16.87 -5.36
N THR E 15 61.28 -16.64 -4.24
CA THR E 15 61.92 -16.57 -2.91
C THR E 15 62.53 -17.91 -2.51
N THR E 16 61.76 -18.99 -2.66
CA THR E 16 62.27 -20.34 -2.48
C THR E 16 63.55 -20.55 -3.31
N ILE E 17 63.55 -20.19 -4.60
CA ILE E 17 64.74 -20.40 -5.43
C ILE E 17 65.92 -19.57 -4.93
N ALA E 18 65.67 -18.31 -4.63
CA ALA E 18 66.73 -17.44 -4.13
C ALA E 18 67.30 -17.93 -2.80
N TYR E 19 66.45 -18.23 -1.83
CA TYR E 19 66.93 -18.74 -0.55
C TYR E 19 67.80 -19.99 -0.73
N GLU E 20 67.25 -21.03 -1.36
CA GLU E 20 67.99 -22.28 -1.59
C GLU E 20 69.31 -22.12 -2.34
N LEU E 21 69.31 -21.32 -3.41
CA LEU E 21 70.54 -21.06 -4.13
C LEU E 21 71.53 -20.28 -3.29
N GLN E 22 71.03 -19.43 -2.38
CA GLN E 22 71.91 -18.66 -1.53
C GLN E 22 72.63 -19.54 -0.52
N GLN E 23 72.07 -20.73 -0.26
CA GLN E 23 72.72 -21.66 0.66
C GLN E 23 74.04 -22.22 0.09
N SER E 24 74.15 -22.33 -1.24
CA SER E 24 75.38 -22.85 -1.87
C SER E 24 76.14 -21.78 -2.65
N LEU E 25 75.43 -20.70 -3.00
CA LEU E 25 76.02 -19.63 -3.78
C LEU E 25 75.57 -18.28 -3.23
N PRO E 26 76.15 -17.85 -2.08
CA PRO E 26 75.65 -16.70 -1.31
C PRO E 26 75.54 -15.35 -2.03
N HIS E 27 76.20 -15.18 -3.17
CA HIS E 27 76.10 -13.94 -3.94
C HIS E 27 74.81 -13.83 -4.77
N THR E 28 74.04 -14.92 -4.85
CA THR E 28 72.76 -14.91 -5.57
C THR E 28 71.88 -13.80 -5.02
N THR E 29 71.29 -13.03 -5.94
CA THR E 29 70.56 -11.82 -5.63
C THR E 29 69.08 -11.98 -5.94
N LEU E 30 68.22 -11.57 -4.99
CA LEU E 30 66.80 -11.57 -5.21
C LEU E 30 66.39 -10.15 -5.55
N ILE E 31 65.68 -9.99 -6.65
CA ILE E 31 65.36 -8.68 -7.19
C ILE E 31 63.87 -8.50 -7.37
N GLY E 32 63.40 -7.28 -7.06
CA GLY E 32 61.99 -6.92 -7.20
C GLY E 32 61.89 -5.44 -7.53
N ARG E 33 60.67 -4.91 -7.53
CA ARG E 33 60.46 -3.50 -7.87
C ARG E 33 61.13 -2.54 -6.87
N HIS E 34 61.07 -2.87 -5.58
CA HIS E 34 61.68 -2.05 -4.53
C HIS E 34 62.40 -2.93 -3.50
N ALA E 35 63.44 -2.38 -2.88
CA ALA E 35 64.16 -3.02 -1.79
C ALA E 35 63.22 -3.34 -0.61
N LYS E 36 63.43 -4.49 0.02
CA LYS E 36 62.64 -4.90 1.17
C LYS E 36 63.16 -6.22 1.71
N THR E 37 62.60 -6.66 2.83
CA THR E 37 63.00 -7.89 3.48
C THR E 37 61.79 -8.82 3.55
N ILE E 38 61.90 -9.96 2.88
CA ILE E 38 60.87 -10.97 2.93
C ILE E 38 61.15 -11.86 4.15
N THR E 39 60.11 -12.29 4.85
CA THR E 39 60.27 -13.36 5.83
C THR E 39 60.01 -14.68 5.09
N TYR E 40 60.89 -15.67 5.30
CA TYR E 40 60.79 -16.92 4.61
C TYR E 40 60.82 -18.11 5.57
N TYR E 41 59.92 -19.07 5.32
CA TYR E 41 59.84 -20.34 6.01
C TYR E 41 60.15 -21.51 5.06
N THR E 42 61.16 -22.32 5.38
CA THR E 42 61.48 -23.46 4.50
C THR E 42 60.36 -24.51 4.50
N VAL E 43 59.56 -24.52 5.56
CA VAL E 43 58.44 -25.41 5.68
C VAL E 43 57.52 -24.72 6.68
N PRO E 44 56.21 -25.06 6.73
CA PRO E 44 55.35 -24.45 7.77
C PRO E 44 55.89 -24.69 9.19
N HIS E 45 55.79 -23.66 10.05
CA HIS E 45 56.21 -23.66 11.47
C HIS E 45 57.71 -23.80 11.69
N ALA E 46 58.48 -23.76 10.60
CA ALA E 46 59.94 -23.73 10.70
C ALA E 46 60.36 -22.42 11.35
N PRO E 47 61.64 -22.29 11.71
CA PRO E 47 62.04 -20.96 12.22
C PRO E 47 62.06 -19.92 11.10
N ALA E 48 61.60 -18.72 11.42
CA ALA E 48 61.52 -17.63 10.48
C ALA E 48 62.89 -17.10 10.11
N GLN E 49 63.07 -16.85 8.81
CA GLN E 49 64.32 -16.27 8.29
C GLN E 49 64.06 -15.08 7.38
N ASP E 50 65.00 -14.16 7.32
CA ASP E 50 64.85 -12.95 6.53
C ASP E 50 65.65 -13.11 5.25
N ILE E 51 65.09 -12.61 4.15
CA ILE E 51 65.81 -12.60 2.90
C ILE E 51 65.67 -11.24 2.25
N VAL E 52 66.80 -10.66 1.90
CA VAL E 52 66.85 -9.32 1.35
C VAL E 52 66.43 -9.35 -0.12
N VAL E 53 65.67 -8.33 -0.53
CA VAL E 53 65.32 -8.12 -1.92
C VAL E 53 65.92 -6.78 -2.36
N LYS E 54 66.63 -6.77 -3.47
CA LYS E 54 67.10 -5.50 -4.05
C LYS E 54 66.10 -4.97 -5.07
N GLY E 55 65.92 -3.66 -5.09
CA GLY E 55 65.17 -3.00 -6.14
C GLY E 55 65.95 -3.02 -7.46
N TYR E 56 65.20 -3.05 -8.56
CA TYR E 56 65.77 -2.98 -9.93
C TYR E 56 66.80 -1.88 -10.07
N GLU E 57 66.50 -0.75 -9.45
CA GLU E 57 67.31 0.44 -9.58
C GLU E 57 68.53 0.38 -8.67
N ASP E 58 68.47 -0.46 -7.64
CA ASP E 58 69.61 -0.69 -6.74
C ASP E 58 70.69 -1.59 -7.34
N VAL E 59 70.43 -2.19 -8.49
CA VAL E 59 71.40 -3.14 -9.06
C VAL E 59 72.12 -2.48 -10.21
N THR E 60 73.45 -2.58 -10.24
CA THR E 60 74.23 -2.06 -11.37
C THR E 60 75.31 -3.04 -11.81
N ASN E 61 74.95 -4.30 -11.94
CA ASN E 61 75.81 -5.28 -12.58
C ASN E 61 74.95 -6.28 -13.34
N THR E 62 75.59 -6.97 -14.28
CA THR E 62 74.91 -7.98 -15.05
C THR E 62 75.11 -9.32 -14.37
N PHE E 63 74.27 -10.28 -14.73
CA PHE E 63 74.33 -11.63 -14.20
C PHE E 63 74.54 -12.63 -15.33
N ASP E 64 75.06 -13.79 -14.99
CA ASP E 64 75.30 -14.82 -16.00
C ASP E 64 74.06 -15.68 -16.19
N VAL E 65 73.22 -15.73 -15.16
CA VAL E 65 71.93 -16.45 -15.18
C VAL E 65 70.87 -15.60 -14.51
N ILE E 66 69.69 -15.53 -15.13
CA ILE E 66 68.56 -14.85 -14.52
C ILE E 66 67.34 -15.75 -14.54
N ILE E 67 66.77 -15.95 -13.36
CA ILE E 67 65.58 -16.74 -13.21
C ILE E 67 64.44 -15.76 -12.99
N ILE E 68 63.56 -15.69 -13.97
CA ILE E 68 62.37 -14.86 -13.86
C ILE E 68 61.27 -15.74 -13.29
N ALA E 69 60.72 -15.30 -12.17
CA ALA E 69 59.65 -16.01 -11.49
C ALA E 69 58.56 -15.03 -11.11
N VAL E 70 58.07 -14.27 -12.07
CA VAL E 70 56.92 -13.40 -11.82
C VAL E 70 55.66 -14.09 -12.34
N LYS E 71 54.50 -13.54 -11.98
CA LYS E 71 53.24 -13.99 -12.52
C LYS E 71 53.30 -13.84 -14.02
N THR E 72 52.61 -14.75 -14.69
CA THR E 72 52.51 -14.75 -16.14
C THR E 72 52.22 -13.38 -16.76
N HIS E 73 51.25 -12.63 -16.20
CA HIS E 73 50.89 -11.29 -16.71
C HIS E 73 51.88 -10.18 -16.34
N GLN E 74 52.88 -10.50 -15.50
CA GLN E 74 53.86 -9.51 -15.08
C GLN E 74 55.13 -9.48 -15.95
N LEU E 75 55.20 -10.38 -16.93
CA LEU E 75 56.45 -10.65 -17.68
C LEU E 75 56.91 -9.48 -18.54
N ASP E 76 55.96 -8.79 -19.17
CA ASP E 76 56.31 -7.68 -20.04
C ASP E 76 56.99 -6.52 -19.31
N ALA E 77 56.53 -6.22 -18.09
CA ALA E 77 57.09 -5.13 -17.26
C ALA E 77 58.51 -5.43 -16.75
N VAL E 78 58.88 -6.70 -16.74
CA VAL E 78 60.24 -7.12 -16.38
C VAL E 78 61.25 -6.88 -17.52
N ILE E 79 60.79 -7.06 -18.77
CA ILE E 79 61.67 -7.10 -19.94
C ILE E 79 62.65 -5.94 -20.07
N PRO E 80 62.17 -4.69 -20.01
CA PRO E 80 63.13 -3.59 -20.10
C PRO E 80 64.23 -3.61 -19.02
N HIS E 81 63.94 -4.18 -17.86
CA HIS E 81 64.96 -4.30 -16.82
C HIS E 81 66.07 -5.23 -17.28
N LEU E 82 65.69 -6.23 -18.07
CA LEU E 82 66.66 -7.22 -18.58
C LEU E 82 67.77 -6.60 -19.41
N THR E 83 67.44 -5.56 -20.17
CA THR E 83 68.38 -4.81 -20.99
C THR E 83 69.61 -4.38 -20.16
N TYR E 84 69.40 -4.19 -18.85
CA TYR E 84 70.42 -3.73 -17.91
C TYR E 84 71.05 -4.84 -17.07
N LEU E 85 70.27 -5.87 -16.77
CA LEU E 85 70.69 -6.94 -15.85
C LEU E 85 71.36 -8.14 -16.54
N ALA E 86 71.10 -8.29 -17.83
CA ALA E 86 71.62 -9.38 -18.59
C ALA E 86 72.66 -8.85 -19.55
N HIS E 87 73.68 -9.65 -19.82
CA HIS E 87 74.53 -9.37 -20.96
C HIS E 87 74.12 -10.32 -22.10
N GLU E 88 74.76 -10.19 -23.27
CA GLU E 88 74.34 -10.88 -24.50
C GLU E 88 74.18 -12.39 -24.35
N ASP E 89 75.08 -13.02 -23.59
CA ASP E 89 75.09 -14.46 -23.40
C ASP E 89 74.40 -14.97 -22.13
N THR E 90 73.92 -14.06 -21.27
CA THR E 90 73.17 -14.44 -20.06
C THR E 90 72.17 -15.55 -20.37
N LEU E 91 72.16 -16.59 -19.54
CA LEU E 91 71.09 -17.59 -19.59
C LEU E 91 69.89 -17.07 -18.82
N ILE E 92 68.80 -16.87 -19.54
CA ILE E 92 67.55 -16.41 -18.97
C ILE E 92 66.58 -17.58 -18.83
N ILE E 93 66.19 -17.90 -17.60
CA ILE E 93 65.24 -18.99 -17.33
C ILE E 93 63.89 -18.42 -16.90
N LEU E 94 62.85 -18.77 -17.64
CA LEU E 94 61.49 -18.42 -17.28
C LEU E 94 60.93 -19.48 -16.38
N ALA E 95 60.95 -19.24 -15.07
CA ALA E 95 60.32 -20.15 -14.13
C ALA E 95 58.86 -19.73 -13.90
N GLN E 96 58.03 -19.95 -14.90
CA GLN E 96 56.59 -19.61 -14.81
C GLN E 96 55.71 -20.77 -15.26
N ASN E 97 54.41 -20.70 -14.93
CA ASN E 97 53.37 -21.58 -15.50
C ASN E 97 53.05 -21.18 -16.96
N GLY E 98 52.28 -21.98 -17.68
CA GLY E 98 51.93 -21.62 -19.07
C GLY E 98 52.94 -22.02 -20.16
N TYR E 99 52.69 -21.60 -21.40
CA TYR E 99 53.61 -21.92 -22.51
C TYR E 99 54.19 -20.63 -23.11
N GLY E 100 55.31 -20.20 -22.53
CA GLY E 100 55.88 -18.88 -22.81
C GLY E 100 56.46 -18.71 -24.20
N GLN E 101 56.45 -17.48 -24.69
CA GLN E 101 56.99 -17.16 -26.02
C GLN E 101 58.38 -16.54 -25.90
N LEU E 102 59.38 -17.42 -25.90
CA LEU E 102 60.77 -17.05 -25.67
C LEU E 102 61.34 -16.04 -26.69
N GLU E 103 60.64 -15.88 -27.82
CA GLU E 103 60.97 -14.89 -28.87
C GLU E 103 60.67 -13.49 -28.32
N HIS E 104 59.62 -13.41 -27.50
CA HIS E 104 59.23 -12.21 -26.76
C HIS E 104 60.33 -11.56 -25.92
N ILE E 105 61.24 -12.38 -25.39
CA ILE E 105 62.39 -11.91 -24.61
C ILE E 105 63.60 -11.70 -25.54
N PRO E 106 64.12 -10.45 -25.64
CA PRO E 106 65.08 -10.07 -26.65
C PRO E 106 66.51 -10.58 -26.39
N PHE E 107 66.67 -11.88 -26.11
CA PHE E 107 67.98 -12.47 -25.84
C PHE E 107 68.07 -13.84 -26.50
N LYS E 108 69.28 -14.34 -26.71
CA LYS E 108 69.48 -15.62 -27.41
C LYS E 108 69.47 -16.87 -26.52
N ASN E 109 69.85 -16.75 -25.25
CA ASN E 109 69.84 -17.89 -24.36
C ASN E 109 68.66 -17.83 -23.38
N VAL E 110 67.51 -18.31 -23.85
CA VAL E 110 66.26 -18.21 -23.08
C VAL E 110 65.60 -19.59 -22.98
N CYS E 111 65.32 -20.00 -21.75
CA CYS E 111 64.74 -21.30 -21.44
C CYS E 111 63.51 -21.22 -20.54
N GLN E 112 62.50 -22.02 -20.85
CA GLN E 112 61.35 -22.12 -19.97
C GLN E 112 61.57 -23.24 -18.97
N ALA E 113 61.43 -22.92 -17.69
CA ALA E 113 61.45 -23.93 -16.65
C ALA E 113 60.05 -24.25 -16.16
N VAL E 114 59.75 -25.54 -16.09
CA VAL E 114 58.54 -26.04 -15.51
C VAL E 114 58.78 -26.21 -14.02
N VAL E 115 57.90 -25.60 -13.23
CA VAL E 115 58.14 -25.45 -11.82
C VAL E 115 57.27 -26.36 -11.00
N TYR E 116 57.89 -27.15 -10.14
CA TYR E 116 57.12 -27.85 -9.12
C TYR E 116 57.61 -27.45 -7.76
N ILE E 117 57.18 -26.27 -7.33
CA ILE E 117 57.56 -25.67 -6.07
C ILE E 117 56.32 -25.03 -5.54
N SER E 118 55.83 -25.56 -4.41
CA SER E 118 54.56 -25.15 -3.79
C SER E 118 54.79 -24.28 -2.56
N GLY E 119 54.12 -23.14 -2.50
CA GLY E 119 54.19 -22.23 -1.37
C GLY E 119 53.20 -21.09 -1.53
N GLN E 120 53.21 -20.14 -0.59
CA GLN E 120 52.36 -18.95 -0.66
C GLN E 120 53.01 -17.70 -0.10
N LYS E 121 52.58 -16.56 -0.61
CA LYS E 121 52.99 -15.25 -0.10
C LYS E 121 51.81 -14.55 0.56
N LYS E 122 52.00 -14.18 1.81
CA LYS E 122 51.01 -13.32 2.51
C LYS E 122 51.74 -12.11 3.00
N GLY E 123 51.33 -10.93 2.53
CA GLY E 123 52.10 -9.71 2.77
C GLY E 123 53.50 -9.93 2.24
N ASP E 124 54.50 -9.76 3.10
CA ASP E 124 55.90 -10.00 2.72
C ASP E 124 56.44 -11.21 3.43
N VAL E 125 55.54 -12.18 3.62
CA VAL E 125 55.86 -13.39 4.32
C VAL E 125 55.60 -14.57 3.40
N VAL E 126 56.66 -15.32 3.09
CA VAL E 126 56.57 -16.47 2.20
C VAL E 126 56.73 -17.75 3.00
N THR E 127 55.76 -18.66 2.85
CA THR E 127 55.81 -20.01 3.38
C THR E 127 55.88 -21.04 2.25
N HIS E 128 56.99 -21.75 2.18
CA HIS E 128 57.16 -22.88 1.26
C HIS E 128 56.47 -24.15 1.80
N PHE E 129 55.69 -24.84 0.97
CA PHE E 129 55.00 -26.06 1.40
C PHE E 129 55.81 -27.33 1.10
N ARG E 130 56.03 -27.62 -0.20
CA ARG E 130 56.66 -28.85 -0.65
C ARG E 130 57.31 -28.67 -2.03
N ASP E 131 58.39 -29.43 -2.24
CA ASP E 131 59.03 -29.59 -3.58
C ASP E 131 60.01 -28.44 -3.97
N TYR E 132 61.05 -28.78 -4.72
CA TYR E 132 62.14 -27.84 -5.11
C TYR E 132 62.59 -27.99 -6.60
N GLN E 133 61.70 -28.49 -7.46
CA GLN E 133 62.10 -28.95 -8.79
C GLN E 133 61.89 -27.96 -9.95
N LEU E 134 62.91 -27.81 -10.77
CA LEU E 134 62.76 -27.20 -12.10
C LEU E 134 63.06 -28.20 -13.22
N ARG E 135 62.19 -28.22 -14.21
CA ARG E 135 62.39 -29.01 -15.40
C ARG E 135 62.73 -28.05 -16.53
N ILE E 136 63.90 -28.27 -17.12
CA ILE E 136 64.45 -27.37 -18.15
C ILE E 136 64.97 -28.19 -19.31
N GLN E 137 64.90 -27.62 -20.51
CA GLN E 137 65.37 -28.31 -21.71
C GLN E 137 66.86 -28.58 -21.56
N ASP E 138 67.26 -29.81 -21.89
CA ASP E 138 68.67 -30.20 -21.91
C ASP E 138 69.40 -29.54 -23.09
N ASN E 139 70.51 -28.89 -22.76
CA ASN E 139 71.46 -28.36 -23.73
C ASN E 139 72.72 -27.98 -22.99
N ALA E 140 73.72 -27.46 -23.71
CA ALA E 140 75.03 -27.21 -23.12
C ALA E 140 74.99 -26.22 -21.96
N LEU E 141 74.39 -25.06 -22.17
CA LEU E 141 74.28 -24.02 -21.14
C LEU E 141 73.56 -24.53 -19.89
N THR E 142 72.58 -25.39 -20.13
CA THR E 142 71.63 -25.78 -19.11
C THR E 142 72.23 -26.87 -18.20
N ARG E 143 73.15 -27.66 -18.76
CA ARG E 143 73.96 -28.60 -18.01
C ARG E 143 74.91 -27.83 -17.09
N GLN E 144 75.41 -26.70 -17.59
CA GLN E 144 76.28 -25.85 -16.78
C GLN E 144 75.54 -25.31 -15.57
N PHE E 145 74.29 -24.90 -15.81
CA PHE E 145 73.45 -24.38 -14.74
C PHE E 145 73.19 -25.46 -13.69
N ARG E 146 72.85 -26.66 -14.14
CA ARG E 146 72.66 -27.81 -13.24
C ARG E 146 73.90 -28.09 -12.37
N ASP E 147 75.08 -28.01 -12.98
CA ASP E 147 76.34 -28.27 -12.29
C ASP E 147 76.68 -27.17 -11.30
N LEU E 148 76.54 -25.92 -11.74
CA LEU E 148 76.77 -24.75 -10.89
C LEU E 148 75.95 -24.85 -9.62
N VAL E 149 74.80 -25.49 -9.74
CA VAL E 149 73.76 -25.43 -8.76
C VAL E 149 73.60 -26.74 -8.00
N GLN E 150 74.39 -27.74 -8.41
CA GLN E 150 74.31 -29.12 -7.90
C GLN E 150 74.45 -29.27 -6.39
N ASP E 151 75.10 -28.29 -5.75
CA ASP E 151 75.23 -28.27 -4.28
C ASP E 151 73.93 -27.90 -3.52
N SER E 152 72.99 -27.22 -4.19
CA SER E 152 71.77 -26.75 -3.52
C SER E 152 70.66 -27.81 -3.43
N GLN E 153 69.60 -27.48 -2.68
CA GLN E 153 68.38 -28.30 -2.63
C GLN E 153 67.50 -28.19 -3.89
N ILE E 154 67.82 -27.26 -4.78
CA ILE E 154 67.09 -27.15 -6.06
C ILE E 154 67.39 -28.33 -6.99
N ASP E 155 66.33 -29.03 -7.38
CA ASP E 155 66.42 -30.26 -8.13
C ASP E 155 66.20 -29.97 -9.63
N ILE E 156 67.29 -29.83 -10.39
CA ILE E 156 67.23 -29.57 -11.82
C ILE E 156 67.11 -30.85 -12.64
N VAL E 157 66.01 -30.97 -13.36
CA VAL E 157 65.80 -32.11 -14.24
C VAL E 157 65.89 -31.61 -15.68
N LEU E 158 66.79 -32.22 -16.45
CA LEU E 158 67.01 -31.76 -17.80
C LEU E 158 66.26 -32.70 -18.69
N GLU E 159 65.46 -32.13 -19.58
CA GLU E 159 64.57 -32.90 -20.46
C GLU E 159 65.08 -32.89 -21.88
N ALA E 160 64.97 -34.05 -22.52
CA ALA E 160 65.28 -34.22 -23.93
C ALA E 160 64.39 -33.32 -24.75
N ASN E 161 63.10 -33.36 -24.44
CA ASN E 161 62.15 -32.42 -25.03
C ASN E 161 61.21 -31.78 -23.99
N ILE E 162 61.46 -30.50 -23.72
CA ILE E 162 60.76 -29.77 -22.68
C ILE E 162 59.25 -29.57 -22.95
N GLN E 163 58.86 -29.52 -24.22
CA GLN E 163 57.45 -29.35 -24.61
C GLN E 163 56.49 -30.33 -23.93
N GLN E 164 56.94 -31.54 -23.65
CA GLN E 164 56.07 -32.51 -23.04
C GLN E 164 55.83 -32.15 -21.56
N ALA E 165 56.92 -31.74 -20.90
CA ALA E 165 56.89 -31.39 -19.48
C ALA E 165 56.00 -30.16 -19.28
N ILE E 166 56.14 -29.21 -20.19
CA ILE E 166 55.33 -28.02 -20.26
C ILE E 166 53.86 -28.38 -20.39
N TRP E 167 53.53 -29.28 -21.31
CA TRP E 167 52.14 -29.64 -21.52
C TRP E 167 51.57 -30.43 -20.36
N TYR E 168 52.41 -31.23 -19.73
CA TYR E 168 52.02 -31.97 -18.53
C TYR E 168 51.70 -30.99 -17.39
N LYS E 169 52.57 -29.99 -17.20
CA LYS E 169 52.36 -28.96 -16.18
C LYS E 169 51.08 -28.15 -16.44
N LEU E 170 50.86 -27.74 -17.68
CA LEU E 170 49.60 -27.13 -18.05
C LEU E 170 48.38 -27.90 -17.57
N LEU E 171 48.45 -29.23 -17.67
CA LEU E 171 47.34 -30.10 -17.27
C LEU E 171 47.25 -30.20 -15.75
N VAL E 172 48.40 -30.31 -15.12
CA VAL E 172 48.50 -30.32 -13.67
C VAL E 172 47.86 -29.03 -13.14
N ASN E 173 48.20 -27.88 -13.73
CA ASN E 173 47.54 -26.66 -13.35
C ASN E 173 46.06 -26.73 -13.69
N LEU E 174 45.76 -27.20 -14.89
CA LEU E 174 44.37 -27.10 -15.39
C LEU E 174 43.40 -27.66 -14.38
N GLY E 175 43.72 -28.81 -13.82
CA GLY E 175 42.80 -29.48 -12.93
C GLY E 175 42.67 -28.79 -11.59
N ILE E 176 43.72 -28.86 -10.78
CA ILE E 176 43.61 -28.40 -9.40
C ILE E 176 43.41 -26.88 -9.21
N ASN E 177 44.07 -26.07 -10.04
CA ASN E 177 43.97 -24.62 -9.96
C ASN E 177 42.59 -24.13 -10.35
N SER E 178 42.05 -24.67 -11.43
CA SER E 178 40.74 -24.29 -11.92
C SER E 178 39.67 -24.62 -10.89
N ILE E 179 39.82 -25.76 -10.22
CA ILE E 179 38.79 -26.24 -9.30
C ILE E 179 38.87 -25.53 -7.94
N THR E 180 40.09 -25.29 -7.45
CA THR E 180 40.26 -24.57 -6.19
C THR E 180 39.85 -23.10 -6.33
N ALA E 181 40.28 -22.47 -7.41
CA ALA E 181 39.90 -21.10 -7.67
C ALA E 181 38.39 -20.95 -7.86
N LEU E 182 37.80 -21.68 -8.79
CA LEU E 182 36.35 -21.58 -8.95
C LEU E 182 35.57 -22.05 -7.74
N GLY E 183 36.08 -23.05 -7.04
CA GLY E 183 35.45 -23.48 -5.79
C GLY E 183 35.64 -22.52 -4.63
N ARG E 184 36.59 -21.58 -4.76
CA ARG E 184 36.98 -20.70 -3.64
C ARG E 184 37.29 -21.57 -2.44
N GLN E 185 37.93 -22.71 -2.68
CA GLN E 185 38.29 -23.63 -1.61
C GLN E 185 39.74 -24.11 -1.73
N THR E 186 40.31 -24.54 -0.62
CA THR E 186 41.59 -25.19 -0.67
C THR E 186 41.41 -26.57 -1.31
N VAL E 187 42.52 -27.28 -1.37
CA VAL E 187 42.64 -28.60 -1.95
C VAL E 187 41.71 -29.65 -1.38
N ALA E 188 41.17 -29.42 -0.17
CA ALA E 188 40.13 -30.27 0.43
C ALA E 188 38.86 -30.43 -0.43
N ILE E 189 38.63 -29.50 -1.35
CA ILE E 189 37.46 -29.57 -2.22
C ILE E 189 37.45 -30.91 -3.03
N MET E 190 38.63 -31.49 -3.20
CA MET E 190 38.80 -32.74 -3.96
C MET E 190 38.25 -33.99 -3.27
N HIS E 191 37.91 -33.88 -1.98
CA HIS E 191 37.18 -34.98 -1.35
C HIS E 191 35.72 -35.14 -1.81
N ASN E 192 35.14 -34.14 -2.48
CA ASN E 192 33.79 -34.31 -3.04
C ASN E 192 33.82 -35.29 -4.19
N PRO E 193 32.92 -36.31 -4.18
CA PRO E 193 32.90 -37.29 -5.27
C PRO E 193 32.59 -36.62 -6.61
N GLU E 194 31.67 -35.65 -6.65
CA GLU E 194 31.30 -35.02 -7.92
C GLU E 194 32.44 -34.14 -8.43
N ILE E 195 33.23 -33.57 -7.50
CA ILE E 195 34.40 -32.78 -7.89
C ILE E 195 35.53 -33.67 -8.47
N ARG E 196 35.71 -34.87 -7.90
CA ARG E 196 36.68 -35.85 -8.45
C ARG E 196 36.39 -36.25 -9.92
N ILE E 197 35.13 -36.56 -10.21
CA ILE E 197 34.66 -36.83 -11.56
C ILE E 197 34.90 -35.62 -12.50
N LEU E 198 34.43 -34.44 -12.09
CA LEU E 198 34.70 -33.22 -12.84
C LEU E 198 36.19 -33.07 -13.13
N CYS E 199 37.03 -33.30 -12.12
CA CYS E 199 38.46 -33.07 -12.31
C CYS E 199 39.04 -34.01 -13.38
N ARG E 200 38.64 -35.28 -13.36
CA ARG E 200 39.03 -36.23 -14.40
C ARG E 200 38.53 -35.80 -15.76
N GLN E 201 37.25 -35.42 -15.86
CA GLN E 201 36.70 -35.02 -17.17
C GLN E 201 37.43 -33.82 -17.75
N LEU E 202 37.72 -32.86 -16.86
CA LEU E 202 38.39 -31.64 -17.24
C LEU E 202 39.82 -31.93 -17.71
N LEU E 203 40.53 -32.75 -16.95
CA LEU E 203 41.84 -33.24 -17.38
C LEU E 203 41.80 -33.98 -18.73
N LEU E 204 40.69 -34.69 -18.98
CA LEU E 204 40.53 -35.41 -20.23
C LEU E 204 40.36 -34.45 -21.40
N ASP E 205 39.54 -33.40 -21.25
CA ASP E 205 39.54 -32.29 -22.23
C ASP E 205 40.96 -31.75 -22.45
N GLY E 206 41.71 -31.54 -21.38
CA GLY E 206 43.10 -31.12 -21.50
C GLY E 206 43.97 -32.08 -22.32
N CYS E 207 43.82 -33.39 -22.07
CA CYS E 207 44.49 -34.45 -22.85
C CYS E 207 44.07 -34.43 -24.30
N ARG E 208 42.76 -34.29 -24.54
CA ARG E 208 42.26 -34.17 -25.91
C ARG E 208 42.92 -32.98 -26.65
N VAL E 209 43.17 -31.88 -25.96
CA VAL E 209 43.90 -30.75 -26.61
C VAL E 209 45.38 -31.10 -26.81
N ALA E 210 46.00 -31.69 -25.78
CA ALA E 210 47.37 -32.11 -25.87
C ALA E 210 47.63 -33.07 -27.07
N GLN E 211 46.77 -34.08 -27.22
CA GLN E 211 46.78 -35.03 -28.35
C GLN E 211 46.78 -34.29 -29.71
N ALA E 212 45.80 -33.42 -29.90
CA ALA E 212 45.74 -32.60 -31.09
C ALA E 212 47.03 -31.81 -31.34
N GLU E 213 47.79 -31.50 -30.28
CA GLU E 213 49.06 -30.76 -30.44
C GLU E 213 50.24 -31.71 -30.64
N GLY E 214 49.99 -33.01 -30.76
CA GLY E 214 51.07 -33.97 -31.04
C GLY E 214 51.62 -34.74 -29.83
N LEU E 215 50.95 -34.66 -28.69
CA LEU E 215 51.42 -35.32 -27.47
C LEU E 215 50.68 -36.64 -27.18
N ASN E 216 51.44 -37.64 -26.75
CA ASN E 216 50.84 -38.93 -26.47
C ASN E 216 50.41 -39.01 -25.00
N PHE E 217 49.23 -38.47 -24.73
CA PHE E 217 48.68 -38.41 -23.40
C PHE E 217 47.38 -39.21 -23.44
N SER E 218 47.07 -39.92 -22.37
CA SER E 218 45.93 -40.81 -22.37
C SER E 218 45.22 -40.74 -21.03
N GLU E 219 44.15 -41.51 -20.86
CA GLU E 219 43.50 -41.66 -19.57
C GLU E 219 44.53 -41.90 -18.47
N GLN E 220 45.60 -42.63 -18.79
CA GLN E 220 46.59 -42.95 -17.76
C GLN E 220 47.49 -41.77 -17.36
N THR E 221 47.58 -40.78 -18.24
CA THR E 221 48.25 -39.54 -17.88
C THR E 221 47.40 -38.81 -16.83
N VAL E 222 46.07 -38.94 -16.96
CA VAL E 222 45.15 -38.33 -16.03
C VAL E 222 45.35 -38.99 -14.68
N ASP E 223 45.48 -40.32 -14.65
CA ASP E 223 45.74 -41.03 -13.39
C ASP E 223 46.98 -40.51 -12.67
N THR E 224 48.08 -40.33 -13.38
CA THR E 224 49.30 -39.89 -12.72
C THR E 224 49.11 -38.48 -12.17
N ILE E 225 48.40 -37.62 -12.91
CA ILE E 225 48.05 -36.28 -12.43
C ILE E 225 47.18 -36.33 -11.18
N MET E 226 46.11 -37.13 -11.21
CA MET E 226 45.26 -37.33 -10.04
C MET E 226 46.03 -37.84 -8.80
N THR E 227 46.96 -38.79 -8.99
CA THR E 227 47.78 -39.22 -7.83
C THR E 227 48.78 -38.17 -7.32
N ILE E 228 49.22 -37.26 -8.16
CA ILE E 228 49.99 -36.12 -7.64
C ILE E 228 49.11 -35.27 -6.70
N TYR E 229 47.84 -35.12 -7.04
CA TYR E 229 46.92 -34.31 -6.28
C TYR E 229 46.70 -34.89 -4.87
N GLN E 230 46.64 -36.22 -4.78
CA GLN E 230 46.42 -36.89 -3.48
C GLN E 230 47.51 -36.64 -2.44
N GLY E 231 48.69 -36.20 -2.88
CA GLY E 231 49.76 -35.85 -1.95
C GLY E 231 49.68 -34.43 -1.40
N TYR E 232 48.69 -33.67 -1.84
CA TYR E 232 48.46 -32.34 -1.31
C TYR E 232 47.61 -32.41 -0.02
N PRO E 233 48.10 -31.80 1.09
CA PRO E 233 47.34 -31.73 2.33
C PRO E 233 46.07 -30.90 2.12
N ASP E 234 45.01 -31.22 2.87
CA ASP E 234 43.72 -30.55 2.74
C ASP E 234 43.81 -29.04 2.84
N GLU E 235 44.72 -28.55 3.66
CA GLU E 235 44.83 -27.13 3.98
C GLU E 235 45.57 -26.37 2.90
N MET E 236 46.16 -27.09 1.95
CA MET E 236 46.94 -26.46 0.88
C MET E 236 46.02 -25.76 -0.12
N GLY E 237 46.35 -24.50 -0.43
CA GLY E 237 45.74 -23.77 -1.54
C GLY E 237 46.61 -23.79 -2.79
N THR E 238 46.20 -23.10 -3.85
CA THR E 238 46.96 -23.06 -5.10
C THR E 238 47.22 -21.61 -5.48
N SER E 239 48.14 -21.36 -6.41
CA SER E 239 48.42 -19.97 -6.78
C SER E 239 47.16 -19.27 -7.26
N MET E 240 46.36 -19.95 -8.08
CA MET E 240 45.18 -19.31 -8.67
C MET E 240 44.12 -19.13 -7.59
N TYR E 241 44.04 -20.08 -6.66
CA TYR E 241 43.15 -19.93 -5.50
C TYR E 241 43.53 -18.67 -4.63
N TYR E 242 44.81 -18.47 -4.36
CA TYR E 242 45.23 -17.31 -3.56
C TYR E 242 44.94 -16.02 -4.28
N ASP E 243 45.31 -15.94 -5.57
CA ASP E 243 44.96 -14.80 -6.40
C ASP E 243 43.46 -14.42 -6.39
N ILE E 244 42.58 -15.39 -6.62
CA ILE E 244 41.15 -15.13 -6.65
C ILE E 244 40.58 -14.66 -5.29
N VAL E 245 41.10 -15.26 -4.22
CA VAL E 245 40.64 -14.95 -2.86
C VAL E 245 41.02 -13.51 -2.45
N HIS E 246 42.20 -13.07 -2.86
CA HIS E 246 42.72 -11.72 -2.62
C HIS E 246 42.34 -10.75 -3.73
N GLN E 247 41.38 -11.17 -4.55
CA GLN E 247 40.84 -10.33 -5.58
C GLN E 247 41.86 -9.74 -6.54
N GLN E 248 42.92 -10.50 -6.82
CA GLN E 248 43.95 -10.13 -7.77
C GLN E 248 43.61 -10.58 -9.18
N PRO E 249 44.34 -10.08 -10.19
CA PRO E 249 44.26 -10.68 -11.56
C PRO E 249 44.77 -12.14 -11.57
N LEU E 250 44.23 -13.01 -12.42
CA LEU E 250 44.72 -14.38 -12.47
C LEU E 250 45.72 -14.59 -13.63
N GLU E 251 46.44 -15.70 -13.56
CA GLU E 251 47.30 -16.19 -14.64
C GLU E 251 46.49 -16.93 -15.69
N VAL E 252 45.18 -16.74 -15.68
CA VAL E 252 44.30 -17.56 -16.46
C VAL E 252 44.64 -17.62 -17.95
N GLU E 253 45.13 -16.50 -18.51
CA GLU E 253 45.23 -16.38 -19.97
C GLU E 253 46.39 -17.21 -20.48
N ALA E 254 47.41 -17.36 -19.65
CA ALA E 254 48.53 -18.19 -20.00
C ALA E 254 48.32 -19.67 -19.75
N ILE E 255 47.28 -20.05 -18.99
CA ILE E 255 47.11 -21.44 -18.62
C ILE E 255 45.83 -21.97 -19.27
N GLN E 256 44.69 -21.89 -18.57
CA GLN E 256 43.38 -22.24 -19.13
C GLN E 256 43.06 -21.57 -20.47
N GLY E 257 43.35 -20.27 -20.59
CA GLY E 257 43.15 -19.54 -21.85
C GLY E 257 43.97 -20.08 -23.01
N PHE E 258 45.20 -20.43 -22.70
CA PHE E 258 46.06 -21.02 -23.71
C PHE E 258 45.50 -22.38 -24.19
N ILE E 259 45.16 -23.25 -23.25
CA ILE E 259 44.64 -24.55 -23.61
C ILE E 259 43.36 -24.33 -24.40
N TYR E 260 42.56 -23.39 -23.94
CA TYR E 260 41.29 -23.09 -24.59
C TYR E 260 41.42 -22.65 -26.05
N ARG E 261 42.45 -21.84 -26.33
CA ARG E 261 42.66 -21.29 -27.65
C ARG E 261 43.21 -22.35 -28.60
N ARG E 262 44.11 -23.18 -28.10
CA ARG E 262 44.55 -24.39 -28.79
C ARG E 262 43.33 -25.23 -29.14
N ALA E 263 42.45 -25.45 -28.17
CA ALA E 263 41.25 -26.24 -28.40
C ALA E 263 40.43 -25.72 -29.58
N ARG E 264 40.21 -24.40 -29.60
CA ARG E 264 39.48 -23.78 -30.72
C ARG E 264 40.30 -23.84 -32.03
N GLU E 265 41.62 -23.78 -31.95
CA GLU E 265 42.45 -23.87 -33.14
C GLU E 265 42.33 -25.22 -33.87
N HIS E 266 42.03 -26.28 -33.10
CA HIS E 266 41.88 -27.63 -33.62
C HIS E 266 40.42 -28.02 -33.76
N ASN E 267 39.53 -27.04 -33.61
CA ASN E 267 38.08 -27.23 -33.65
C ASN E 267 37.58 -28.41 -32.80
N LEU E 268 38.05 -28.47 -31.55
CA LEU E 268 37.64 -29.55 -30.64
C LEU E 268 36.36 -29.28 -29.88
N ASP E 269 35.74 -30.37 -29.41
CA ASP E 269 34.65 -30.31 -28.44
C ASP E 269 35.21 -30.52 -27.03
N THR E 270 35.20 -29.44 -26.22
CA THR E 270 35.79 -29.46 -24.89
C THR E 270 34.86 -28.78 -23.88
N PRO E 271 33.75 -29.43 -23.55
CA PRO E 271 32.75 -28.73 -22.75
C PRO E 271 33.24 -28.37 -21.34
N TYR E 272 34.00 -29.24 -20.69
CA TYR E 272 34.44 -29.02 -19.34
C TYR E 272 35.45 -27.88 -19.30
N LEU E 273 36.41 -27.93 -20.22
CA LEU E 273 37.39 -26.90 -20.36
C LEU E 273 36.70 -25.54 -20.69
N ASP E 274 35.73 -25.57 -21.61
CA ASP E 274 35.09 -24.33 -22.01
C ASP E 274 34.35 -23.72 -20.83
N THR E 275 33.66 -24.56 -20.04
CA THR E 275 32.95 -24.02 -18.90
C THR E 275 33.86 -23.40 -17.81
N ILE E 276 34.97 -24.06 -17.47
CA ILE E 276 35.96 -23.55 -16.55
C ILE E 276 36.58 -22.24 -17.05
N TYR E 277 37.02 -22.23 -18.31
CA TYR E 277 37.52 -21.02 -18.93
C TYR E 277 36.53 -19.88 -18.87
N SER E 278 35.26 -20.15 -19.16
CA SER E 278 34.25 -19.09 -19.19
CA SER E 278 34.22 -19.12 -19.17
C SER E 278 34.15 -18.37 -17.84
N PHE E 279 34.09 -19.14 -16.74
CA PHE E 279 34.08 -18.54 -15.41
C PHE E 279 35.38 -17.78 -15.04
N LEU E 280 36.54 -18.35 -15.35
CA LEU E 280 37.82 -17.70 -15.02
C LEU E 280 38.07 -16.41 -15.80
N ARG E 281 37.72 -16.46 -17.07
CA ARG E 281 37.75 -15.31 -17.96
C ARG E 281 36.76 -14.24 -17.48
N ALA E 282 35.57 -14.67 -17.08
CA ALA E 282 34.57 -13.72 -16.57
C ALA E 282 35.12 -13.03 -15.32
N TYR E 283 35.80 -13.78 -14.46
CA TYR E 283 36.37 -13.22 -13.26
C TYR E 283 37.43 -12.18 -13.68
N GLN E 284 38.28 -12.58 -14.63
CA GLN E 284 39.37 -11.73 -15.12
C GLN E 284 38.89 -10.41 -15.72
N GLN E 285 37.84 -10.46 -16.55
CA GLN E 285 37.28 -9.24 -17.19
C GLN E 285 36.71 -8.28 -16.15
N ASN E 286 36.00 -8.84 -15.19
CA ASN E 286 35.46 -8.05 -14.12
C ASN E 286 36.54 -7.36 -13.34
N GLU E 287 37.63 -8.06 -13.09
CA GLU E 287 38.74 -7.52 -12.32
C GLU E 287 39.40 -6.38 -13.08
N GLY E 288 39.67 -6.62 -14.37
CA GLY E 288 40.29 -5.58 -15.20
C GLY E 288 39.40 -4.34 -15.41
N HIS E 289 38.09 -4.55 -15.45
CA HIS E 289 37.14 -3.45 -15.68
C HIS E 289 36.98 -2.54 -14.45
N HIS E 290 37.11 -3.12 -13.24
CA HIS E 290 36.96 -2.38 -12.00
C HIS E 290 38.31 -2.12 -11.29
N HIS E 291 39.42 -2.25 -12.00
CA HIS E 291 40.75 -2.15 -11.40
C HIS E 291 41.12 -0.70 -11.05
N SER F 4 -73.35 -12.98 -28.54
CA SER F 4 -72.48 -12.51 -27.41
C SER F 4 -70.96 -12.67 -27.68
N VAL F 5 -70.20 -11.63 -27.34
CA VAL F 5 -68.74 -11.64 -27.50
C VAL F 5 -68.02 -11.35 -26.18
N ALA F 6 -66.99 -12.16 -25.89
CA ALA F 6 -66.07 -11.86 -24.80
C ALA F 6 -64.65 -11.74 -25.34
N ILE F 7 -63.89 -10.81 -24.76
CA ILE F 7 -62.47 -10.70 -25.05
C ILE F 7 -61.76 -11.01 -23.75
N ILE F 8 -60.89 -12.00 -23.79
CA ILE F 8 -60.05 -12.30 -22.63
C ILE F 8 -58.67 -11.68 -22.83
N GLY F 9 -58.28 -10.80 -21.91
CA GLY F 9 -56.90 -10.31 -21.87
C GLY F 9 -56.87 -8.83 -22.11
N PRO F 10 -56.99 -8.04 -21.04
CA PRO F 10 -57.11 -6.60 -21.23
C PRO F 10 -55.74 -5.88 -21.38
N GLY F 11 -54.94 -6.34 -22.34
CA GLY F 11 -53.74 -5.60 -22.74
C GLY F 11 -54.12 -4.57 -23.82
N ALA F 12 -53.11 -4.01 -24.46
CA ALA F 12 -53.29 -3.09 -25.60
C ALA F 12 -54.28 -3.62 -26.64
N VAL F 13 -54.02 -4.81 -27.16
CA VAL F 13 -54.79 -5.38 -28.24
C VAL F 13 -56.23 -5.70 -27.80
N GLY F 14 -56.31 -6.49 -26.72
CA GLY F 14 -57.57 -6.90 -26.11
C GLY F 14 -58.50 -5.75 -25.84
N THR F 15 -57.98 -4.70 -25.19
CA THR F 15 -58.79 -3.54 -24.85
C THR F 15 -59.33 -2.86 -26.10
N THR F 16 -58.45 -2.68 -27.09
CA THR F 16 -58.82 -2.14 -28.38
C THR F 16 -59.95 -2.94 -29.05
N ILE F 17 -59.84 -4.26 -29.04
CA ILE F 17 -60.87 -5.10 -29.63
C ILE F 17 -62.20 -4.95 -28.89
N ALA F 18 -62.16 -4.99 -27.56
CA ALA F 18 -63.35 -4.91 -26.74
C ALA F 18 -64.02 -3.53 -26.83
N TYR F 19 -63.22 -2.47 -26.86
CA TYR F 19 -63.79 -1.13 -26.90
C TYR F 19 -64.54 -0.86 -28.20
N GLU F 20 -63.93 -1.21 -29.33
CA GLU F 20 -64.56 -0.92 -30.60
C GLU F 20 -65.79 -1.78 -30.79
N LEU F 21 -65.67 -3.09 -30.57
CA LEU F 21 -66.85 -3.97 -30.54
C LEU F 21 -68.00 -3.48 -29.65
N GLN F 22 -67.66 -3.02 -28.45
CA GLN F 22 -68.63 -2.55 -27.45
C GLN F 22 -69.44 -1.36 -27.96
N GLN F 23 -68.90 -0.71 -29.00
CA GLN F 23 -69.47 0.51 -29.59
C GLN F 23 -70.62 0.20 -30.55
N SER F 24 -70.72 -1.06 -30.98
CA SER F 24 -71.86 -1.53 -31.78
C SER F 24 -72.62 -2.70 -31.12
N LEU F 25 -71.88 -3.61 -30.49
CA LEU F 25 -72.46 -4.76 -29.76
C LEU F 25 -72.27 -4.56 -28.27
N PRO F 26 -73.10 -3.71 -27.66
CA PRO F 26 -72.79 -3.19 -26.33
C PRO F 26 -72.86 -4.23 -25.22
N HIS F 27 -73.02 -5.50 -25.56
CA HIS F 27 -72.91 -6.53 -24.54
C HIS F 27 -71.54 -7.22 -24.51
N THR F 28 -70.72 -6.91 -25.49
CA THR F 28 -69.35 -7.39 -25.52
C THR F 28 -68.67 -7.17 -24.18
N THR F 29 -68.01 -8.20 -23.69
CA THR F 29 -67.46 -8.15 -22.33
C THR F 29 -65.95 -8.30 -22.37
N LEU F 30 -65.26 -7.46 -21.61
CA LEU F 30 -63.80 -7.58 -21.43
C LEU F 30 -63.49 -8.26 -20.09
N ILE F 31 -62.59 -9.23 -20.16
CA ILE F 31 -62.35 -10.15 -19.06
C ILE F 31 -60.88 -10.28 -18.76
N GLY F 32 -60.53 -10.19 -17.47
CA GLY F 32 -59.17 -10.44 -16.98
C GLY F 32 -59.16 -11.09 -15.60
N ARG F 33 -57.98 -11.13 -14.97
CA ARG F 33 -57.80 -11.68 -13.62
C ARG F 33 -58.74 -11.06 -12.62
N HIS F 34 -58.76 -9.72 -12.58
CA HIS F 34 -59.49 -8.93 -11.55
C HIS F 34 -60.48 -7.97 -12.18
N ALA F 35 -61.52 -7.62 -11.41
CA ALA F 35 -62.38 -6.51 -11.76
C ALA F 35 -61.54 -5.21 -11.73
N LYS F 36 -61.69 -4.39 -12.76
CA LYS F 36 -61.01 -3.08 -12.85
C LYS F 36 -61.56 -2.19 -13.98
N THR F 37 -61.11 -0.94 -13.99
CA THR F 37 -61.54 0.03 -14.98
C THR F 37 -60.33 0.54 -15.74
N ILE F 38 -60.30 0.27 -17.03
CA ILE F 38 -59.21 0.73 -17.87
C ILE F 38 -59.62 2.04 -18.54
N THR F 39 -58.66 2.96 -18.64
CA THR F 39 -58.78 4.19 -19.41
C THR F 39 -58.25 3.90 -20.82
N TYR F 40 -59.05 4.30 -21.82
CA TYR F 40 -58.75 4.03 -23.22
C TYR F 40 -58.77 5.29 -24.16
N TYR F 41 -57.85 5.28 -25.15
CA TYR F 41 -57.61 6.40 -26.06
C TYR F 41 -57.56 5.78 -27.43
N THR F 42 -58.50 6.18 -28.29
CA THR F 42 -58.58 5.66 -29.67
C THR F 42 -57.31 6.01 -30.47
N VAL F 43 -56.68 7.08 -30.04
CA VAL F 43 -55.53 7.67 -30.69
C VAL F 43 -54.94 8.55 -29.58
N PRO F 44 -53.62 8.84 -29.62
CA PRO F 44 -53.06 9.72 -28.58
C PRO F 44 -53.75 11.11 -28.49
N HIS F 45 -53.95 11.58 -27.26
CA HIS F 45 -54.70 12.83 -26.90
C HIS F 45 -56.21 12.89 -27.25
N ALA F 46 -56.76 11.84 -27.86
CA ALA F 46 -58.22 11.68 -27.96
C ALA F 46 -58.85 11.87 -26.59
N PRO F 47 -60.16 12.19 -26.54
CA PRO F 47 -60.76 12.22 -25.20
C PRO F 47 -60.54 10.87 -24.49
N ALA F 48 -60.50 10.90 -23.17
CA ALA F 48 -60.28 9.67 -22.38
C ALA F 48 -61.58 8.86 -22.23
N GLN F 49 -61.50 7.57 -22.51
CA GLN F 49 -62.66 6.70 -22.42
C GLN F 49 -62.48 5.72 -21.26
N ASP F 50 -63.58 5.35 -20.62
CA ASP F 50 -63.54 4.35 -19.54
C ASP F 50 -63.97 2.98 -20.10
N ILE F 51 -63.29 1.91 -19.71
CA ILE F 51 -63.78 0.56 -20.05
C ILE F 51 -63.68 -0.44 -18.90
N VAL F 52 -64.81 -1.10 -18.65
CA VAL F 52 -64.97 -2.07 -17.58
C VAL F 52 -64.29 -3.41 -17.89
N VAL F 53 -63.50 -3.89 -16.93
CA VAL F 53 -62.96 -5.24 -17.01
C VAL F 53 -63.61 -6.11 -15.96
N LYS F 54 -64.15 -7.25 -16.39
CA LYS F 54 -64.71 -8.20 -15.43
C LYS F 54 -63.68 -9.29 -15.08
N GLY F 55 -63.57 -9.64 -13.80
CA GLY F 55 -62.74 -10.77 -13.37
C GLY F 55 -63.31 -12.10 -13.86
N TYR F 56 -62.45 -13.09 -14.10
CA TYR F 56 -62.94 -14.37 -14.61
C TYR F 56 -64.12 -14.95 -13.81
N GLU F 57 -64.07 -14.70 -12.51
CA GLU F 57 -65.03 -15.25 -11.55
C GLU F 57 -66.31 -14.44 -11.38
N ASP F 58 -66.30 -13.18 -11.81
CA ASP F 58 -67.52 -12.36 -11.86
C ASP F 58 -68.42 -12.79 -13.02
N VAL F 59 -67.86 -13.52 -13.97
CA VAL F 59 -68.59 -13.94 -15.16
C VAL F 59 -69.19 -15.35 -14.99
N THR F 60 -70.51 -15.47 -15.17
CA THR F 60 -71.22 -16.76 -15.03
C THR F 60 -72.20 -17.06 -16.17
N ASN F 61 -71.98 -16.45 -17.33
CA ASN F 61 -72.71 -16.88 -18.54
C ASN F 61 -71.63 -17.35 -19.50
N THR F 62 -72.05 -17.96 -20.60
CA THR F 62 -71.13 -18.43 -21.63
C THR F 62 -71.31 -17.53 -22.85
N PHE F 63 -70.36 -17.58 -23.78
CA PHE F 63 -70.36 -16.67 -24.93
C PHE F 63 -70.27 -17.45 -26.24
N ASP F 64 -70.78 -16.85 -27.31
CA ASP F 64 -70.73 -17.48 -28.62
C ASP F 64 -69.37 -17.31 -29.30
N VAL F 65 -68.69 -16.24 -28.94
CA VAL F 65 -67.37 -15.91 -29.49
C VAL F 65 -66.46 -15.48 -28.36
N ILE F 66 -65.26 -16.07 -28.29
CA ILE F 66 -64.22 -15.66 -27.35
C ILE F 66 -62.96 -15.24 -28.09
N ILE F 67 -62.60 -13.98 -27.92
CA ILE F 67 -61.37 -13.48 -28.48
C ILE F 67 -60.30 -13.48 -27.37
N ILE F 68 -59.28 -14.32 -27.57
CA ILE F 68 -58.24 -14.46 -26.56
C ILE F 68 -57.08 -13.63 -27.02
N ALA F 69 -56.80 -12.58 -26.28
CA ALA F 69 -55.75 -11.65 -26.64
C ALA F 69 -54.65 -11.57 -25.58
N VAL F 70 -54.20 -12.69 -25.06
CA VAL F 70 -53.14 -12.62 -24.03
C VAL F 70 -51.79 -12.88 -24.67
N LYS F 71 -50.72 -12.71 -23.89
CA LYS F 71 -49.39 -13.05 -24.37
C LYS F 71 -49.36 -14.55 -24.61
N THR F 72 -48.56 -14.93 -25.60
CA THR F 72 -48.21 -16.31 -25.88
C THR F 72 -48.03 -17.16 -24.62
N HIS F 73 -47.17 -16.70 -23.72
CA HIS F 73 -46.86 -17.42 -22.49
C HIS F 73 -47.99 -17.37 -21.45
N GLN F 74 -49.11 -16.70 -21.77
CA GLN F 74 -50.24 -16.61 -20.84
C GLN F 74 -51.40 -17.55 -21.20
N LEU F 75 -51.32 -18.21 -22.35
CA LEU F 75 -52.41 -19.02 -22.89
C LEU F 75 -52.85 -20.17 -21.99
N ASP F 76 -51.89 -20.94 -21.51
CA ASP F 76 -52.20 -22.07 -20.63
C ASP F 76 -53.06 -21.68 -19.45
N ALA F 77 -52.72 -20.56 -18.82
CA ALA F 77 -53.42 -20.09 -17.62
C ALA F 77 -54.85 -19.63 -17.90
N VAL F 78 -55.13 -19.25 -19.13
CA VAL F 78 -56.48 -18.86 -19.56
C VAL F 78 -57.43 -20.07 -19.72
N ILE F 79 -56.87 -21.20 -20.15
CA ILE F 79 -57.64 -22.37 -20.55
C ILE F 79 -58.65 -22.91 -19.55
N PRO F 80 -58.29 -23.02 -18.26
CA PRO F 80 -59.33 -23.54 -17.38
C PRO F 80 -60.54 -22.61 -17.27
N HIS F 81 -60.34 -21.35 -17.64
CA HIS F 81 -61.41 -20.38 -17.61
C HIS F 81 -62.35 -20.62 -18.77
N LEU F 82 -61.80 -21.13 -19.87
CA LEU F 82 -62.54 -21.34 -21.09
C LEU F 82 -63.61 -22.41 -20.89
N THR F 83 -63.22 -23.43 -20.14
CA THR F 83 -64.09 -24.50 -19.77
C THR F 83 -65.43 -23.91 -19.27
N TYR F 84 -65.35 -22.81 -18.52
CA TYR F 84 -66.55 -22.18 -17.98
C TYR F 84 -67.19 -21.06 -18.81
N LEU F 85 -66.41 -20.40 -19.68
CA LEU F 85 -66.92 -19.26 -20.47
C LEU F 85 -67.40 -19.58 -21.88
N ALA F 86 -66.93 -20.70 -22.41
CA ALA F 86 -67.33 -21.13 -23.73
C ALA F 86 -68.36 -22.25 -23.60
N HIS F 87 -69.24 -22.42 -24.59
CA HIS F 87 -69.99 -23.68 -24.70
C HIS F 87 -69.40 -24.50 -25.83
N GLU F 88 -70.01 -25.64 -26.13
CA GLU F 88 -69.44 -26.60 -27.07
C GLU F 88 -69.15 -26.03 -28.48
N ASP F 89 -69.97 -25.10 -28.94
CA ASP F 89 -69.87 -24.55 -30.31
C ASP F 89 -69.35 -23.10 -30.37
N THR F 90 -68.96 -22.55 -29.23
CA THR F 90 -68.35 -21.22 -29.17
C THR F 90 -67.21 -21.09 -30.19
N LEU F 91 -67.16 -19.97 -30.89
CA LEU F 91 -66.02 -19.70 -31.76
C LEU F 91 -64.85 -19.11 -30.93
N ILE F 92 -63.72 -19.79 -30.87
CA ILE F 92 -62.59 -19.30 -30.07
C ILE F 92 -61.56 -18.70 -31.00
N ILE F 93 -61.32 -17.39 -30.87
CA ILE F 93 -60.32 -16.73 -31.72
C ILE F 93 -59.05 -16.37 -30.92
N LEU F 94 -57.93 -16.97 -31.30
CA LEU F 94 -56.63 -16.66 -30.73
C LEU F 94 -56.00 -15.45 -31.41
N ALA F 95 -56.15 -14.29 -30.81
CA ALA F 95 -55.62 -13.08 -31.39
C ALA F 95 -54.24 -12.81 -30.81
N GLN F 96 -53.26 -13.59 -31.29
CA GLN F 96 -51.89 -13.51 -30.80
C GLN F 96 -50.82 -13.97 -31.83
N ASN F 97 -49.56 -13.74 -31.48
CA ASN F 97 -48.43 -13.95 -32.37
C ASN F 97 -47.98 -15.39 -32.46
N GLY F 98 -47.12 -15.67 -33.45
CA GLY F 98 -46.59 -17.03 -33.68
C GLY F 98 -47.67 -17.99 -34.13
N TYR F 99 -47.43 -19.29 -33.96
CA TYR F 99 -48.47 -20.33 -34.17
C TYR F 99 -49.31 -20.63 -32.91
N GLU F 103 -53.90 -25.56 -30.75
CA GLU F 103 -53.80 -27.02 -30.59
C GLU F 103 -54.14 -27.45 -29.15
N HIS F 104 -53.69 -26.63 -28.20
CA HIS F 104 -53.98 -26.79 -26.77
C HIS F 104 -55.41 -26.42 -26.35
N ILE F 105 -56.19 -25.89 -27.28
CA ILE F 105 -57.53 -25.39 -26.95
C ILE F 105 -58.60 -26.47 -27.12
N PRO F 106 -59.19 -26.94 -26.00
CA PRO F 106 -60.14 -28.06 -26.01
C PRO F 106 -61.54 -27.74 -26.53
N PHE F 107 -61.64 -27.19 -27.74
CA PHE F 107 -62.94 -26.90 -28.38
C PHE F 107 -62.95 -27.20 -29.89
N LYS F 108 -64.13 -27.51 -30.42
CA LYS F 108 -64.39 -27.67 -31.85
C LYS F 108 -63.85 -26.52 -32.71
N ASN F 109 -64.31 -25.30 -32.40
CA ASN F 109 -64.18 -24.13 -33.25
C ASN F 109 -63.14 -23.12 -32.76
N VAL F 110 -61.90 -23.34 -33.18
CA VAL F 110 -60.78 -22.49 -32.79
C VAL F 110 -60.00 -22.03 -34.02
N CYS F 111 -59.81 -20.72 -34.16
CA CYS F 111 -58.92 -20.25 -35.19
C CYS F 111 -57.96 -19.16 -34.73
N GLN F 112 -56.85 -19.06 -35.45
CA GLN F 112 -55.82 -18.09 -35.19
C GLN F 112 -56.13 -16.78 -35.89
N ALA F 113 -56.04 -15.69 -35.15
CA ALA F 113 -56.11 -14.39 -35.77
C ALA F 113 -54.73 -13.73 -35.77
N VAL F 114 -54.33 -13.26 -36.96
CA VAL F 114 -53.15 -12.44 -37.16
C VAL F 114 -53.60 -11.03 -36.89
N VAL F 115 -52.83 -10.33 -36.06
CA VAL F 115 -53.23 -9.05 -35.51
C VAL F 115 -52.41 -7.90 -36.06
N TYR F 116 -53.07 -6.81 -36.41
CA TYR F 116 -52.41 -5.59 -36.80
C TYR F 116 -53.07 -4.46 -36.08
N ILE F 117 -52.70 -4.30 -34.82
CA ILE F 117 -53.25 -3.32 -33.88
C ILE F 117 -52.09 -2.86 -33.02
N SER F 118 -51.88 -1.54 -32.94
CA SER F 118 -50.73 -0.96 -32.26
C SER F 118 -51.16 0.00 -31.17
N GLY F 119 -50.63 -0.27 -29.99
CA GLY F 119 -50.92 0.54 -28.83
C GLY F 119 -49.98 0.17 -27.74
N GLN F 120 -50.19 0.73 -26.58
CA GLN F 120 -49.35 0.42 -25.42
C GLN F 120 -50.27 0.45 -24.24
N LYS F 121 -49.82 -0.18 -23.16
CA LYS F 121 -50.54 -0.11 -21.92
C LYS F 121 -49.58 0.40 -20.86
N LYS F 122 -49.98 1.45 -20.15
CA LYS F 122 -49.21 1.97 -19.03
C LYS F 122 -50.13 2.07 -17.83
N GLY F 123 -49.80 1.34 -16.77
CA GLY F 123 -50.72 1.21 -15.65
C GLY F 123 -51.98 0.56 -16.19
N ASP F 124 -53.14 1.13 -15.87
CA ASP F 124 -54.39 0.70 -16.47
C ASP F 124 -54.89 1.67 -17.57
N VAL F 125 -53.95 2.28 -18.31
CA VAL F 125 -54.29 3.20 -19.38
C VAL F 125 -53.78 2.63 -20.66
N VAL F 126 -54.68 2.32 -21.57
CA VAL F 126 -54.28 1.87 -22.89
C VAL F 126 -54.36 3.03 -23.87
N THR F 127 -53.46 3.03 -24.84
CA THR F 127 -53.41 4.06 -25.88
C THR F 127 -53.14 3.33 -27.16
N HIS F 128 -54.15 3.34 -28.02
CA HIS F 128 -54.06 2.72 -29.32
C HIS F 128 -53.30 3.70 -30.19
N PHE F 129 -52.47 3.22 -31.10
CA PHE F 129 -51.79 4.14 -32.02
C PHE F 129 -52.44 4.05 -33.40
N ARG F 130 -52.36 2.89 -34.03
CA ARG F 130 -52.81 2.74 -35.39
C ARG F 130 -53.36 1.35 -35.60
N ASP F 131 -54.20 1.20 -36.61
CA ASP F 131 -54.69 -0.10 -37.08
C ASP F 131 -55.76 -0.76 -36.20
N TYR F 132 -56.60 -1.55 -36.87
CA TYR F 132 -57.78 -2.16 -36.25
C TYR F 132 -58.06 -3.51 -36.89
N GLN F 133 -57.03 -4.14 -37.44
CA GLN F 133 -57.23 -5.29 -38.29
C GLN F 133 -57.02 -6.63 -37.60
N LEU F 134 -57.92 -7.56 -37.89
CA LEU F 134 -57.73 -8.99 -37.68
C LEU F 134 -57.84 -9.73 -39.00
N ARG F 135 -57.05 -10.78 -39.15
CA ARG F 135 -57.08 -11.63 -40.31
C ARG F 135 -57.22 -13.07 -39.86
N ILE F 136 -58.33 -13.71 -40.24
CA ILE F 136 -58.64 -15.09 -39.85
C ILE F 136 -58.88 -15.98 -41.07
N GLN F 137 -58.79 -17.29 -40.86
CA GLN F 137 -59.23 -18.28 -41.84
C GLN F 137 -60.68 -18.04 -42.30
N ASP F 138 -60.96 -18.45 -43.53
CA ASP F 138 -62.29 -18.36 -44.12
C ASP F 138 -63.09 -19.65 -43.85
N ASN F 139 -64.27 -19.48 -43.27
CA ASN F 139 -65.18 -20.59 -43.03
C ASN F 139 -66.54 -19.99 -42.70
N ALA F 140 -67.52 -20.84 -42.40
CA ALA F 140 -68.88 -20.41 -42.07
C ALA F 140 -68.93 -19.46 -40.88
N LEU F 141 -68.20 -19.80 -39.83
CA LEU F 141 -68.35 -19.07 -38.57
C LEU F 141 -67.69 -17.71 -38.53
N THR F 142 -66.50 -17.61 -39.13
CA THR F 142 -65.79 -16.31 -39.20
C THR F 142 -66.54 -15.30 -40.06
N ARG F 143 -67.21 -15.82 -41.10
CA ARG F 143 -68.04 -15.04 -42.01
C ARG F 143 -69.21 -14.45 -41.24
N GLN F 144 -69.86 -15.28 -40.42
CA GLN F 144 -70.96 -14.83 -39.55
C GLN F 144 -70.51 -13.73 -38.59
N PHE F 145 -69.42 -14.02 -37.89
CA PHE F 145 -68.87 -13.12 -36.89
C PHE F 145 -68.47 -11.79 -37.53
N ARG F 146 -67.89 -11.86 -38.73
CA ARG F 146 -67.57 -10.66 -39.52
C ARG F 146 -68.82 -9.84 -39.83
N ASP F 147 -69.88 -10.52 -40.24
CA ASP F 147 -71.15 -9.87 -40.54
C ASP F 147 -71.69 -9.23 -39.27
N LEU F 148 -71.58 -9.97 -38.17
CA LEU F 148 -72.02 -9.50 -36.85
C LEU F 148 -71.29 -8.22 -36.45
N VAL F 149 -70.06 -8.07 -36.95
CA VAL F 149 -69.11 -7.06 -36.50
C VAL F 149 -68.78 -5.95 -37.53
N GLN F 150 -69.21 -6.13 -38.79
CA GLN F 150 -68.91 -5.18 -39.88
C GLN F 150 -69.27 -3.73 -39.58
N ASP F 151 -70.22 -3.53 -38.66
CA ASP F 151 -70.59 -2.20 -38.16
C ASP F 151 -69.50 -1.50 -37.34
N SER F 152 -68.57 -2.27 -36.79
CA SER F 152 -67.60 -1.73 -35.87
C SER F 152 -66.40 -1.13 -36.60
N GLN F 153 -65.62 -0.37 -35.84
CA GLN F 153 -64.31 0.10 -36.27
C GLN F 153 -63.33 -1.05 -36.51
N ILE F 154 -63.60 -2.21 -35.92
CA ILE F 154 -62.73 -3.38 -36.10
C ILE F 154 -62.87 -3.95 -37.50
N ASP F 155 -61.79 -3.86 -38.25
CA ASP F 155 -61.72 -4.46 -39.57
C ASP F 155 -61.34 -5.93 -39.50
N ILE F 156 -62.18 -6.78 -40.10
CA ILE F 156 -61.91 -8.20 -40.26
C ILE F 156 -61.61 -8.48 -41.73
N VAL F 157 -60.65 -9.37 -41.96
CA VAL F 157 -60.20 -9.75 -43.28
C VAL F 157 -60.09 -11.27 -43.27
N LEU F 158 -60.61 -11.93 -44.28
CA LEU F 158 -60.64 -13.39 -44.27
C LEU F 158 -59.71 -13.94 -45.34
N GLU F 159 -59.10 -15.08 -45.08
CA GLU F 159 -58.03 -15.56 -45.97
C GLU F 159 -58.28 -16.93 -46.58
N ALA F 160 -57.71 -17.13 -47.78
CA ALA F 160 -57.74 -18.41 -48.47
C ALA F 160 -57.14 -19.46 -47.53
N ASN F 161 -55.82 -19.40 -47.36
CA ASN F 161 -55.19 -20.12 -46.25
C ASN F 161 -54.61 -19.14 -45.23
N ILE F 162 -54.64 -19.57 -43.97
CA ILE F 162 -54.19 -18.71 -42.89
C ILE F 162 -52.68 -18.78 -42.74
N GLN F 163 -52.10 -19.96 -43.01
CA GLN F 163 -50.65 -20.18 -42.90
C GLN F 163 -49.81 -19.07 -43.56
N GLN F 164 -50.18 -18.68 -44.78
CA GLN F 164 -49.48 -17.57 -45.45
C GLN F 164 -49.55 -16.29 -44.62
N ALA F 165 -50.72 -16.01 -44.06
CA ALA F 165 -50.88 -14.77 -43.29
C ALA F 165 -50.10 -14.80 -41.97
N ILE F 166 -50.06 -15.96 -41.33
CA ILE F 166 -49.36 -16.18 -40.07
C ILE F 166 -47.87 -16.02 -40.29
N TRP F 167 -47.30 -16.90 -41.12
CA TRP F 167 -45.92 -16.81 -41.57
C TRP F 167 -45.45 -15.41 -41.96
N TYR F 168 -46.36 -14.61 -42.49
CA TYR F 168 -46.07 -13.22 -42.85
C TYR F 168 -45.97 -12.32 -41.63
N LYS F 169 -46.89 -12.50 -40.67
CA LYS F 169 -46.83 -11.78 -39.40
C LYS F 169 -45.52 -12.13 -38.67
N LEU F 170 -45.13 -13.39 -38.74
CA LEU F 170 -43.86 -13.82 -38.18
C LEU F 170 -42.74 -12.88 -38.59
N LEU F 171 -42.57 -12.73 -39.91
CA LEU F 171 -41.54 -11.87 -40.48
C LEU F 171 -41.69 -10.42 -40.05
N VAL F 172 -42.92 -9.91 -40.02
CA VAL F 172 -43.16 -8.54 -39.54
C VAL F 172 -42.67 -8.40 -38.09
N ASN F 173 -43.06 -9.34 -37.24
CA ASN F 173 -42.50 -9.43 -35.87
C ASN F 173 -40.97 -9.54 -35.91
N LEU F 174 -40.47 -10.57 -36.58
CA LEU F 174 -39.05 -10.85 -36.65
C LEU F 174 -38.22 -9.60 -36.93
N GLY F 175 -38.70 -8.77 -37.85
CA GLY F 175 -37.99 -7.57 -38.23
C GLY F 175 -37.92 -6.53 -37.14
N ILE F 176 -38.99 -5.77 -37.00
CA ILE F 176 -38.99 -4.59 -36.17
C ILE F 176 -38.99 -4.89 -34.66
N ASN F 177 -39.56 -6.02 -34.25
CA ASN F 177 -39.65 -6.32 -32.82
C ASN F 177 -38.26 -6.62 -32.29
N SER F 178 -37.53 -7.48 -33.01
CA SER F 178 -36.16 -7.80 -32.65
C SER F 178 -35.29 -6.53 -32.54
N ILE F 179 -35.36 -5.65 -33.54
CA ILE F 179 -34.56 -4.42 -33.54
C ILE F 179 -34.83 -3.47 -32.39
N THR F 180 -36.10 -3.16 -32.13
CA THR F 180 -36.52 -2.33 -31.01
C THR F 180 -36.26 -3.00 -29.64
N ALA F 181 -36.47 -4.30 -29.54
CA ALA F 181 -36.28 -4.97 -28.26
C ALA F 181 -34.80 -4.93 -27.88
N LEU F 182 -33.96 -5.44 -28.77
CA LEU F 182 -32.51 -5.47 -28.54
C LEU F 182 -31.87 -4.10 -28.46
N GLY F 183 -32.35 -3.15 -29.26
CA GLY F 183 -31.89 -1.75 -29.21
C GLY F 183 -32.40 -0.98 -28.01
N ARG F 184 -33.41 -1.52 -27.32
CA ARG F 184 -34.12 -0.82 -26.25
C ARG F 184 -34.70 0.53 -26.65
N GLN F 185 -35.08 0.73 -27.91
CA GLN F 185 -35.72 2.02 -28.22
C GLN F 185 -36.97 1.93 -29.12
N THR F 186 -37.70 3.04 -29.22
CA THR F 186 -38.88 3.15 -30.07
C THR F 186 -38.51 2.97 -31.55
N VAL F 187 -39.47 3.07 -32.46
CA VAL F 187 -39.20 2.85 -33.90
C VAL F 187 -38.20 3.86 -34.47
N ALA F 188 -38.07 4.99 -33.78
CA ALA F 188 -37.02 5.99 -34.09
C ALA F 188 -35.63 5.38 -34.36
N ILE F 189 -35.40 4.15 -33.93
CA ILE F 189 -34.14 3.49 -34.15
C ILE F 189 -33.92 3.20 -35.63
N MET F 190 -35.02 3.03 -36.36
CA MET F 190 -34.95 2.64 -37.78
C MET F 190 -34.36 3.77 -38.65
N HIS F 191 -34.25 4.98 -38.08
CA HIS F 191 -33.56 6.09 -38.73
C HIS F 191 -32.07 5.83 -39.02
N ASN F 192 -31.37 5.15 -38.12
CA ASN F 192 -29.99 4.69 -38.36
C ASN F 192 -29.90 3.78 -39.58
N PRO F 193 -29.23 4.25 -40.65
CA PRO F 193 -29.11 3.47 -41.89
C PRO F 193 -28.49 2.08 -41.75
N GLU F 194 -27.53 1.91 -40.84
CA GLU F 194 -26.95 0.57 -40.57
C GLU F 194 -28.00 -0.40 -39.99
N ILE F 195 -28.99 0.16 -39.30
CA ILE F 195 -30.09 -0.60 -38.70
C ILE F 195 -31.07 -1.09 -39.76
N ARG F 196 -31.46 -0.19 -40.67
CA ARG F 196 -32.32 -0.56 -41.79
C ARG F 196 -31.71 -1.70 -42.60
N ILE F 197 -30.43 -1.58 -42.90
CA ILE F 197 -29.79 -2.65 -43.65
C ILE F 197 -29.79 -3.94 -42.81
N LEU F 198 -29.69 -3.79 -41.48
CA LEU F 198 -29.77 -4.96 -40.60
C LEU F 198 -31.17 -5.58 -40.63
N CYS F 199 -32.19 -4.74 -40.48
CA CYS F 199 -33.57 -5.19 -40.55
C CYS F 199 -33.84 -6.04 -41.79
N ARG F 200 -33.41 -5.55 -42.95
CA ARG F 200 -33.53 -6.25 -44.22
C ARG F 200 -32.83 -7.61 -44.22
N GLN F 201 -31.57 -7.63 -43.78
CA GLN F 201 -30.77 -8.86 -43.73
C GLN F 201 -31.41 -9.94 -42.85
N LEU F 202 -32.04 -9.50 -41.77
CA LEU F 202 -32.73 -10.39 -40.86
C LEU F 202 -33.98 -10.94 -41.55
N LEU F 203 -34.75 -10.06 -42.18
CA LEU F 203 -35.92 -10.47 -42.96
C LEU F 203 -35.56 -11.42 -44.11
N LEU F 204 -34.51 -11.09 -44.87
CA LEU F 204 -34.01 -12.01 -45.88
C LEU F 204 -33.75 -13.38 -45.27
N ASP F 205 -33.14 -13.41 -44.08
CA ASP F 205 -32.98 -14.66 -43.35
C ASP F 205 -34.31 -15.33 -43.02
N GLY F 206 -35.33 -14.54 -42.69
CA GLY F 206 -36.67 -15.07 -42.44
C GLY F 206 -37.19 -15.89 -43.61
N CYS F 207 -37.31 -15.23 -44.77
CA CYS F 207 -37.76 -15.88 -46.00
C CYS F 207 -37.01 -17.16 -46.30
N ARG F 208 -35.68 -17.10 -46.23
CA ARG F 208 -34.87 -18.28 -46.47
C ARG F 208 -35.39 -19.47 -45.65
N VAL F 209 -36.04 -19.18 -44.51
CA VAL F 209 -36.65 -20.19 -43.66
C VAL F 209 -38.11 -20.47 -44.06
N ALA F 210 -38.85 -19.39 -44.36
CA ALA F 210 -40.18 -19.51 -44.95
C ALA F 210 -40.16 -20.35 -46.24
N GLN F 211 -39.35 -19.92 -47.21
CA GLN F 211 -39.22 -20.62 -48.50
C GLN F 211 -38.92 -22.11 -48.34
N ALA F 212 -38.02 -22.46 -47.42
CA ALA F 212 -37.73 -23.87 -47.14
C ALA F 212 -38.90 -24.58 -46.45
N GLU F 213 -40.04 -23.91 -46.43
CA GLU F 213 -41.26 -24.48 -45.85
C GLU F 213 -42.58 -24.00 -46.49
N GLY F 214 -42.50 -23.20 -47.56
CA GLY F 214 -43.69 -22.68 -48.24
C GLY F 214 -43.39 -21.43 -49.03
N SER F 218 -40.25 -14.89 -51.15
CA SER F 218 -39.39 -14.22 -52.12
C SER F 218 -38.82 -12.89 -51.60
N GLU F 219 -37.82 -12.37 -52.32
CA GLU F 219 -37.19 -11.09 -51.98
C GLU F 219 -38.16 -9.91 -52.01
N GLN F 220 -39.24 -10.05 -52.77
CA GLN F 220 -40.26 -9.01 -52.93
C GLN F 220 -41.10 -8.83 -51.66
N THR F 221 -41.42 -9.95 -51.02
CA THR F 221 -42.17 -9.95 -49.79
C THR F 221 -41.47 -9.05 -48.76
N VAL F 222 -40.14 -9.12 -48.71
CA VAL F 222 -39.33 -8.32 -47.76
C VAL F 222 -39.55 -6.82 -47.89
N ASP F 223 -39.70 -6.35 -49.13
CA ASP F 223 -39.83 -4.91 -49.39
C ASP F 223 -41.11 -4.35 -48.77
N THR F 224 -42.19 -5.12 -48.87
CA THR F 224 -43.51 -4.71 -48.37
C THR F 224 -43.48 -4.57 -46.85
N ILE F 225 -42.85 -5.55 -46.20
CA ILE F 225 -42.59 -5.53 -44.76
C ILE F 225 -41.83 -4.26 -44.39
N MET F 226 -40.75 -3.97 -45.11
CA MET F 226 -39.98 -2.75 -44.86
C MET F 226 -40.86 -1.50 -45.00
N THR F 227 -41.68 -1.49 -46.05
CA THR F 227 -42.64 -0.40 -46.32
C THR F 227 -43.62 -0.18 -45.18
N ILE F 228 -44.22 -1.27 -44.67
CA ILE F 228 -45.12 -1.20 -43.50
C ILE F 228 -44.51 -0.40 -42.33
N TYR F 229 -43.23 -0.69 -42.05
CA TYR F 229 -42.45 -0.02 -41.00
C TYR F 229 -42.39 1.48 -41.16
N GLN F 230 -42.09 1.93 -42.38
CA GLN F 230 -42.04 3.36 -42.70
C GLN F 230 -43.33 4.04 -42.26
N GLY F 231 -44.41 3.27 -42.20
CA GLY F 231 -45.68 3.76 -41.67
C GLY F 231 -45.69 4.10 -40.19
N TYR F 232 -44.91 3.36 -39.39
CA TYR F 232 -44.89 3.56 -37.94
C TYR F 232 -44.35 4.93 -37.57
N PRO F 233 -44.95 5.59 -36.57
CA PRO F 233 -44.36 6.85 -36.13
C PRO F 233 -43.16 6.60 -35.20
N ASP F 234 -42.46 7.68 -34.86
CA ASP F 234 -41.22 7.59 -34.10
C ASP F 234 -41.44 7.23 -32.65
N GLU F 235 -42.52 7.76 -32.06
CA GLU F 235 -42.82 7.55 -30.66
C GLU F 235 -43.37 6.15 -30.37
N MET F 236 -43.71 5.42 -31.43
CA MET F 236 -44.34 4.12 -31.28
C MET F 236 -43.33 3.01 -30.95
N GLY F 237 -43.57 2.32 -29.83
CA GLY F 237 -42.79 1.14 -29.49
C GLY F 237 -43.55 -0.07 -29.95
N THR F 238 -42.85 -1.20 -30.03
CA THR F 238 -43.45 -2.48 -30.36
C THR F 238 -43.71 -3.27 -29.07
N SER F 239 -44.48 -4.35 -29.17
CA SER F 239 -44.86 -5.14 -28.00
C SER F 239 -43.67 -5.81 -27.31
N MET F 240 -42.70 -6.30 -28.09
CA MET F 240 -41.51 -6.88 -27.49
C MET F 240 -40.65 -5.80 -26.82
N TYR F 241 -40.59 -4.61 -27.41
CA TYR F 241 -39.92 -3.48 -26.78
C TYR F 241 -40.56 -3.10 -25.43
N TYR F 242 -41.88 -3.15 -25.35
CA TYR F 242 -42.55 -2.74 -24.11
C TYR F 242 -42.29 -3.74 -23.01
N ASP F 243 -42.22 -5.00 -23.41
CA ASP F 243 -41.97 -6.09 -22.49
C ASP F 243 -40.57 -6.07 -21.90
N ILE F 244 -39.58 -5.87 -22.78
CA ILE F 244 -38.17 -5.86 -22.36
C ILE F 244 -37.89 -4.68 -21.45
N VAL F 245 -38.50 -3.54 -21.72
CA VAL F 245 -38.29 -2.32 -20.93
C VAL F 245 -38.98 -2.39 -19.56
N HIS F 246 -40.11 -3.09 -19.50
CA HIS F 246 -40.81 -3.31 -18.24
C HIS F 246 -40.33 -4.59 -17.56
N GLN F 247 -39.25 -5.16 -18.08
CA GLN F 247 -38.61 -6.36 -17.55
C GLN F 247 -39.55 -7.54 -17.42
N GLN F 248 -40.48 -7.66 -18.35
CA GLN F 248 -41.43 -8.77 -18.41
C GLN F 248 -40.82 -9.90 -19.19
N PRO F 249 -41.46 -11.10 -19.15
CA PRO F 249 -41.04 -12.12 -20.11
C PRO F 249 -41.42 -11.70 -21.54
N LEU F 250 -40.77 -12.30 -22.53
CA LEU F 250 -40.97 -11.94 -23.91
C LEU F 250 -41.71 -13.06 -24.59
N GLU F 251 -42.43 -12.73 -25.67
CA GLU F 251 -43.05 -13.73 -26.55
C GLU F 251 -42.05 -14.44 -27.47
N VAL F 252 -40.76 -14.36 -27.15
CA VAL F 252 -39.69 -14.80 -28.05
C VAL F 252 -39.80 -16.21 -28.59
N GLU F 253 -40.13 -17.18 -27.74
CA GLU F 253 -40.10 -18.58 -28.16
C GLU F 253 -41.08 -18.87 -29.30
N ALA F 254 -42.19 -18.14 -29.34
CA ALA F 254 -43.21 -18.38 -30.34
C ALA F 254 -42.94 -17.63 -31.63
N ILE F 255 -42.09 -16.60 -31.55
CA ILE F 255 -41.75 -15.81 -32.72
C ILE F 255 -40.34 -16.18 -33.18
N GLN F 256 -39.35 -15.35 -32.84
CA GLN F 256 -37.96 -15.61 -33.23
C GLN F 256 -37.53 -17.05 -33.00
N GLY F 257 -37.99 -17.64 -31.90
CA GLY F 257 -37.56 -18.99 -31.52
C GLY F 257 -38.13 -20.04 -32.44
N PHE F 258 -39.36 -19.80 -32.89
CA PHE F 258 -40.02 -20.69 -33.82
C PHE F 258 -39.20 -20.75 -35.12
N ILE F 259 -38.86 -19.57 -35.64
CA ILE F 259 -38.15 -19.46 -36.91
C ILE F 259 -36.78 -20.14 -36.85
N TYR F 260 -36.02 -19.78 -35.82
CA TYR F 260 -34.74 -20.39 -35.51
C TYR F 260 -34.82 -21.91 -35.46
N ARG F 261 -35.87 -22.42 -34.84
CA ARG F 261 -36.00 -23.86 -34.69
C ARG F 261 -36.23 -24.51 -36.05
N ARG F 262 -37.06 -23.88 -36.88
CA ARG F 262 -37.30 -24.33 -38.25
C ARG F 262 -36.04 -24.30 -39.11
N ALA F 263 -35.28 -23.20 -39.02
CA ALA F 263 -34.02 -23.06 -39.76
C ALA F 263 -33.03 -24.15 -39.43
N ARG F 264 -33.06 -24.61 -38.19
CA ARG F 264 -32.15 -25.65 -37.70
C ARG F 264 -32.56 -27.05 -38.24
N GLU F 265 -33.88 -27.29 -38.30
CA GLU F 265 -34.48 -28.51 -38.84
C GLU F 265 -34.00 -28.74 -40.27
N HIS F 266 -34.14 -27.71 -41.10
CA HIS F 266 -33.78 -27.75 -42.50
C HIS F 266 -32.29 -27.47 -42.76
N ASN F 267 -31.52 -27.31 -41.69
CA ASN F 267 -30.07 -27.26 -41.77
C ASN F 267 -29.52 -26.01 -42.49
N LEU F 268 -30.23 -24.89 -42.38
CA LEU F 268 -29.93 -23.67 -43.14
C LEU F 268 -28.95 -22.72 -42.46
N ASP F 269 -28.56 -21.67 -43.19
CA ASP F 269 -27.55 -20.71 -42.72
C ASP F 269 -28.16 -19.33 -42.50
N THR F 270 -28.33 -18.99 -41.22
CA THR F 270 -29.14 -17.84 -40.83
C THR F 270 -28.44 -17.06 -39.71
N PRO F 271 -27.23 -16.51 -40.01
CA PRO F 271 -26.39 -15.85 -39.01
C PRO F 271 -27.06 -14.66 -38.33
N TYR F 272 -27.82 -13.87 -39.09
CA TYR F 272 -28.51 -12.69 -38.57
C TYR F 272 -29.61 -13.05 -37.58
N LEU F 273 -30.38 -14.08 -37.94
CA LEU F 273 -31.48 -14.55 -37.12
C LEU F 273 -30.89 -15.21 -35.87
N ASP F 274 -29.83 -16.00 -36.07
CA ASP F 274 -29.11 -16.66 -35.00
C ASP F 274 -28.62 -15.66 -33.93
N THR F 275 -27.95 -14.60 -34.33
CA THR F 275 -27.42 -13.68 -33.34
C THR F 275 -28.57 -12.99 -32.63
N ILE F 276 -29.60 -12.61 -33.39
CA ILE F 276 -30.82 -12.06 -32.82
C ILE F 276 -31.47 -12.97 -31.77
N TYR F 277 -31.69 -14.23 -32.14
CA TYR F 277 -32.38 -15.14 -31.26
C TYR F 277 -31.57 -15.42 -29.99
N SER F 278 -30.27 -15.55 -30.14
CA SER F 278 -29.43 -15.85 -29.00
C SER F 278 -29.45 -14.73 -27.95
N PHE F 279 -29.59 -13.47 -28.35
CA PHE F 279 -29.71 -12.39 -27.38
C PHE F 279 -31.09 -12.36 -26.72
N LEU F 280 -32.11 -12.68 -27.51
CA LEU F 280 -33.47 -12.66 -27.03
C LEU F 280 -33.67 -13.81 -26.08
N ARG F 281 -33.09 -14.95 -26.44
CA ARG F 281 -33.13 -16.12 -25.63
C ARG F 281 -32.46 -15.83 -24.29
N ALA F 282 -31.29 -15.19 -24.33
CA ALA F 282 -30.49 -14.92 -23.15
C ALA F 282 -31.26 -14.06 -22.19
N TYR F 283 -31.97 -13.07 -22.73
CA TYR F 283 -32.84 -12.23 -21.93
C TYR F 283 -33.89 -13.07 -21.18
N GLN F 284 -34.54 -13.99 -21.91
CA GLN F 284 -35.62 -14.84 -21.36
C GLN F 284 -35.15 -15.77 -20.28
N GLN F 285 -33.98 -16.36 -20.48
CA GLN F 285 -33.46 -17.28 -19.50
C GLN F 285 -33.09 -16.51 -18.24
N ASN F 286 -32.57 -15.30 -18.43
CA ASN F 286 -32.23 -14.50 -17.28
C ASN F 286 -33.51 -14.12 -16.51
N GLU F 287 -34.50 -13.62 -17.25
CA GLU F 287 -35.80 -13.24 -16.69
C GLU F 287 -36.44 -14.41 -15.90
N GLY F 288 -36.40 -15.61 -16.47
CA GLY F 288 -36.94 -16.81 -15.82
C GLY F 288 -36.17 -17.23 -14.56
N HIS F 289 -34.83 -17.16 -14.63
CA HIS F 289 -33.98 -17.53 -13.50
C HIS F 289 -34.17 -16.61 -12.29
N HIS F 290 -34.42 -15.33 -12.55
CA HIS F 290 -34.60 -14.37 -11.48
C HIS F 290 -36.03 -13.91 -11.28
N HIS F 291 -37.01 -14.60 -11.85
CA HIS F 291 -38.38 -14.07 -11.90
C HIS F 291 -38.87 -13.42 -10.60
N LEU G 3 -24.87 -6.25 33.46
CA LEU G 3 -23.97 -5.05 33.43
C LEU G 3 -22.80 -5.29 32.49
N SER G 4 -22.74 -4.50 31.43
CA SER G 4 -21.83 -4.76 30.31
C SER G 4 -20.44 -4.16 30.50
N VAL G 5 -19.42 -4.86 30.01
CA VAL G 5 -18.02 -4.42 30.17
C VAL G 5 -17.31 -4.52 28.84
N ALA G 6 -16.56 -3.46 28.51
CA ALA G 6 -15.67 -3.48 27.34
C ALA G 6 -14.24 -3.11 27.72
N ILE G 7 -13.26 -3.75 27.07
CA ILE G 7 -11.87 -3.38 27.18
C ILE G 7 -11.47 -2.79 25.84
N ILE G 8 -10.93 -1.59 25.88
CA ILE G 8 -10.44 -1.02 24.68
C ILE G 8 -8.93 -1.07 24.80
N GLY G 9 -8.29 -1.75 23.83
CA GLY G 9 -6.85 -1.86 23.77
C GLY G 9 -6.38 -3.30 23.92
N PRO G 10 -6.34 -4.08 22.82
CA PRO G 10 -5.88 -5.46 22.94
C PRO G 10 -4.36 -5.60 22.91
N GLY G 11 -3.65 -4.84 23.74
CA GLY G 11 -2.23 -5.10 23.98
C GLY G 11 -2.14 -6.17 25.06
N ALA G 12 -0.99 -6.29 25.71
CA ALA G 12 -0.74 -7.30 26.75
C ALA G 12 -1.69 -7.16 27.94
N VAL G 13 -1.74 -5.96 28.54
CA VAL G 13 -2.61 -5.69 29.69
C VAL G 13 -4.09 -5.87 29.37
N GLY G 14 -4.55 -5.31 28.24
CA GLY G 14 -5.97 -5.29 27.91
C GLY G 14 -6.53 -6.66 27.59
N THR G 15 -5.71 -7.49 26.95
CA THR G 15 -6.05 -8.88 26.62
C THR G 15 -6.16 -9.75 27.87
N THR G 16 -5.18 -9.64 28.76
CA THR G 16 -5.24 -10.37 30.03
C THR G 16 -6.55 -10.02 30.78
N ILE G 17 -6.85 -8.72 30.90
CA ILE G 17 -8.05 -8.28 31.61
C ILE G 17 -9.28 -8.82 30.90
N ALA G 18 -9.32 -8.68 29.58
CA ALA G 18 -10.44 -9.17 28.81
C ALA G 18 -10.64 -10.68 28.98
N TYR G 19 -9.57 -11.46 28.80
CA TYR G 19 -9.64 -12.91 28.92
C TYR G 19 -10.11 -13.39 30.31
N GLU G 20 -9.51 -12.88 31.40
CA GLU G 20 -9.96 -13.19 32.75
C GLU G 20 -11.44 -12.84 33.00
N LEU G 21 -11.82 -11.62 32.65
CA LEU G 21 -13.21 -11.20 32.81
C LEU G 21 -14.17 -12.04 31.99
N GLN G 22 -13.72 -12.55 30.84
CA GLN G 22 -14.58 -13.37 29.99
C GLN G 22 -14.85 -14.75 30.57
N GLN G 23 -14.05 -15.16 31.56
CA GLN G 23 -14.23 -16.43 32.27
C GLN G 23 -15.41 -16.40 33.25
N SER G 24 -15.94 -15.22 33.55
CA SER G 24 -17.06 -15.13 34.50
C SER G 24 -18.20 -14.25 34.01
N LEU G 25 -17.90 -13.38 33.05
CA LEU G 25 -18.89 -12.56 32.37
C LEU G 25 -18.60 -12.63 30.88
N PRO G 26 -19.13 -13.67 30.19
CA PRO G 26 -18.61 -13.96 28.86
C PRO G 26 -19.04 -12.97 27.75
N HIS G 27 -19.98 -12.06 28.04
CA HIS G 27 -20.33 -10.98 27.09
C HIS G 27 -19.32 -9.82 27.08
N THR G 28 -18.29 -9.91 27.92
CA THR G 28 -17.25 -8.88 27.93
C THR G 28 -16.59 -8.83 26.55
N THR G 29 -16.33 -7.61 26.09
CA THR G 29 -15.89 -7.36 24.72
C THR G 29 -14.53 -6.66 24.68
N LEU G 30 -13.63 -7.25 23.91
CA LEU G 30 -12.31 -6.68 23.64
C LEU G 30 -12.36 -5.95 22.30
N ILE G 31 -12.04 -4.68 22.33
CA ILE G 31 -12.18 -3.79 21.16
C ILE G 31 -10.84 -3.14 20.78
N GLY G 32 -10.60 -3.02 19.47
CA GLY G 32 -9.40 -2.33 18.95
C GLY G 32 -9.76 -1.69 17.62
N ARG G 33 -8.73 -1.25 16.88
CA ARG G 33 -8.90 -0.62 15.55
C ARG G 33 -9.67 -1.48 14.54
N HIS G 34 -9.32 -2.76 14.44
CA HIS G 34 -9.87 -3.69 13.45
C HIS G 34 -10.16 -5.05 14.10
N ALA G 35 -11.15 -5.78 13.57
CA ALA G 35 -11.43 -7.15 13.98
C ALA G 35 -10.17 -8.02 13.84
N LYS G 36 -9.98 -8.94 14.78
CA LYS G 36 -8.87 -9.91 14.73
C LYS G 36 -8.95 -10.93 15.88
N THR G 37 -8.10 -11.95 15.80
CA THR G 37 -8.04 -12.97 16.82
C THR G 37 -6.65 -12.89 17.41
N ILE G 38 -6.59 -12.63 18.71
CA ILE G 38 -5.34 -12.68 19.45
C ILE G 38 -5.11 -14.08 19.99
N THR G 39 -3.85 -14.52 20.00
CA THR G 39 -3.48 -15.74 20.73
C THR G 39 -3.00 -15.35 22.11
N TYR G 40 -3.59 -15.97 23.13
CA TYR G 40 -3.32 -15.61 24.51
C TYR G 40 -2.78 -16.80 25.31
N TYR G 41 -1.71 -16.57 26.09
CA TYR G 41 -1.20 -17.53 27.08
C TYR G 41 -1.36 -17.02 28.49
N THR G 42 -2.17 -17.72 29.30
CA THR G 42 -2.30 -17.37 30.74
C THR G 42 -0.93 -17.29 31.42
N VAL G 43 -0.02 -18.17 30.99
CA VAL G 43 1.31 -18.27 31.57
C VAL G 43 2.24 -18.76 30.42
N PRO G 44 3.55 -18.45 30.46
CA PRO G 44 4.41 -18.99 29.37
C PRO G 44 4.29 -20.52 29.30
N HIS G 45 4.21 -21.09 28.09
CA HIS G 45 4.09 -22.55 27.84
C HIS G 45 2.77 -23.18 28.28
N ALA G 46 1.81 -22.38 28.72
CA ALA G 46 0.45 -22.91 28.88
C ALA G 46 -0.08 -23.27 27.48
N PRO G 47 -1.23 -23.96 27.38
CA PRO G 47 -1.80 -24.13 26.04
C PRO G 47 -2.37 -22.80 25.51
N ALA G 48 -2.23 -22.57 24.20
CA ALA G 48 -2.63 -21.31 23.57
C ALA G 48 -4.14 -21.23 23.45
N GLN G 49 -4.68 -20.03 23.67
CA GLN G 49 -6.10 -19.79 23.49
C GLN G 49 -6.35 -18.58 22.62
N ASP G 50 -7.47 -18.59 21.91
CA ASP G 50 -7.81 -17.51 21.00
C ASP G 50 -8.84 -16.61 21.64
N ILE G 51 -8.59 -15.29 21.61
CA ILE G 51 -9.59 -14.33 22.02
C ILE G 51 -9.97 -13.40 20.85
N VAL G 52 -11.27 -13.26 20.65
CA VAL G 52 -11.78 -12.42 19.58
C VAL G 52 -11.65 -10.94 19.91
N VAL G 53 -11.17 -10.16 18.95
CA VAL G 53 -11.17 -8.70 19.08
C VAL G 53 -12.20 -8.13 18.12
N LYS G 54 -12.98 -7.14 18.56
CA LYS G 54 -13.90 -6.45 17.65
C LYS G 54 -13.37 -5.07 17.31
N GLY G 55 -13.64 -4.62 16.08
CA GLY G 55 -13.30 -3.28 15.64
C GLY G 55 -14.28 -2.24 16.17
N TYR G 56 -13.80 -1.05 16.44
CA TYR G 56 -14.63 0.08 16.88
C TYR G 56 -15.91 0.25 16.05
N GLU G 57 -15.76 0.06 14.74
CA GLU G 57 -16.84 0.26 13.80
C GLU G 57 -17.82 -0.92 13.81
N ASP G 58 -17.37 -2.08 14.30
CA ASP G 58 -18.22 -3.26 14.43
C ASP G 58 -19.22 -3.16 15.60
N VAL G 59 -18.90 -2.37 16.61
CA VAL G 59 -19.65 -2.39 17.85
C VAL G 59 -20.71 -1.28 17.81
N THR G 60 -21.97 -1.67 18.01
CA THR G 60 -23.10 -0.72 17.91
C THR G 60 -23.81 -0.37 19.24
N ASN G 61 -23.47 -1.07 20.33
CA ASN G 61 -24.05 -0.76 21.63
C ASN G 61 -23.09 -0.03 22.58
N THR G 62 -23.62 0.46 23.69
CA THR G 62 -22.82 1.16 24.67
C THR G 62 -22.58 0.22 25.83
N PHE G 63 -21.62 0.55 26.69
CA PHE G 63 -21.22 -0.31 27.77
C PHE G 63 -21.34 0.41 29.07
N ASP G 64 -21.62 -0.33 30.14
CA ASP G 64 -21.69 0.29 31.46
C ASP G 64 -20.30 0.52 32.02
N VAL G 65 -19.33 -0.29 31.60
CA VAL G 65 -17.95 -0.15 32.06
C VAL G 65 -16.98 -0.27 30.90
N ILE G 66 -15.98 0.61 30.87
CA ILE G 66 -15.01 0.58 29.78
C ILE G 66 -13.65 0.73 30.38
N ILE G 67 -12.83 -0.29 30.15
CA ILE G 67 -11.52 -0.33 30.67
C ILE G 67 -10.63 -0.05 29.49
N ILE G 68 -9.98 1.11 29.55
CA ILE G 68 -9.12 1.53 28.48
C ILE G 68 -7.71 1.18 28.85
N ALA G 69 -7.13 0.30 28.04
CA ALA G 69 -5.77 -0.16 28.27
C ALA G 69 -4.92 0.04 27.02
N VAL G 70 -4.74 1.27 26.60
CA VAL G 70 -3.82 1.53 25.49
C VAL G 70 -2.58 2.26 26.01
N LYS G 71 -1.64 2.56 25.12
CA LYS G 71 -0.45 3.34 25.51
C LYS G 71 -0.88 4.76 25.84
N THR G 72 -0.16 5.41 26.76
CA THR G 72 -0.40 6.81 27.15
C THR G 72 -0.60 7.71 25.92
N HIS G 73 0.27 7.56 24.91
CA HIS G 73 0.17 8.34 23.66
C HIS G 73 -0.91 7.90 22.69
N GLN G 74 -1.58 6.79 22.98
CA GLN G 74 -2.69 6.35 22.14
C GLN G 74 -4.07 6.79 22.63
N LEU G 75 -4.15 7.47 23.78
CA LEU G 75 -5.44 7.73 24.42
C LEU G 75 -6.30 8.75 23.67
N ASP G 76 -5.67 9.79 23.14
CA ASP G 76 -6.42 10.84 22.43
C ASP G 76 -7.22 10.28 21.28
N ALA G 77 -6.70 9.29 20.56
CA ALA G 77 -7.43 8.75 19.41
C ALA G 77 -8.54 7.77 19.79
N VAL G 78 -8.53 7.31 21.04
CA VAL G 78 -9.63 6.51 21.59
C VAL G 78 -10.83 7.39 21.90
N ILE G 79 -10.55 8.58 22.41
CA ILE G 79 -11.59 9.49 22.96
C ILE G 79 -12.87 9.61 22.10
N PRO G 80 -12.76 9.87 20.78
CA PRO G 80 -13.96 10.04 19.95
C PRO G 80 -14.82 8.78 19.88
N HIS G 81 -14.18 7.61 19.91
CA HIS G 81 -14.88 6.35 19.93
C HIS G 81 -15.77 6.24 21.17
N LEU G 82 -15.30 6.81 22.28
CA LEU G 82 -16.08 6.81 23.54
C LEU G 82 -17.46 7.46 23.45
N THR G 83 -17.57 8.50 22.61
CA THR G 83 -18.84 9.22 22.38
C THR G 83 -19.96 8.24 21.99
N TYR G 84 -19.56 7.19 21.29
CA TYR G 84 -20.48 6.14 20.80
C TYR G 84 -20.53 4.87 21.61
N LEU G 85 -19.46 4.58 22.35
CA LEU G 85 -19.39 3.33 23.15
C LEU G 85 -19.81 3.51 24.60
N ALA G 86 -19.74 4.76 25.08
CA ALA G 86 -20.13 5.08 26.44
C ALA G 86 -21.46 5.79 26.43
N HIS G 87 -22.30 5.48 27.43
CA HIS G 87 -23.49 6.31 27.72
C HIS G 87 -23.12 7.24 28.87
N GLU G 88 -24.05 8.08 29.33
CA GLU G 88 -23.72 9.17 30.27
C GLU G 88 -23.15 8.68 31.61
N ASP G 89 -23.62 7.53 32.06
CA ASP G 89 -23.28 7.05 33.39
C ASP G 89 -22.17 5.99 33.39
N THR G 90 -21.69 5.63 32.19
CA THR G 90 -20.60 4.69 32.02
C THR G 90 -19.42 5.01 32.93
N LEU G 91 -18.92 3.96 33.59
CA LEU G 91 -17.70 4.03 34.37
C LEU G 91 -16.52 3.74 33.46
N ILE G 92 -15.66 4.73 33.32
CA ILE G 92 -14.48 4.61 32.50
C ILE G 92 -13.21 4.46 33.34
N ILE G 93 -12.56 3.32 33.15
CA ILE G 93 -11.35 3.02 33.90
C ILE G 93 -10.13 3.11 32.98
N LEU G 94 -9.26 4.04 33.29
CA LEU G 94 -8.01 4.18 32.57
C LEU G 94 -6.99 3.25 33.18
N ALA G 95 -6.82 2.07 32.59
CA ALA G 95 -5.77 1.17 33.05
C ALA G 95 -4.45 1.48 32.31
N GLN G 96 -3.81 2.58 32.69
CA GLN G 96 -2.61 3.07 32.01
C GLN G 96 -1.55 3.47 33.01
N ASN G 97 -0.32 3.63 32.52
CA ASN G 97 0.78 4.18 33.32
C ASN G 97 0.71 5.70 33.32
N GLY G 98 1.51 6.34 34.17
CA GLY G 98 1.49 7.80 34.30
C GLY G 98 0.49 8.33 35.31
N TYR G 99 0.31 9.65 35.31
CA TYR G 99 -0.77 10.32 36.03
C TYR G 99 -1.74 10.85 34.99
N GLY G 100 -2.79 10.06 34.70
CA GLY G 100 -3.82 10.42 33.73
C GLY G 100 -4.50 11.73 34.05
N GLN G 101 -5.04 12.38 33.02
CA GLN G 101 -5.72 13.68 33.17
C GLN G 101 -7.24 13.54 32.88
N LEU G 102 -7.99 13.29 33.95
CA LEU G 102 -9.35 12.75 33.86
C LEU G 102 -10.46 13.75 33.43
N GLU G 103 -10.10 15.00 33.18
CA GLU G 103 -11.03 15.93 32.52
C GLU G 103 -10.76 15.97 31.00
N HIS G 104 -9.69 15.30 30.56
CA HIS G 104 -9.43 15.07 29.13
C HIS G 104 -10.41 14.04 28.57
N ILE G 105 -11.06 13.32 29.47
CA ILE G 105 -12.13 12.43 29.11
C ILE G 105 -13.47 13.04 29.53
N PRO G 106 -14.34 13.31 28.54
CA PRO G 106 -15.57 14.06 28.73
C PRO G 106 -16.72 13.22 29.30
N PHE G 107 -16.49 12.57 30.44
CA PHE G 107 -17.54 11.86 31.17
C PHE G 107 -17.38 12.12 32.66
N LYS G 108 -18.45 11.92 33.44
CA LYS G 108 -18.44 12.12 34.91
C LYS G 108 -17.61 11.05 35.62
N ASN G 109 -17.88 9.79 35.29
CA ASN G 109 -17.27 8.68 35.98
C ASN G 109 -16.00 8.18 35.31
N VAL G 110 -14.86 8.76 35.69
CA VAL G 110 -13.57 8.38 35.12
C VAL G 110 -12.58 8.08 36.25
N CYS G 111 -11.95 6.90 36.20
CA CYS G 111 -10.93 6.46 37.20
C CYS G 111 -9.63 6.07 36.55
N GLN G 112 -8.52 6.39 37.21
CA GLN G 112 -7.25 5.82 36.88
C GLN G 112 -7.07 4.52 37.64
N ALA G 113 -6.81 3.43 36.91
CA ALA G 113 -6.40 2.18 37.50
C ALA G 113 -4.91 2.02 37.37
N VAL G 114 -4.30 1.64 38.48
CA VAL G 114 -2.89 1.36 38.59
C VAL G 114 -2.73 -0.13 38.36
N VAL G 115 -1.94 -0.44 37.33
CA VAL G 115 -1.87 -1.77 36.77
C VAL G 115 -0.65 -2.56 37.25
N TYR G 116 -0.91 -3.72 37.81
CA TYR G 116 0.15 -4.66 38.04
C TYR G 116 -0.19 -5.96 37.32
N ILE G 117 0.11 -5.96 36.02
CA ILE G 117 -0.09 -7.12 35.15
C ILE G 117 1.09 -7.11 34.18
N SER G 118 1.93 -8.15 34.24
CA SER G 118 3.13 -8.24 33.41
C SER G 118 2.89 -9.21 32.26
N GLY G 119 3.23 -8.77 31.06
CA GLY G 119 3.06 -9.57 29.87
C GLY G 119 3.82 -8.96 28.73
N GLN G 120 3.81 -9.66 27.60
CA GLN G 120 4.33 -9.09 26.36
C GLN G 120 3.37 -9.39 25.22
N LYS G 121 3.46 -8.61 24.16
CA LYS G 121 2.72 -8.89 22.92
C LYS G 121 3.72 -8.98 21.76
N LYS G 122 3.64 -10.05 21.00
CA LYS G 122 4.49 -10.18 19.81
C LYS G 122 3.59 -10.58 18.68
N GLY G 123 3.59 -9.78 17.62
CA GLY G 123 2.60 -9.93 16.56
C GLY G 123 1.23 -9.84 17.21
N ASP G 124 0.40 -10.83 16.99
CA ASP G 124 -0.90 -10.89 17.65
C ASP G 124 -0.94 -11.99 18.72
N VAL G 125 0.20 -12.22 19.35
CA VAL G 125 0.34 -13.24 20.39
C VAL G 125 0.73 -12.58 21.73
N VAL G 126 -0.18 -12.66 22.68
CA VAL G 126 0.07 -12.09 24.00
C VAL G 126 0.48 -13.21 24.99
N THR G 127 1.57 -12.98 25.70
CA THR G 127 2.01 -13.93 26.71
C THR G 127 1.98 -13.22 28.06
N HIS G 128 1.10 -13.73 28.94
CA HIS G 128 1.03 -13.22 30.32
C HIS G 128 2.12 -13.85 31.20
N PHE G 129 2.96 -13.02 31.82
CA PHE G 129 3.99 -13.51 32.74
C PHE G 129 3.54 -13.69 34.20
N ARG G 130 3.01 -12.63 34.82
CA ARG G 130 2.60 -12.66 36.24
C ARG G 130 1.65 -11.51 36.59
N ASP G 131 0.83 -11.73 37.62
CA ASP G 131 0.05 -10.69 38.35
C ASP G 131 -1.25 -10.24 37.68
N TYR G 132 -2.23 -9.91 38.50
CA TYR G 132 -3.57 -9.62 38.00
C TYR G 132 -4.21 -8.43 38.68
N GLN G 133 -3.40 -7.51 39.17
CA GLN G 133 -3.95 -6.46 40.04
C GLN G 133 -4.29 -5.15 39.31
N LEU G 134 -5.48 -4.62 39.61
CA LEU G 134 -5.83 -3.22 39.39
C LEU G 134 -6.11 -2.53 40.72
N ARG G 135 -5.45 -1.42 40.95
CA ARG G 135 -5.70 -0.62 42.12
C ARG G 135 -6.41 0.65 41.67
N ILE G 136 -7.54 0.93 42.29
CA ILE G 136 -8.51 1.92 41.84
C ILE G 136 -9.07 2.65 43.05
N GLN G 137 -9.38 3.95 42.88
CA GLN G 137 -9.95 4.79 43.93
C GLN G 137 -11.25 4.15 44.43
N ASP G 138 -11.41 4.07 45.75
CA ASP G 138 -12.60 3.50 46.38
C ASP G 138 -13.77 4.49 46.30
N ASN G 139 -14.86 4.08 45.68
CA ASN G 139 -16.10 4.87 45.67
C ASN G 139 -17.30 3.98 45.38
N ALA G 140 -18.50 4.52 45.44
CA ALA G 140 -19.70 3.70 45.25
C ALA G 140 -19.64 2.90 43.94
N LEU G 141 -19.14 3.54 42.89
CA LEU G 141 -19.12 2.94 41.55
C LEU G 141 -18.06 1.88 41.38
N THR G 142 -16.89 2.12 41.95
CA THR G 142 -15.80 1.15 41.88
C THR G 142 -16.08 -0.08 42.75
N ARG G 143 -16.78 0.14 43.87
CA ARG G 143 -17.27 -0.96 44.70
C ARG G 143 -18.17 -1.89 43.92
N GLN G 144 -19.12 -1.30 43.20
CA GLN G 144 -20.04 -2.07 42.37
C GLN G 144 -19.28 -2.82 41.29
N PHE G 145 -18.23 -2.19 40.76
CA PHE G 145 -17.42 -2.85 39.74
C PHE G 145 -16.61 -4.01 40.34
N ARG G 146 -15.97 -3.75 41.47
CA ARG G 146 -15.33 -4.80 42.28
C ARG G 146 -16.30 -5.97 42.54
N ASP G 147 -17.52 -5.68 42.99
CA ASP G 147 -18.48 -6.76 43.24
C ASP G 147 -18.81 -7.50 41.96
N LEU G 148 -19.03 -6.75 40.87
CA LEU G 148 -19.39 -7.36 39.57
C LEU G 148 -18.36 -8.41 39.13
N VAL G 149 -17.10 -8.08 39.34
CA VAL G 149 -15.97 -8.82 38.85
C VAL G 149 -15.52 -9.94 39.82
N GLN G 150 -16.11 -9.95 41.01
CA GLN G 150 -15.68 -10.80 42.14
C GLN G 150 -15.32 -12.27 41.78
N ASP G 151 -16.07 -12.88 40.86
CA ASP G 151 -15.82 -14.27 40.47
C ASP G 151 -14.67 -14.51 39.46
N SER G 152 -13.86 -13.49 39.16
CA SER G 152 -12.77 -13.63 38.17
C SER G 152 -11.42 -13.65 38.86
N GLN G 153 -10.37 -13.92 38.11
CA GLN G 153 -9.02 -13.88 38.66
C GLN G 153 -8.44 -12.45 38.77
N ILE G 154 -9.17 -11.45 38.28
CA ILE G 154 -8.72 -10.06 38.39
C ILE G 154 -8.79 -9.55 39.84
N ASP G 155 -7.70 -8.95 40.27
CA ASP G 155 -7.45 -8.57 41.65
C ASP G 155 -7.72 -7.06 41.74
N ILE G 156 -8.94 -6.69 42.07
CA ILE G 156 -9.27 -5.30 42.31
C ILE G 156 -8.93 -4.91 43.77
N VAL G 157 -8.14 -3.85 43.92
CA VAL G 157 -7.80 -3.30 45.21
C VAL G 157 -8.32 -1.87 45.26
N LEU G 158 -9.29 -1.59 46.12
CA LEU G 158 -9.81 -0.27 46.24
C LEU G 158 -9.00 0.53 47.25
N GLU G 159 -8.58 1.74 46.88
CA GLU G 159 -7.72 2.54 47.73
C GLU G 159 -8.44 3.75 48.28
N ALA G 160 -8.07 4.13 49.49
CA ALA G 160 -8.59 5.31 50.17
C ALA G 160 -8.25 6.58 49.39
N ASN G 161 -6.98 6.70 49.00
CA ASN G 161 -6.51 7.82 48.19
C ASN G 161 -5.60 7.28 47.10
N ILE G 162 -6.11 7.24 45.88
CA ILE G 162 -5.40 6.64 44.73
C ILE G 162 -4.06 7.32 44.40
N GLN G 163 -3.95 8.60 44.68
CA GLN G 163 -2.70 9.32 44.39
C GLN G 163 -1.44 8.61 44.89
N GLN G 164 -1.50 8.02 46.07
CA GLN G 164 -0.35 7.33 46.59
C GLN G 164 0.06 6.15 45.71
N ALA G 165 -0.92 5.34 45.29
CA ALA G 165 -0.71 4.19 44.44
C ALA G 165 -0.15 4.63 43.07
N ILE G 166 -0.66 5.74 42.55
CA ILE G 166 -0.22 6.28 41.26
C ILE G 166 1.25 6.67 41.33
N TRP G 167 1.60 7.43 42.35
CA TRP G 167 2.99 7.80 42.52
C TRP G 167 3.91 6.61 42.77
N TYR G 168 3.41 5.61 43.48
CA TYR G 168 4.23 4.43 43.75
C TYR G 168 4.53 3.74 42.40
N LYS G 169 3.49 3.55 41.59
CA LYS G 169 3.65 2.98 40.26
C LYS G 169 4.64 3.80 39.41
N LEU G 170 4.53 5.14 39.43
CA LEU G 170 5.49 5.98 38.71
C LEU G 170 6.94 5.63 39.05
N LEU G 171 7.19 5.41 40.33
CA LEU G 171 8.48 4.96 40.82
C LEU G 171 8.83 3.58 40.31
N VAL G 172 7.88 2.66 40.37
CA VAL G 172 8.10 1.30 39.89
C VAL G 172 8.56 1.33 38.42
N ASN G 173 7.84 2.08 37.58
CA ASN G 173 8.25 2.27 36.19
C ASN G 173 9.55 3.03 36.07
N LEU G 174 9.71 4.07 36.86
CA LEU G 174 10.92 4.87 36.74
C LEU G 174 12.21 4.02 36.75
N GLY G 175 12.33 3.10 37.71
CA GLY G 175 13.55 2.31 37.84
C GLY G 175 13.75 1.31 36.70
N ILE G 176 12.98 0.22 36.72
CA ILE G 176 13.17 -0.88 35.79
C ILE G 176 12.90 -0.52 34.31
N ASN G 177 11.86 0.26 33.99
CA ASN G 177 11.69 0.72 32.59
C ASN G 177 12.84 1.52 32.00
N SER G 178 13.39 2.45 32.77
CA SER G 178 14.47 3.29 32.30
C SER G 178 15.70 2.45 32.07
N ILE G 179 16.00 1.58 33.01
CA ILE G 179 17.25 0.84 33.01
C ILE G 179 17.21 -0.15 31.86
N THR G 180 16.10 -0.88 31.74
CA THR G 180 15.96 -1.88 30.71
C THR G 180 15.88 -1.20 29.32
N ALA G 181 15.07 -0.15 29.16
CA ALA G 181 15.01 0.59 27.87
C ALA G 181 16.37 1.14 27.48
N LEU G 182 17.01 1.92 28.35
CA LEU G 182 18.32 2.50 28.03
C LEU G 182 19.47 1.48 27.88
N GLY G 183 19.45 0.40 28.66
CA GLY G 183 20.45 -0.65 28.46
C GLY G 183 20.13 -1.57 27.28
N ARG G 184 18.96 -1.40 26.67
CA ARG G 184 18.49 -2.38 25.68
C ARG G 184 18.64 -3.81 26.18
N GLN G 185 18.27 -4.06 27.44
CA GLN G 185 18.35 -5.40 27.96
C GLN G 185 17.12 -5.73 28.77
N THR G 186 16.88 -7.02 28.95
CA THR G 186 15.83 -7.51 29.82
C THR G 186 16.25 -7.25 31.30
N VAL G 187 15.35 -7.59 32.20
CA VAL G 187 15.60 -7.48 33.64
C VAL G 187 16.97 -8.03 34.13
N ALA G 188 17.55 -8.93 33.33
CA ALA G 188 18.89 -9.51 33.56
C ALA G 188 20.01 -8.49 33.71
N ILE G 189 19.81 -7.29 33.17
CA ILE G 189 20.80 -6.21 33.32
C ILE G 189 21.10 -5.92 34.81
N MET G 190 20.14 -6.24 35.68
CA MET G 190 20.28 -6.01 37.13
C MET G 190 21.34 -6.89 37.83
N HIS G 191 21.92 -7.86 37.11
CA HIS G 191 23.12 -8.59 37.58
C HIS G 191 24.39 -7.74 37.61
N ASN G 192 24.44 -6.66 36.83
CA ASN G 192 25.57 -5.72 36.92
C ASN G 192 25.41 -4.98 38.24
N PRO G 193 26.44 -5.06 39.10
CA PRO G 193 26.42 -4.30 40.36
C PRO G 193 26.24 -2.79 40.13
N GLU G 194 26.87 -2.24 39.10
CA GLU G 194 26.78 -0.79 38.86
C GLU G 194 25.36 -0.38 38.52
N ILE G 195 24.63 -1.24 37.83
CA ILE G 195 23.24 -0.97 37.44
C ILE G 195 22.26 -1.10 38.60
N ARG G 196 22.50 -2.11 39.41
CA ARG G 196 21.82 -2.32 40.69
C ARG G 196 21.97 -1.06 41.58
N ILE G 197 23.17 -0.53 41.71
CA ILE G 197 23.45 0.71 42.46
C ILE G 197 22.70 1.93 41.81
N LEU G 198 22.90 2.17 40.50
CA LEU G 198 22.13 3.17 39.76
C LEU G 198 20.63 3.04 39.97
N CYS G 199 20.11 1.82 39.87
CA CYS G 199 18.65 1.64 40.00
C CYS G 199 18.12 2.25 41.32
N ARG G 200 18.85 2.01 42.41
CA ARG G 200 18.53 2.59 43.69
C ARG G 200 18.70 4.12 43.72
N GLN G 201 19.82 4.64 43.24
CA GLN G 201 20.01 6.07 43.16
C GLN G 201 18.90 6.74 42.36
N LEU G 202 18.50 6.06 41.27
CA LEU G 202 17.44 6.57 40.43
C LEU G 202 16.08 6.55 41.15
N LEU G 203 15.78 5.46 41.84
CA LEU G 203 14.57 5.42 42.65
C LEU G 203 14.56 6.48 43.75
N LEU G 204 15.75 6.84 44.24
CA LEU G 204 15.90 7.85 45.29
C LEU G 204 15.59 9.25 44.77
N ASP G 205 16.04 9.57 43.55
CA ASP G 205 15.64 10.79 42.84
C ASP G 205 14.14 10.90 42.72
N GLY G 206 13.49 9.83 42.28
CA GLY G 206 12.04 9.79 42.14
C GLY G 206 11.31 9.96 43.47
N CYS G 207 11.85 9.36 44.54
CA CYS G 207 11.32 9.53 45.89
C CYS G 207 11.37 10.98 46.32
N ARG G 208 12.49 11.63 46.02
CA ARG G 208 12.66 13.03 46.35
C ARG G 208 11.65 13.92 45.61
N VAL G 209 11.35 13.60 44.35
CA VAL G 209 10.25 14.26 43.65
C VAL G 209 8.92 13.96 44.31
N ALA G 210 8.70 12.71 44.72
CA ALA G 210 7.44 12.36 45.38
C ALA G 210 7.25 13.05 46.75
N GLN G 211 8.34 13.26 47.49
CA GLN G 211 8.30 13.97 48.79
C GLN G 211 7.88 15.44 48.58
N ALA G 212 8.57 16.13 47.65
CA ALA G 212 8.18 17.47 47.23
C ALA G 212 6.73 17.59 46.76
N GLU G 213 6.17 16.51 46.25
CA GLU G 213 4.75 16.50 45.87
C GLU G 213 3.83 16.20 47.05
N GLY G 214 4.40 16.08 48.25
CA GLY G 214 3.61 15.88 49.46
C GLY G 214 3.33 14.44 49.82
N LEU G 215 4.13 13.51 49.32
CA LEU G 215 3.94 12.07 49.60
C LEU G 215 5.01 11.61 50.54
N ASN G 216 4.66 10.69 51.42
CA ASN G 216 5.56 10.21 52.43
C ASN G 216 6.56 9.09 52.08
N PHE G 217 7.19 9.18 50.92
CA PHE G 217 8.07 8.12 50.49
C PHE G 217 9.44 8.28 51.12
N SER G 218 10.15 7.17 51.27
CA SER G 218 11.43 7.19 51.96
C SER G 218 12.37 6.16 51.37
N GLU G 219 13.58 6.12 51.89
CA GLU G 219 14.53 5.08 51.50
C GLU G 219 13.88 3.69 51.54
N GLN G 220 12.94 3.50 52.45
CA GLN G 220 12.28 2.20 52.61
C GLN G 220 11.23 1.87 51.55
N THR G 221 10.66 2.89 50.93
CA THR G 221 9.82 2.73 49.74
C THR G 221 10.66 2.09 48.60
N VAL G 222 11.89 2.59 48.46
CA VAL G 222 12.81 2.09 47.49
C VAL G 222 13.09 0.60 47.70
N ASP G 223 13.27 0.19 48.98
CA ASP G 223 13.50 -1.22 49.27
C ASP G 223 12.37 -2.13 48.78
N THR G 224 11.12 -1.69 48.93
CA THR G 224 9.98 -2.49 48.55
C THR G 224 9.81 -2.51 47.03
N ILE G 225 10.24 -1.43 46.37
CA ILE G 225 10.19 -1.36 44.92
C ILE G 225 11.24 -2.30 44.40
N MET G 226 12.41 -2.29 45.02
CA MET G 226 13.41 -3.26 44.60
C MET G 226 13.16 -4.72 44.88
N THR G 227 12.31 -4.98 45.86
CA THR G 227 11.78 -6.33 46.07
C THR G 227 10.88 -6.77 44.92
N ILE G 228 9.99 -5.88 44.47
CA ILE G 228 9.15 -6.16 43.30
C ILE G 228 10.01 -6.59 42.12
N TYR G 229 11.07 -5.85 41.84
CA TYR G 229 11.94 -6.09 40.69
C TYR G 229 12.61 -7.47 40.73
N GLN G 230 13.03 -7.84 41.94
CA GLN G 230 13.59 -9.14 42.19
C GLN G 230 12.61 -10.29 41.87
N GLY G 231 11.31 -9.99 41.89
CA GLY G 231 10.30 -10.98 41.48
C GLY G 231 10.13 -11.10 39.97
N TYR G 232 10.87 -10.29 39.21
CA TYR G 232 10.85 -10.37 37.74
C TYR G 232 11.92 -11.34 37.24
N PRO G 233 11.49 -12.38 36.50
CA PRO G 233 12.42 -13.34 35.94
C PRO G 233 13.44 -12.59 35.06
N ASP G 234 14.68 -13.07 35.04
CA ASP G 234 15.74 -12.47 34.24
C ASP G 234 15.40 -12.17 32.77
N GLU G 235 14.55 -13.01 32.19
CA GLU G 235 14.24 -12.94 30.76
C GLU G 235 13.11 -11.97 30.46
N MET G 236 12.48 -11.44 31.50
CA MET G 236 11.36 -10.53 31.32
C MET G 236 11.86 -9.18 30.83
N GLY G 237 11.17 -8.65 29.84
CA GLY G 237 11.37 -7.28 29.41
C GLY G 237 10.29 -6.40 30.04
N THR G 238 10.36 -5.10 29.75
CA THR G 238 9.38 -4.14 30.23
C THR G 238 8.73 -3.54 29.01
N SER G 239 7.60 -2.86 29.20
CA SER G 239 6.90 -2.28 28.06
C SER G 239 7.82 -1.35 27.29
N MET G 240 8.60 -0.51 28.00
CA MET G 240 9.46 0.48 27.36
C MET G 240 10.66 -0.18 26.67
N TYR G 241 11.17 -1.25 27.24
CA TYR G 241 12.21 -2.05 26.54
C TYR G 241 11.63 -2.57 25.21
N TYR G 242 10.51 -3.29 25.28
CA TYR G 242 9.82 -3.77 24.06
C TYR G 242 9.63 -2.65 23.05
N ASP G 243 9.09 -1.51 23.50
CA ASP G 243 8.92 -0.34 22.61
C ASP G 243 10.22 0.13 21.96
N ILE G 244 11.26 0.31 22.76
CA ILE G 244 12.52 0.85 22.27
C ILE G 244 13.21 -0.12 21.31
N VAL G 245 13.21 -1.41 21.64
CA VAL G 245 13.81 -2.42 20.75
C VAL G 245 13.05 -2.55 19.41
N HIS G 246 11.73 -2.38 19.42
CA HIS G 246 10.88 -2.44 18.21
C HIS G 246 10.84 -1.13 17.46
N GLN G 247 11.67 -0.19 17.90
CA GLN G 247 11.70 1.18 17.34
C GLN G 247 10.36 1.92 17.34
N GLN G 248 9.55 1.70 18.38
CA GLN G 248 8.27 2.40 18.50
C GLN G 248 8.42 3.70 19.28
N PRO G 249 7.40 4.57 19.24
CA PRO G 249 7.36 5.66 20.24
C PRO G 249 7.26 5.10 21.68
N LEU G 250 7.76 5.83 22.67
CA LEU G 250 7.71 5.42 24.05
C LEU G 250 6.69 6.23 24.86
N GLU G 251 6.27 5.67 25.99
CA GLU G 251 5.41 6.37 26.98
C GLU G 251 6.22 7.31 27.85
N VAL G 252 7.44 7.61 27.45
CA VAL G 252 8.35 8.41 28.26
C VAL G 252 7.69 9.70 28.83
N GLU G 253 6.96 10.46 28.02
CA GLU G 253 6.43 11.77 28.48
C GLU G 253 5.44 11.67 29.66
N ALA G 254 4.66 10.60 29.74
CA ALA G 254 3.70 10.41 30.82
C ALA G 254 4.31 9.76 32.07
N ILE G 255 5.54 9.26 31.93
CA ILE G 255 6.24 8.60 33.06
C ILE G 255 7.50 9.37 33.47
N GLN G 256 8.64 9.07 32.87
CA GLN G 256 9.87 9.80 33.21
C GLN G 256 9.73 11.31 33.01
N GLY G 257 9.10 11.73 31.90
CA GLY G 257 8.87 13.15 31.61
C GLY G 257 7.97 13.83 32.64
N PHE G 258 6.91 13.16 33.05
CA PHE G 258 6.08 13.73 34.08
C PHE G 258 6.92 13.92 35.38
N ILE G 259 7.67 12.90 35.79
CA ILE G 259 8.46 13.04 37.02
C ILE G 259 9.48 14.18 36.92
N TYR G 260 10.20 14.18 35.80
CA TYR G 260 11.15 15.23 35.47
C TYR G 260 10.53 16.63 35.56
N ARG G 261 9.31 16.81 35.06
CA ARG G 261 8.65 18.12 35.07
C ARG G 261 8.22 18.52 36.49
N ARG G 262 7.73 17.56 37.25
CA ARG G 262 7.53 17.81 38.68
C ARG G 262 8.83 18.21 39.36
N ALA G 263 9.94 17.54 39.02
CA ALA G 263 11.20 17.85 39.65
C ALA G 263 11.62 19.28 39.39
N ARG G 264 11.32 19.77 38.18
CA ARG G 264 11.67 21.14 37.78
C ARG G 264 10.71 22.16 38.41
N GLU G 265 9.45 21.80 38.51
CA GLU G 265 8.47 22.63 39.20
C GLU G 265 8.82 22.86 40.68
N HIS G 266 9.58 21.95 41.28
CA HIS G 266 9.93 22.04 42.68
C HIS G 266 11.38 22.44 42.81
N ASN G 267 12.01 22.76 41.68
CA ASN G 267 13.41 23.20 41.66
C ASN G 267 14.37 22.26 42.35
N LEU G 268 14.21 20.96 42.07
CA LEU G 268 14.98 19.90 42.72
C LEU G 268 16.28 19.59 42.00
N ASP G 269 17.26 19.10 42.73
CA ASP G 269 18.42 18.54 42.11
C ASP G 269 18.23 17.02 41.96
N THR G 270 18.08 16.56 40.71
CA THR G 270 17.83 15.13 40.41
C THR G 270 18.72 14.59 39.25
N PRO G 271 20.04 14.42 39.48
CA PRO G 271 20.98 14.10 38.41
C PRO G 271 20.69 12.76 37.69
N TYR G 272 20.28 11.73 38.44
CA TYR G 272 20.02 10.40 37.88
C TYR G 272 18.77 10.45 37.02
N LEU G 273 17.70 11.03 37.54
CA LEU G 273 16.50 11.23 36.77
C LEU G 273 16.80 12.07 35.52
N ASP G 274 17.59 13.13 35.65
CA ASP G 274 17.81 14.04 34.51
C ASP G 274 18.55 13.33 33.39
N THR G 275 19.50 12.50 33.78
CA THR G 275 20.28 11.73 32.84
C THR G 275 19.39 10.74 32.08
N ILE G 276 18.53 10.01 32.79
CA ILE G 276 17.67 9.01 32.20
C ILE G 276 16.67 9.67 31.26
N TYR G 277 16.01 10.73 31.73
CA TYR G 277 15.08 11.49 30.92
C TYR G 277 15.68 11.99 29.59
N SER G 278 16.87 12.57 29.66
CA SER G 278 17.58 13.08 28.50
C SER G 278 17.74 12.04 27.39
N PHE G 279 18.28 10.87 27.73
CA PHE G 279 18.39 9.81 26.77
C PHE G 279 17.03 9.35 26.23
N LEU G 280 16.04 9.18 27.09
CA LEU G 280 14.73 8.69 26.63
C LEU G 280 13.98 9.72 25.78
N ARG G 281 14.19 10.99 26.10
CA ARG G 281 13.58 12.06 25.38
C ARG G 281 14.29 12.20 24.03
N ALA G 282 15.61 12.08 24.03
CA ALA G 282 16.35 12.10 22.79
C ALA G 282 15.91 10.97 21.87
N TYR G 283 15.78 9.76 22.42
CA TYR G 283 15.23 8.66 21.63
C TYR G 283 13.86 9.07 21.04
N GLN G 284 13.00 9.64 21.88
CA GLN G 284 11.64 9.99 21.50
C GLN G 284 11.60 11.05 20.35
N GLN G 285 12.48 12.05 20.42
CA GLN G 285 12.48 13.11 19.43
C GLN G 285 13.03 12.59 18.08
N ASN G 286 14.04 11.73 18.13
CA ASN G 286 14.52 11.11 16.92
C ASN G 286 13.43 10.25 16.26
N GLU G 287 12.73 9.44 17.05
CA GLU G 287 11.64 8.62 16.57
C GLU G 287 10.54 9.49 15.92
N GLY G 288 10.13 10.56 16.59
CA GLY G 288 9.13 11.46 16.03
C GLY G 288 9.58 12.06 14.69
N HIS G 289 10.85 12.45 14.63
CA HIS G 289 11.40 13.16 13.50
C HIS G 289 11.57 12.26 12.26
N HIS G 290 11.94 11.02 12.46
CA HIS G 290 12.06 10.07 11.37
C HIS G 290 10.88 9.09 11.26
N HIS G 291 9.70 9.45 11.77
CA HIS G 291 8.61 8.47 11.98
C HIS G 291 8.06 7.71 10.76
N HIS G 292 7.38 8.43 9.85
CA HIS G 292 6.57 7.82 8.74
C HIS G 292 5.90 6.44 9.01
N LEU H 3 20.18 35.84 8.14
CA LEU H 3 18.99 35.31 8.87
C LEU H 3 18.14 34.37 8.03
N SER H 4 18.09 33.13 8.51
CA SER H 4 17.41 32.03 7.86
C SER H 4 15.90 32.02 8.19
N VAL H 5 15.05 31.74 7.19
CA VAL H 5 13.63 31.58 7.45
C VAL H 5 13.06 30.25 6.90
N ALA H 6 12.28 29.54 7.71
CA ALA H 6 11.51 28.40 7.21
C ALA H 6 10.02 28.52 7.53
N ILE H 7 9.18 28.05 6.62
CA ILE H 7 7.78 27.94 6.89
C ILE H 7 7.51 26.46 6.98
N ILE H 8 6.86 26.04 8.07
CA ILE H 8 6.35 24.67 8.17
C ILE H 8 4.82 24.63 7.97
N GLY H 9 4.37 23.95 6.92
CA GLY H 9 2.95 23.78 6.62
C GLY H 9 2.60 24.30 5.22
N PRO H 10 2.70 23.42 4.20
CA PRO H 10 2.47 24.01 2.90
C PRO H 10 0.99 23.97 2.58
N GLY H 11 0.18 24.52 3.47
CA GLY H 11 -1.26 24.70 3.25
C GLY H 11 -1.46 26.03 2.56
N ALA H 12 -2.71 26.47 2.44
CA ALA H 12 -2.99 27.77 1.84
C ALA H 12 -2.17 28.91 2.45
N VAL H 13 -2.17 29.01 3.78
CA VAL H 13 -1.50 30.11 4.47
C VAL H 13 0.01 30.07 4.35
N GLY H 14 0.58 28.90 4.65
CA GLY H 14 2.02 28.73 4.67
C GLY H 14 2.64 28.91 3.30
N THR H 15 2.01 28.36 2.27
CA THR H 15 2.48 28.55 0.91
C THR H 15 2.49 30.01 0.52
N THR H 16 1.38 30.70 0.75
CA THR H 16 1.40 32.17 0.55
C THR H 16 2.59 32.87 1.25
N ILE H 17 2.84 32.56 2.52
CA ILE H 17 3.93 33.23 3.26
C ILE H 17 5.29 32.93 2.64
N ALA H 18 5.53 31.65 2.39
CA ALA H 18 6.75 31.22 1.72
C ALA H 18 6.97 31.91 0.34
N TYR H 19 5.99 31.81 -0.56
CA TYR H 19 6.09 32.47 -1.87
C TYR H 19 6.49 33.94 -1.77
N GLU H 20 5.80 34.69 -0.92
CA GLU H 20 6.05 36.12 -0.77
C GLU H 20 7.41 36.47 -0.11
N LEU H 21 7.77 35.74 0.93
CA LEU H 21 9.11 35.83 1.48
C LEU H 21 10.22 35.45 0.49
N GLN H 22 10.00 34.47 -0.38
CA GLN H 22 11.02 34.06 -1.35
C GLN H 22 11.33 35.12 -2.41
N GLN H 23 10.35 36.00 -2.66
CA GLN H 23 10.52 37.13 -3.57
C GLN H 23 11.54 38.15 -3.03
N SER H 24 11.62 38.30 -1.70
CA SER H 24 12.64 39.15 -1.04
C SER H 24 13.89 38.38 -0.59
N LEU H 25 13.71 37.20 -0.01
CA LEU H 25 14.78 36.38 0.57
C LEU H 25 14.72 34.98 -0.04
N PRO H 26 15.49 34.73 -1.11
CA PRO H 26 15.21 33.51 -1.88
C PRO H 26 15.66 32.22 -1.20
N HIS H 27 16.35 32.31 -0.06
CA HIS H 27 16.75 31.12 0.71
C HIS H 27 15.65 30.60 1.64
N THR H 28 14.52 31.30 1.67
CA THR H 28 13.36 30.94 2.51
C THR H 28 12.84 29.55 2.10
N THR H 29 12.74 28.64 3.07
CA THR H 29 12.43 27.22 2.79
C THR H 29 10.99 26.82 3.20
N LEU H 30 10.25 26.23 2.28
CA LEU H 30 8.96 25.66 2.64
C LEU H 30 9.12 24.18 2.99
N ILE H 31 8.57 23.78 4.13
CA ILE H 31 8.78 22.43 4.64
C ILE H 31 7.46 21.74 4.95
N GLY H 32 7.29 20.50 4.49
CA GLY H 32 6.13 19.67 4.85
C GLY H 32 6.60 18.24 5.12
N ARG H 33 5.67 17.28 5.21
CA ARG H 33 6.03 15.90 5.50
C ARG H 33 6.94 15.29 4.44
N HIS H 34 6.59 15.50 3.17
CA HIS H 34 7.29 14.90 2.04
C HIS H 34 7.70 15.98 1.06
N ALA H 35 8.83 15.77 0.38
CA ALA H 35 9.17 16.56 -0.81
C ALA H 35 8.02 16.52 -1.84
N LYS H 36 7.69 17.71 -2.35
CA LYS H 36 6.69 17.87 -3.41
C LYS H 36 6.79 19.24 -4.10
N THR H 37 6.05 19.37 -5.19
CA THR H 37 5.96 20.65 -5.85
C THR H 37 4.55 21.13 -5.69
N ILE H 38 4.41 22.32 -5.14
CA ILE H 38 3.09 22.93 -5.05
C ILE H 38 2.91 23.93 -6.19
N THR H 39 1.72 23.92 -6.79
CA THR H 39 1.30 24.98 -7.70
C THR H 39 0.63 26.09 -6.92
N TYR H 40 1.07 27.32 -7.19
CA TYR H 40 0.60 28.51 -6.49
C TYR H 40 0.11 29.64 -7.45
N TYR H 41 -1.07 30.16 -7.16
CA TYR H 41 -1.62 31.32 -7.86
C TYR H 41 -1.63 32.51 -6.93
N THR H 42 -0.78 33.51 -7.20
CA THR H 42 -0.76 34.75 -6.39
C THR H 42 -2.16 35.37 -6.30
N VAL H 43 -2.98 35.06 -7.29
CA VAL H 43 -4.27 35.67 -7.48
C VAL H 43 -4.99 34.66 -8.34
N PRO H 44 -6.32 34.50 -8.15
CA PRO H 44 -7.05 33.50 -8.93
C PRO H 44 -6.84 33.66 -10.46
N HIS H 45 -6.48 32.56 -11.11
CA HIS H 45 -6.16 32.51 -12.53
C HIS H 45 -5.01 33.46 -13.04
N ALA H 46 -4.16 33.99 -12.15
CA ALA H 46 -2.81 34.45 -12.59
C ALA H 46 -2.06 33.26 -13.23
N PRO H 47 -0.98 33.52 -13.98
CA PRO H 47 -0.21 32.35 -14.45
C PRO H 47 0.29 31.52 -13.27
N ALA H 48 0.13 30.20 -13.37
CA ALA H 48 0.55 29.28 -12.30
C ALA H 48 2.05 29.40 -12.00
N GLN H 49 2.44 29.28 -10.74
CA GLN H 49 3.86 29.14 -10.39
C GLN H 49 4.07 27.88 -9.53
N ASP H 50 5.23 27.28 -9.70
CA ASP H 50 5.61 26.10 -8.96
C ASP H 50 6.45 26.54 -7.77
N ILE H 51 6.12 26.03 -6.57
CA ILE H 51 6.98 26.23 -5.40
C ILE H 51 7.45 24.91 -4.77
N VAL H 52 8.76 24.84 -4.45
CA VAL H 52 9.39 23.63 -3.94
C VAL H 52 9.07 23.40 -2.45
N VAL H 53 8.57 22.22 -2.11
CA VAL H 53 8.40 21.85 -0.70
C VAL H 53 9.46 20.85 -0.32
N LYS H 54 10.21 21.15 0.73
CA LYS H 54 11.17 20.19 1.29
C LYS H 54 10.48 19.31 2.33
N GLY H 55 10.82 18.03 2.36
CA GLY H 55 10.38 17.14 3.45
C GLY H 55 11.23 17.39 4.70
N TYR H 56 10.67 17.09 5.87
CA TYR H 56 11.33 17.35 7.15
C TYR H 56 12.74 16.73 7.24
N GLU H 57 12.89 15.54 6.67
CA GLU H 57 14.14 14.78 6.75
C GLU H 57 15.15 15.20 5.69
N ASP H 58 14.70 15.94 4.67
CA ASP H 58 15.58 16.48 3.63
C ASP H 58 16.33 17.67 4.18
N VAL H 59 15.81 18.26 5.25
CA VAL H 59 16.42 19.45 5.84
C VAL H 59 17.41 19.05 6.96
N THR H 60 18.59 19.65 6.93
CA THR H 60 19.68 19.26 7.85
C THR H 60 20.31 20.46 8.55
N ASN H 61 20.03 21.67 8.06
CA ASN H 61 20.44 22.91 8.74
C ASN H 61 19.37 23.38 9.72
N THR H 62 19.74 24.29 10.61
CA THR H 62 18.74 24.95 11.48
C THR H 62 18.30 26.29 10.89
N PHE H 63 17.24 26.87 11.43
CA PHE H 63 16.79 28.19 10.94
C PHE H 63 16.69 29.17 12.08
N ASP H 64 16.84 30.45 11.76
CA ASP H 64 16.73 31.51 12.77
C ASP H 64 15.31 31.90 13.06
N VAL H 65 14.45 31.76 12.05
CA VAL H 65 13.02 31.98 12.19
C VAL H 65 12.25 30.83 11.55
N ILE H 66 11.22 30.38 12.26
CA ILE H 66 10.33 29.36 11.80
C ILE H 66 8.84 29.77 11.97
N ILE H 67 8.15 29.83 10.86
CA ILE H 67 6.74 30.13 10.87
C ILE H 67 6.00 28.82 10.70
N ILE H 68 5.27 28.43 11.74
CA ILE H 68 4.50 27.22 11.69
C ILE H 68 3.09 27.60 11.26
N ALA H 69 2.64 27.02 10.16
CA ALA H 69 1.35 27.34 9.57
C ALA H 69 0.53 26.07 9.29
N VAL H 70 0.35 25.23 10.27
CA VAL H 70 -0.42 24.01 10.11
C VAL H 70 -1.76 24.20 10.78
N LYS H 71 -2.66 23.25 10.59
CA LYS H 71 -3.89 23.22 11.38
C LYS H 71 -3.62 23.01 12.88
N THR H 72 -4.41 23.68 13.73
CA THR H 72 -4.31 23.55 15.19
C THR H 72 -4.12 22.10 15.63
N HIS H 73 -4.91 21.18 15.06
CA HIS H 73 -4.81 19.75 15.39
C HIS H 73 -3.58 19.07 14.78
N GLN H 74 -2.81 19.78 13.96
CA GLN H 74 -1.60 19.21 13.36
C GLN H 74 -0.35 19.59 14.11
N LEU H 75 -0.49 20.42 15.14
CA LEU H 75 0.66 21.04 15.78
C LEU H 75 1.58 20.08 16.52
N ASP H 76 1.00 19.09 17.20
CA ASP H 76 1.78 18.20 18.05
C ASP H 76 2.76 17.36 17.26
N ALA H 77 2.37 16.95 16.07
CA ALA H 77 3.23 16.14 15.20
C ALA H 77 4.40 16.95 14.62
N VAL H 78 4.26 18.28 14.58
CA VAL H 78 5.35 19.15 14.15
C VAL H 78 6.49 19.20 15.17
N ILE H 79 6.12 19.17 16.45
CA ILE H 79 7.08 19.44 17.53
C ILE H 79 8.39 18.68 17.41
N PRO H 80 8.35 17.34 17.24
CA PRO H 80 9.66 16.64 17.21
C PRO H 80 10.58 17.11 16.09
N HIS H 81 9.98 17.55 14.99
CA HIS H 81 10.74 18.09 13.90
C HIS H 81 11.44 19.37 14.31
N LEU H 82 10.80 20.13 15.20
CA LEU H 82 11.35 21.41 15.65
C LEU H 82 12.65 21.24 16.40
N THR H 83 12.76 20.14 17.14
CA THR H 83 13.95 19.83 17.93
C THR H 83 15.16 19.88 16.99
N TYR H 84 14.92 19.44 15.75
CA TYR H 84 15.96 19.38 14.75
C TYR H 84 16.10 20.60 13.83
N LEU H 85 14.99 21.26 13.51
CA LEU H 85 15.06 22.40 12.57
C LEU H 85 15.40 23.73 13.25
N ALA H 86 15.11 23.84 14.55
CA ALA H 86 15.27 25.07 15.31
C ALA H 86 16.48 25.03 16.22
N HIS H 87 17.13 26.17 16.45
CA HIS H 87 18.13 26.23 17.52
C HIS H 87 17.59 26.98 18.73
N GLU H 88 18.38 27.05 19.79
CA GLU H 88 17.90 27.53 21.08
C GLU H 88 17.24 28.91 20.99
N ASP H 89 17.78 29.76 20.12
CA ASP H 89 17.35 31.15 20.06
C ASP H 89 16.37 31.41 18.92
N THR H 90 16.07 30.38 18.13
CA THR H 90 15.15 30.52 16.99
C THR H 90 13.85 31.22 17.41
N LEU H 91 13.40 32.18 16.60
CA LEU H 91 12.06 32.73 16.78
C LEU H 91 11.00 31.83 16.13
N ILE H 92 10.14 31.24 16.94
CA ILE H 92 9.10 30.40 16.39
C ILE H 92 7.81 31.18 16.39
N ILE H 93 7.22 31.32 15.20
CA ILE H 93 5.96 32.03 15.08
C ILE H 93 4.84 31.08 14.74
N LEU H 94 3.82 31.07 15.58
CA LEU H 94 2.67 30.22 15.36
C LEU H 94 1.60 30.96 14.57
N ALA H 95 1.66 30.84 13.24
CA ALA H 95 0.66 31.42 12.34
C ALA H 95 -0.57 30.52 12.29
N GLN H 96 -1.43 30.67 13.29
CA GLN H 96 -2.48 29.71 13.54
C GLN H 96 -3.68 30.37 14.21
N ASN H 97 -4.84 29.73 14.03
CA ASN H 97 -6.09 30.06 14.69
C ASN H 97 -6.16 29.55 16.11
N GLY H 98 -7.19 30.01 16.84
CA GLY H 98 -7.37 29.65 18.25
C GLY H 98 -6.46 30.42 19.16
N TYR H 99 -6.28 29.91 20.38
CA TYR H 99 -5.50 30.54 21.43
C TYR H 99 -4.39 29.60 21.89
N GLY H 100 -3.21 29.77 21.30
CA GLY H 100 -2.09 28.85 21.51
C GLY H 100 -1.60 28.74 22.95
N GLN H 101 -1.44 27.50 23.41
CA GLN H 101 -0.75 27.24 24.68
C GLN H 101 0.74 27.18 24.31
N LEU H 102 1.32 28.36 24.16
CA LEU H 102 2.68 28.52 23.64
C LEU H 102 3.73 27.76 24.45
N GLU H 103 3.40 27.40 25.70
CA GLU H 103 4.27 26.58 26.55
C GLU H 103 4.44 25.17 26.00
N HIS H 104 3.47 24.71 25.18
CA HIS H 104 3.56 23.40 24.53
C HIS H 104 4.72 23.30 23.52
N ILE H 105 5.30 24.44 23.13
CA ILE H 105 6.47 24.47 22.26
C ILE H 105 7.78 24.69 23.04
N PRO H 106 8.66 23.69 23.04
CA PRO H 106 9.84 23.63 23.92
C PRO H 106 10.97 24.60 23.54
N PHE H 107 10.63 25.87 23.36
CA PHE H 107 11.60 26.89 22.94
C PHE H 107 11.36 28.21 23.66
N LYS H 108 12.44 28.98 23.81
CA LYS H 108 12.39 30.21 24.55
C LYS H 108 11.59 31.28 23.80
N ASN H 109 11.86 31.45 22.50
CA ASN H 109 11.26 32.54 21.70
C ASN H 109 10.10 32.08 20.85
N VAL H 110 8.89 32.10 21.42
CA VAL H 110 7.70 31.61 20.73
C VAL H 110 6.64 32.67 20.83
N CYS H 111 5.94 32.95 19.74
CA CYS H 111 4.79 33.87 19.79
C CYS H 111 3.74 33.46 18.78
N GLN H 112 2.48 33.76 19.06
CA GLN H 112 1.41 33.49 18.11
C GLN H 112 1.22 34.63 17.13
N ALA H 113 1.04 34.29 15.86
CA ALA H 113 0.64 35.26 14.84
C ALA H 113 -0.83 35.09 14.55
N VAL H 114 -1.50 36.22 14.39
CA VAL H 114 -2.87 36.26 13.96
C VAL H 114 -2.82 36.43 12.44
N VAL H 115 -3.59 35.63 11.72
CA VAL H 115 -3.45 35.57 10.29
C VAL H 115 -4.66 36.13 9.60
N TYR H 116 -4.44 37.01 8.63
CA TYR H 116 -5.47 37.49 7.73
C TYR H 116 -4.98 37.28 6.30
N ILE H 117 -5.06 36.03 5.85
CA ILE H 117 -4.61 35.60 4.53
C ILE H 117 -5.60 34.54 4.10
N SER H 118 -6.29 34.80 3.00
CA SER H 118 -7.38 33.96 2.49
C SER H 118 -6.92 33.30 1.22
N GLY H 119 -7.17 32.00 1.13
CA GLY H 119 -6.78 31.17 0.01
C GLY H 119 -7.38 29.80 0.21
N GLN H 120 -7.11 28.90 -0.73
CA GLN H 120 -7.51 27.50 -0.58
C GLN H 120 -6.44 26.60 -1.15
N LYS H 121 -6.44 25.35 -0.70
CA LYS H 121 -5.60 24.32 -1.27
C LYS H 121 -6.49 23.19 -1.82
N LYS H 122 -6.24 22.78 -3.06
CA LYS H 122 -6.95 21.69 -3.71
C LYS H 122 -5.89 20.77 -4.28
N GLY H 123 -5.89 19.51 -3.87
CA GLY H 123 -4.76 18.64 -4.21
C GLY H 123 -3.51 19.36 -3.76
N ASP H 124 -2.57 19.56 -4.68
CA ASP H 124 -1.34 20.31 -4.42
C ASP H 124 -1.31 21.71 -5.09
N VAL H 125 -2.48 22.34 -5.18
CA VAL H 125 -2.61 23.66 -5.81
C VAL H 125 -3.17 24.65 -4.80
N VAL H 126 -2.45 25.73 -4.60
CA VAL H 126 -2.87 26.75 -3.68
C VAL H 126 -3.30 27.97 -4.50
N THR H 127 -4.47 28.49 -4.21
CA THR H 127 -4.87 29.77 -4.79
C THR H 127 -4.99 30.79 -3.65
N HIS H 128 -4.20 31.83 -3.70
CA HIS H 128 -4.39 32.94 -2.77
C HIS H 128 -5.52 33.88 -3.24
N PHE H 129 -6.42 34.23 -2.31
CA PHE H 129 -7.54 35.12 -2.64
C PHE H 129 -7.27 36.58 -2.32
N ARG H 130 -6.96 36.87 -1.07
CA ARG H 130 -6.75 38.24 -0.65
C ARG H 130 -5.96 38.26 0.66
N ASP H 131 -5.19 39.33 0.86
CA ASP H 131 -4.57 39.69 2.13
C ASP H 131 -3.24 38.99 2.40
N TYR H 132 -2.38 39.64 3.19
CA TYR H 132 -1.00 39.22 3.40
C TYR H 132 -0.54 39.52 4.81
N GLN H 133 -1.48 39.60 5.75
CA GLN H 133 -1.18 40.17 7.05
C GLN H 133 -0.91 39.18 8.15
N LEU H 134 0.16 39.44 8.91
CA LEU H 134 0.39 38.75 10.16
C LEU H 134 0.47 39.77 11.29
N ARG H 135 -0.37 39.58 12.31
CA ARG H 135 -0.32 40.42 13.49
C ARG H 135 0.37 39.64 14.61
N ILE H 136 1.49 40.19 15.08
CA ILE H 136 2.34 39.56 16.07
C ILE H 136 2.64 40.53 17.25
N GLN H 137 2.96 39.99 18.42
CA GLN H 137 3.34 40.79 19.59
C GLN H 137 4.61 41.59 19.34
N ASP H 138 4.57 42.87 19.71
CA ASP H 138 5.73 43.78 19.67
C ASP H 138 6.75 43.40 20.74
N ASN H 139 7.96 43.06 20.28
CA ASN H 139 9.11 42.81 21.14
C ASN H 139 10.38 42.91 20.29
N ALA H 140 11.53 42.80 20.95
CA ALA H 140 12.81 43.00 20.25
C ALA H 140 12.95 42.07 19.04
N LEU H 141 12.66 40.78 19.22
CA LEU H 141 12.89 39.82 18.14
C LEU H 141 11.92 39.97 16.99
N THR H 142 10.69 40.31 17.32
CA THR H 142 9.67 40.47 16.30
C THR H 142 9.80 41.74 15.43
N ARG H 143 10.49 42.76 15.97
CA ARG H 143 10.79 44.00 15.25
C ARG H 143 11.84 43.74 14.19
N GLN H 144 12.83 42.96 14.59
CA GLN H 144 13.92 42.53 13.73
C GLN H 144 13.39 41.72 12.54
N PHE H 145 12.47 40.81 12.84
CA PHE H 145 11.82 40.00 11.82
C PHE H 145 11.00 40.86 10.85
N ARG H 146 10.24 41.81 11.40
CA ARG H 146 9.52 42.80 10.60
C ARG H 146 10.46 43.54 9.65
N ASP H 147 11.66 43.86 10.14
CA ASP H 147 12.67 44.60 9.37
C ASP H 147 13.29 43.77 8.26
N LEU H 148 13.62 42.52 8.60
CA LEU H 148 14.18 41.59 7.66
C LEU H 148 13.25 41.38 6.46
N VAL H 149 11.96 41.35 6.75
CA VAL H 149 10.92 40.97 5.81
C VAL H 149 10.26 42.16 5.10
N GLN H 150 10.79 43.37 5.33
CA GLN H 150 10.14 44.65 4.90
C GLN H 150 10.02 44.85 3.39
N ASP H 151 10.88 44.23 2.60
CA ASP H 151 10.76 44.33 1.14
C ASP H 151 9.67 43.44 0.52
N SER H 152 9.00 42.62 1.34
CA SER H 152 8.05 41.66 0.80
C SER H 152 6.63 42.19 0.85
N GLN H 153 5.73 41.49 0.17
CA GLN H 153 4.30 41.73 0.30
C GLN H 153 3.70 41.37 1.66
N ILE H 154 4.39 40.56 2.47
CA ILE H 154 3.81 40.19 3.79
C ILE H 154 3.77 41.39 4.74
N ASP H 155 2.55 41.77 5.11
CA ASP H 155 2.32 42.89 6.00
C ASP H 155 2.38 42.43 7.47
N ILE H 156 3.47 42.76 8.14
CA ILE H 156 3.64 42.47 9.56
C ILE H 156 3.21 43.64 10.45
N VAL H 157 2.14 43.45 11.22
CA VAL H 157 1.68 44.45 12.18
C VAL H 157 2.12 44.01 13.58
N LEU H 158 2.87 44.85 14.26
CA LEU H 158 3.26 44.55 15.62
C LEU H 158 2.25 45.11 16.61
N GLU H 159 1.89 44.30 17.61
CA GLU H 159 0.81 44.66 18.50
C GLU H 159 1.37 44.89 19.89
N ALA H 160 0.90 45.96 20.54
CA ALA H 160 1.35 46.27 21.90
C ALA H 160 0.87 45.16 22.80
N ASN H 161 -0.40 44.76 22.61
CA ASN H 161 -0.92 43.56 23.25
C ASN H 161 -1.65 42.61 22.29
N ILE H 162 -1.07 41.43 22.09
CA ILE H 162 -1.54 40.47 21.09
C ILE H 162 -2.82 39.73 21.49
N GLN H 163 -3.09 39.65 22.79
CA GLN H 163 -4.27 38.94 23.29
C GLN H 163 -5.56 39.53 22.73
N GLN H 164 -5.60 40.84 22.62
CA GLN H 164 -6.77 41.50 22.05
C GLN H 164 -6.99 41.05 20.60
N ALA H 165 -5.91 41.02 19.83
CA ALA H 165 -5.95 40.62 18.43
C ALA H 165 -6.38 39.16 18.27
N ILE H 166 -5.83 38.29 19.11
CA ILE H 166 -6.13 36.88 19.15
C ILE H 166 -7.63 36.71 19.36
N TRP H 167 -8.12 37.36 20.42
CA TRP H 167 -9.56 37.35 20.74
C TRP H 167 -10.44 37.93 19.64
N TYR H 168 -9.97 39.00 19.02
CA TYR H 168 -10.66 39.53 17.85
C TYR H 168 -10.75 38.48 16.71
N LYS H 169 -9.63 37.83 16.40
CA LYS H 169 -9.63 36.79 15.37
C LYS H 169 -10.59 35.62 15.71
N LEU H 170 -10.66 35.26 16.99
CA LEU H 170 -11.56 34.20 17.46
C LEU H 170 -12.97 34.53 17.09
N LEU H 171 -13.37 35.76 17.40
CA LEU H 171 -14.71 36.23 17.03
C LEU H 171 -14.92 36.25 15.52
N VAL H 172 -13.91 36.73 14.79
CA VAL H 172 -13.97 36.72 13.33
C VAL H 172 -14.23 35.31 12.80
N ASN H 173 -13.53 34.30 13.34
CA ASN H 173 -13.77 32.91 12.92
C ASN H 173 -15.12 32.42 13.37
N LEU H 174 -15.45 32.72 14.61
CA LEU H 174 -16.64 32.21 15.22
C LEU H 174 -17.83 32.47 14.32
N GLY H 175 -17.90 33.68 13.77
CA GLY H 175 -19.06 34.07 12.97
C GLY H 175 -19.07 33.41 11.60
N ILE H 176 -18.16 33.82 10.71
CA ILE H 176 -18.24 33.36 9.31
C ILE H 176 -17.90 31.86 9.13
N ASN H 177 -16.88 31.38 9.85
CA ASN H 177 -16.46 29.99 9.73
C ASN H 177 -17.58 29.03 10.19
N SER H 178 -18.25 29.33 11.29
CA SER H 178 -19.33 28.46 11.77
C SER H 178 -20.43 28.38 10.75
N ILE H 179 -20.79 29.54 10.21
CA ILE H 179 -21.97 29.63 9.37
C ILE H 179 -21.75 28.95 8.03
N THR H 180 -20.58 29.20 7.44
CA THR H 180 -20.27 28.58 6.15
C THR H 180 -20.07 27.09 6.31
N ALA H 181 -19.39 26.68 7.38
CA ALA H 181 -19.16 25.27 7.63
C ALA H 181 -20.49 24.53 7.84
N LEU H 182 -21.31 25.01 8.77
CA LEU H 182 -22.59 24.33 9.06
C LEU H 182 -23.57 24.48 7.92
N GLY H 183 -23.46 25.56 7.14
CA GLY H 183 -24.30 25.71 5.95
C GLY H 183 -23.83 24.91 4.74
N ARG H 184 -22.59 24.39 4.80
CA ARG H 184 -21.93 23.77 3.64
C ARG H 184 -22.00 24.73 2.44
N GLN H 185 -21.73 26.01 2.69
CA GLN H 185 -21.88 27.05 1.67
C GLN H 185 -20.77 28.08 1.71
N THR H 186 -20.53 28.70 0.55
CA THR H 186 -19.61 29.84 0.49
C THR H 186 -20.26 31.05 1.17
N VAL H 187 -19.54 32.15 1.23
CA VAL H 187 -20.00 33.35 1.92
C VAL H 187 -21.38 33.83 1.44
N ALA H 188 -21.73 33.46 0.20
CA ALA H 188 -23.04 33.75 -0.42
C ALA H 188 -24.23 33.47 0.49
N ILE H 189 -24.08 32.50 1.40
CA ILE H 189 -25.08 32.23 2.41
C ILE H 189 -25.53 33.48 3.18
N MET H 190 -24.62 34.46 3.31
CA MET H 190 -24.88 35.66 4.12
C MET H 190 -25.95 36.59 3.51
N HIS H 191 -26.46 36.25 2.33
CA HIS H 191 -27.51 37.05 1.69
C HIS H 191 -28.86 36.65 2.23
N ASN H 192 -28.91 35.48 2.86
CA ASN H 192 -30.07 35.07 3.64
C ASN H 192 -30.14 35.98 4.88
N PRO H 193 -31.19 36.83 4.99
CA PRO H 193 -31.33 37.77 6.10
C PRO H 193 -31.38 37.08 7.45
N GLU H 194 -31.95 35.88 7.52
CA GLU H 194 -32.03 35.09 8.77
C GLU H 194 -30.66 34.65 9.27
N ILE H 195 -29.74 34.46 8.34
CA ILE H 195 -28.38 34.09 8.64
C ILE H 195 -27.60 35.33 9.09
N ARG H 196 -27.91 36.47 8.47
CA ARG H 196 -27.29 37.74 8.89
C ARG H 196 -27.65 38.03 10.34
N ILE H 197 -28.93 37.88 10.66
CA ILE H 197 -29.38 37.96 12.04
C ILE H 197 -28.63 36.95 12.91
N LEU H 198 -28.56 35.68 12.48
CA LEU H 198 -27.89 34.65 13.24
C LEU H 198 -26.44 35.00 13.53
N CYS H 199 -25.76 35.44 12.47
CA CYS H 199 -24.34 35.73 12.52
C CYS H 199 -24.12 36.78 13.61
N ARG H 200 -24.90 37.86 13.53
CA ARG H 200 -24.86 38.91 14.53
C ARG H 200 -25.12 38.38 15.94
N GLN H 201 -26.16 37.55 16.12
CA GLN H 201 -26.45 36.96 17.44
C GLN H 201 -25.28 36.13 17.97
N LEU H 202 -24.71 35.31 17.10
CA LEU H 202 -23.60 34.46 17.43
C LEU H 202 -22.40 35.29 17.84
N LEU H 203 -22.06 36.34 17.08
CA LEU H 203 -21.00 37.27 17.48
C LEU H 203 -21.26 37.98 18.81
N LEU H 204 -22.52 38.33 19.08
CA LEU H 204 -22.88 38.86 20.42
C LEU H 204 -22.60 37.83 21.52
N ASP H 205 -22.95 36.56 21.30
CA ASP H 205 -22.57 35.52 22.27
C ASP H 205 -21.06 35.51 22.51
N GLY H 206 -20.26 35.54 21.43
CA GLY H 206 -18.81 35.54 21.56
C GLY H 206 -18.28 36.77 22.28
N CYS H 207 -18.87 37.91 21.95
CA CYS H 207 -18.51 39.17 22.56
C CYS H 207 -18.74 39.14 24.06
N ARG H 208 -19.90 38.59 24.44
CA ARG H 208 -20.29 38.45 25.83
C ARG H 208 -19.29 37.58 26.57
N VAL H 209 -18.73 36.58 25.87
CA VAL H 209 -17.70 35.72 26.43
C VAL H 209 -16.37 36.46 26.60
N ALA H 210 -15.90 37.10 25.53
CA ALA H 210 -14.72 37.96 25.53
C ALA H 210 -14.69 39.00 26.66
N GLN H 211 -15.82 39.71 26.86
CA GLN H 211 -16.01 40.61 27.99
C GLN H 211 -15.75 39.95 29.35
N ALA H 212 -16.34 38.77 29.55
CA ALA H 212 -16.16 38.00 30.78
C ALA H 212 -14.71 37.61 31.03
N GLU H 213 -13.93 37.55 29.95
CA GLU H 213 -12.51 37.27 30.01
C GLU H 213 -11.66 38.53 30.16
N GLY H 214 -12.33 39.69 30.21
CA GLY H 214 -11.65 40.96 30.46
C GLY H 214 -11.24 41.70 29.21
N LEU H 215 -11.97 41.48 28.12
CA LEU H 215 -11.69 42.20 26.89
C LEU H 215 -12.72 43.28 26.65
N ASN H 216 -12.23 44.45 26.23
CA ASN H 216 -13.02 45.63 25.89
C ASN H 216 -13.86 45.49 24.65
N PHE H 217 -14.64 44.42 24.53
CA PHE H 217 -15.41 44.27 23.31
C PHE H 217 -16.85 44.77 23.53
N SER H 218 -17.52 45.12 22.44
CA SER H 218 -18.83 45.76 22.56
C SER H 218 -19.55 45.56 21.26
N GLU H 219 -20.75 46.11 21.17
CA GLU H 219 -21.60 46.03 19.99
C GLU H 219 -20.91 46.57 18.74
N GLN H 220 -20.16 47.65 18.92
CA GLN H 220 -19.38 48.24 17.83
C GLN H 220 -18.34 47.25 17.24
N THR H 221 -17.70 46.47 18.11
CA THR H 221 -16.80 45.41 17.67
C THR H 221 -17.57 44.43 16.78
N VAL H 222 -18.78 44.10 17.18
CA VAL H 222 -19.58 43.18 16.42
C VAL H 222 -19.88 43.77 15.06
N ASP H 223 -20.35 45.02 15.06
CA ASP H 223 -20.67 45.74 13.84
C ASP H 223 -19.48 45.76 12.87
N THR H 224 -18.26 46.01 13.38
CA THR H 224 -17.10 46.08 12.48
C THR H 224 -16.79 44.69 11.89
N ILE H 225 -16.98 43.64 12.68
CA ILE H 225 -16.76 42.29 12.17
C ILE H 225 -17.75 41.95 11.06
N MET H 226 -19.02 42.31 11.24
CA MET H 226 -19.99 42.20 10.14
C MET H 226 -19.57 42.98 8.85
N THR H 227 -18.81 44.07 9.02
CA THR H 227 -18.28 44.86 7.91
C THR H 227 -17.15 44.14 7.17
N ILE H 228 -16.32 43.43 7.90
CA ILE H 228 -15.36 42.55 7.27
C ILE H 228 -16.06 41.50 6.39
N TYR H 229 -17.10 40.87 6.92
CA TYR H 229 -17.79 39.81 6.18
C TYR H 229 -18.44 40.31 4.90
N GLN H 230 -19.10 41.47 4.99
CA GLN H 230 -19.85 42.00 3.86
C GLN H 230 -18.91 42.38 2.71
N GLY H 231 -17.64 42.53 3.02
CA GLY H 231 -16.64 42.73 2.00
C GLY H 231 -15.98 41.48 1.44
N TYR H 232 -16.46 40.29 1.79
CA TYR H 232 -15.90 39.09 1.17
C TYR H 232 -16.65 38.78 -0.11
N PRO H 233 -15.95 38.27 -1.13
CA PRO H 233 -16.70 37.90 -2.33
C PRO H 233 -17.57 36.68 -2.06
N ASP H 234 -18.79 36.70 -2.60
CA ASP H 234 -19.78 35.63 -2.43
C ASP H 234 -19.23 34.22 -2.62
N GLU H 235 -18.23 34.08 -3.48
CA GLU H 235 -17.71 32.75 -3.86
C GLU H 235 -16.54 32.28 -3.00
N MET H 236 -16.16 33.10 -2.02
CA MET H 236 -15.12 32.71 -1.11
C MET H 236 -15.68 31.71 -0.06
N GLY H 237 -14.96 30.62 0.17
CA GLY H 237 -15.26 29.71 1.28
C GLY H 237 -14.34 30.06 2.43
N THR H 238 -14.48 29.37 3.54
CA THR H 238 -13.64 29.66 4.69
C THR H 238 -12.87 28.38 4.95
N SER H 239 -11.84 28.45 5.79
CA SER H 239 -11.03 27.26 6.05
C SER H 239 -11.85 26.11 6.67
N MET H 240 -12.73 26.42 7.62
CA MET H 240 -13.60 25.41 8.23
C MET H 240 -14.58 24.85 7.19
N TYR H 241 -15.06 25.70 6.27
CA TYR H 241 -15.89 25.21 5.16
C TYR H 241 -15.14 24.22 4.24
N TYR H 242 -13.92 24.56 3.84
CA TYR H 242 -13.17 23.65 2.99
C TYR H 242 -12.88 22.34 3.74
N ASP H 243 -12.55 22.42 5.03
CA ASP H 243 -12.32 21.21 5.79
C ASP H 243 -13.56 20.29 5.82
N ILE H 244 -14.73 20.89 6.03
CA ILE H 244 -15.94 20.10 6.20
C ILE H 244 -16.36 19.45 4.90
N VAL H 245 -16.23 20.17 3.80
CA VAL H 245 -16.59 19.66 2.49
C VAL H 245 -15.62 18.57 1.99
N HIS H 246 -14.35 18.66 2.39
CA HIS H 246 -13.39 17.56 2.14
C HIS H 246 -13.47 16.45 3.20
N GLN H 247 -14.45 16.55 4.10
CA GLN H 247 -14.69 15.51 5.11
C GLN H 247 -13.46 15.28 6.01
N GLN H 248 -12.72 16.37 6.27
CA GLN H 248 -11.55 16.37 7.11
C GLN H 248 -11.92 16.75 8.55
N PRO H 249 -11.03 16.46 9.53
CA PRO H 249 -11.29 16.99 10.89
C PRO H 249 -11.32 18.53 10.90
N LEU H 250 -12.01 19.13 11.87
CA LEU H 250 -12.07 20.56 11.93
C LEU H 250 -11.15 21.14 13.01
N GLU H 251 -10.89 22.44 12.92
CA GLU H 251 -10.20 23.17 13.97
C GLU H 251 -11.13 23.57 15.12
N VAL H 252 -12.28 22.88 15.22
CA VAL H 252 -13.39 23.30 16.07
C VAL H 252 -12.98 23.50 17.53
N GLU H 253 -12.19 22.57 18.08
CA GLU H 253 -11.87 22.65 19.52
C GLU H 253 -11.01 23.86 19.92
N ALA H 254 -10.18 24.37 19.01
CA ALA H 254 -9.35 25.53 19.33
C ALA H 254 -10.09 26.83 19.11
N ILE H 255 -11.25 26.77 18.46
CA ILE H 255 -11.97 28.00 18.12
C ILE H 255 -13.31 28.06 18.85
N GLN H 256 -14.36 27.54 18.22
CA GLN H 256 -15.68 27.45 18.85
C GLN H 256 -15.67 26.70 20.21
N GLY H 257 -14.87 25.64 20.32
CA GLY H 257 -14.74 24.86 21.57
C GLY H 257 -14.12 25.69 22.69
N PHE H 258 -13.08 26.42 22.37
CA PHE H 258 -12.42 27.32 23.32
C PHE H 258 -13.40 28.38 23.87
N ILE H 259 -14.08 29.11 22.97
CA ILE H 259 -15.07 30.12 23.35
C ILE H 259 -16.17 29.49 24.24
N TYR H 260 -16.69 28.35 23.81
CA TYR H 260 -17.74 27.65 24.53
C TYR H 260 -17.32 27.26 25.95
N ARG H 261 -16.09 26.78 26.13
CA ARG H 261 -15.65 26.31 27.44
C ARG H 261 -15.43 27.49 28.37
N ARG H 262 -14.90 28.58 27.84
CA ARG H 262 -14.87 29.83 28.60
C ARG H 262 -16.27 30.28 28.98
N ALA H 263 -17.23 30.11 28.08
CA ALA H 263 -18.62 30.47 28.36
C ALA H 263 -19.19 29.65 29.55
N ARG H 264 -18.89 28.36 29.57
CA ARG H 264 -19.36 27.50 30.66
C ARG H 264 -18.74 27.92 31.99
N GLU H 265 -17.41 28.06 32.04
CA GLU H 265 -16.73 28.43 33.29
C GLU H 265 -17.16 29.80 33.88
N HIS H 266 -17.83 30.64 33.08
CA HIS H 266 -18.35 31.91 33.56
C HIS H 266 -19.87 31.90 33.70
N ASN H 267 -20.48 30.72 33.49
CA ASN H 267 -21.92 30.50 33.62
C ASN H 267 -22.81 31.43 32.79
N LEU H 268 -22.40 31.67 31.55
CA LEU H 268 -23.10 32.56 30.66
C LEU H 268 -24.20 31.85 29.89
N ASP H 269 -25.14 32.66 29.40
CA ASP H 269 -26.22 32.21 28.55
C ASP H 269 -25.86 32.54 27.13
N THR H 270 -25.52 31.51 26.36
CA THR H 270 -25.03 31.70 25.00
C THR H 270 -25.67 30.64 24.14
N PRO H 271 -26.98 30.76 23.91
CA PRO H 271 -27.69 29.75 23.15
C PRO H 271 -27.20 29.60 21.70
N TYR H 272 -26.78 30.70 21.06
CA TYR H 272 -26.38 30.64 19.64
C TYR H 272 -25.02 29.93 19.51
N LEU H 273 -24.07 30.39 20.30
CA LEU H 273 -22.79 29.73 20.46
C LEU H 273 -22.96 28.23 20.72
N ASP H 274 -23.83 27.88 21.67
CA ASP H 274 -23.99 26.48 22.09
C ASP H 274 -24.55 25.65 20.96
N THR H 275 -25.54 26.15 20.23
CA THR H 275 -26.04 25.33 19.13
C THR H 275 -25.05 25.14 17.99
N ILE H 276 -24.25 26.17 17.71
CA ILE H 276 -23.16 26.05 16.74
C ILE H 276 -22.08 25.05 17.24
N TYR H 277 -21.61 25.24 18.47
CA TYR H 277 -20.64 24.29 18.98
C TYR H 277 -21.13 22.86 18.90
N SER H 278 -22.39 22.63 19.28
CA SER H 278 -22.91 21.26 19.32
C SER H 278 -22.94 20.56 17.93
N PHE H 279 -23.31 21.28 16.88
CA PHE H 279 -23.19 20.70 15.54
C PHE H 279 -21.73 20.49 15.07
N LEU H 280 -20.83 21.40 15.39
CA LEU H 280 -19.45 21.23 14.95
C LEU H 280 -18.74 20.11 15.72
N ARG H 281 -18.97 20.06 17.03
CA ARG H 281 -18.59 18.93 17.88
C ARG H 281 -19.12 17.60 17.36
N ALA H 282 -20.37 17.55 16.91
CA ALA H 282 -20.92 16.30 16.43
C ALA H 282 -20.27 15.87 15.11
N TYR H 283 -20.06 16.81 14.21
CA TYR H 283 -19.25 16.53 13.05
C TYR H 283 -17.88 15.97 13.44
N GLN H 284 -17.23 16.59 14.42
CA GLN H 284 -15.87 16.22 14.78
C GLN H 284 -15.78 14.80 15.37
N GLN H 285 -16.81 14.45 16.17
CA GLN H 285 -16.86 13.18 16.85
C GLN H 285 -17.15 12.08 15.87
N ASN H 286 -18.04 12.35 14.92
CA ASN H 286 -18.34 11.36 13.89
C ASN H 286 -17.07 11.06 13.07
N GLU H 287 -16.33 12.12 12.76
CA GLU H 287 -15.16 12.03 11.91
C GLU H 287 -14.07 11.23 12.61
N GLY H 288 -13.87 11.47 13.90
CA GLY H 288 -12.84 10.76 14.69
C GLY H 288 -13.13 9.26 14.85
N HIS H 289 -14.41 8.95 15.06
CA HIS H 289 -14.90 7.59 15.23
C HIS H 289 -14.84 6.79 13.92
N HIS H 290 -15.08 7.44 12.79
CA HIS H 290 -15.01 6.76 11.49
C HIS H 290 -13.74 7.03 10.67
N HIS H 291 -12.74 7.64 11.28
CA HIS H 291 -11.44 7.93 10.66
C HIS H 291 -10.62 6.69 10.28
N HIS H 292 -9.93 6.77 9.14
CA HIS H 292 -9.06 5.67 8.69
C HIS H 292 -7.57 6.01 8.59
#